data_7YA4
#
_entry.id   7YA4
#
_cell.length_a   70.794
_cell.length_b   95.789
_cell.length_c   117.930
_cell.angle_alpha   90.000
_cell.angle_beta   99.282
_cell.angle_gamma   90.000
#
_symmetry.space_group_name_H-M   'P 1 21 1'
#
loop_
_entity.id
_entity.type
_entity.pdbx_description
1 polymer 'Formate dehydrogenase'
2 non-polymer NICOTINAMIDE-ADENINE-DINUCLEOTIDE
3 non-polymer 'AZIDE ION'
4 non-polymer 1,2-ETHANEDIOL
5 non-polymer 'SODIUM ION'
6 non-polymer GLYCEROL
7 non-polymer 'ACETATE ION'
8 water water
#
_entity_poly.entity_id   1
_entity_poly.type   'polypeptide(L)'
_entity_poly.pdbx_seq_one_letter_code
;MAKILCVLYPDPVNGYPKTYARDEIPNITVYDNGQTAPTPKAIDFKPGELLGSVSGELGLRKYLEGLGHEFIVTSDKEGP
DSEFEKHLPDAEIIISQPFWPAYLGPERLAKAKKLKLALTAGIGSDHVDLESAIKHGVTVAEVTGSNSISVSEHAVMMIL
SLVRNYIPAHEWAEKGGWNIADCVERSYDVEGMHVGTVAAGRIGLAILKRMKPFDVHLHYYARHRLSKEEEEELGLTFHE
NVEDMVKVCDVVTINAPLHPETHHMFDEAMIKKMKRGAYIVNTARAEICDRDAIVRAVESGHLAGYAGDVWNPQPAPADH
PWRTMPWNGMTPHMSGTSLSGQARYTAGTREILECWFEGRPIREDYVIVDGGKLAGTGALSYTVLEHHHHHH
;
_entity_poly.pdbx_strand_id   A,B,C,D
#
loop_
_chem_comp.id
_chem_comp.type
_chem_comp.name
_chem_comp.formula
ACT non-polymer 'ACETATE ION' 'C2 H3 O2 -1'
AZI non-polymer 'AZIDE ION' 'N3 -1'
EDO non-polymer 1,2-ETHANEDIOL 'C2 H6 O2'
GOL non-polymer GLYCEROL 'C3 H8 O3'
NA non-polymer 'SODIUM ION' 'Na 1'
NAD non-polymer NICOTINAMIDE-ADENINE-DINUCLEOTIDE 'C21 H27 N7 O14 P2'
#
# COMPACT_ATOMS: atom_id res chain seq x y z
N ALA A 2 27.98 3.19 25.87
CA ALA A 2 27.33 2.86 24.58
C ALA A 2 26.00 3.60 24.49
N LYS A 3 25.47 3.73 23.28
CA LYS A 3 24.20 4.44 23.09
C LYS A 3 23.08 3.44 22.78
N ILE A 4 21.99 3.53 23.57
CA ILE A 4 20.75 2.79 23.33
C ILE A 4 19.72 3.78 22.81
N LEU A 5 19.24 3.48 21.61
CA LEU A 5 18.26 4.33 20.93
C LEU A 5 16.93 3.60 20.96
N CYS A 6 15.95 4.22 21.64
CA CYS A 6 14.69 3.54 21.93
C CYS A 6 13.51 4.37 21.45
N VAL A 7 12.71 3.77 20.57
CA VAL A 7 11.59 4.48 19.92
C VAL A 7 10.29 3.95 20.53
N LEU A 8 9.49 4.86 21.10
CA LEU A 8 8.26 4.50 21.79
C LEU A 8 7.13 5.39 21.29
N TYR A 9 5.87 4.99 21.56
CA TYR A 9 4.74 5.77 21.04
C TYR A 9 4.51 6.99 21.90
N PRO A 10 3.84 8.04 21.38
CA PRO A 10 3.58 9.21 22.23
C PRO A 10 2.78 8.94 23.50
N ASP A 11 2.93 9.84 24.48
CA ASP A 11 2.13 9.80 25.68
C ASP A 11 0.67 10.10 25.31
N PRO A 12 -0.29 9.75 26.19
CA PRO A 12 -1.70 10.10 25.99
C PRO A 12 -1.90 11.59 25.75
N VAL A 13 -3.01 11.93 25.10
CA VAL A 13 -3.18 13.30 24.59
C VAL A 13 -3.18 14.32 25.73
N ASN A 14 -3.71 13.94 26.89
CA ASN A 14 -3.77 14.85 28.02
C ASN A 14 -2.56 14.63 28.95
N GLY A 15 -1.57 13.86 28.52
CA GLY A 15 -0.35 13.69 29.29
C GLY A 15 -0.20 12.28 29.86
N TYR A 16 1.02 11.97 30.28
CA TYR A 16 1.27 10.73 30.97
C TYR A 16 0.35 10.59 32.19
N PRO A 17 -0.28 9.41 32.42
CA PRO A 17 -1.22 9.27 33.54
C PRO A 17 -0.55 9.25 34.92
N LYS A 18 -1.21 9.93 35.86
CA LYS A 18 -0.79 9.97 37.25
C LYS A 18 -1.46 8.86 38.07
N THR A 19 -2.65 8.40 37.64
CA THR A 19 -3.33 7.27 38.26
C THR A 19 -3.81 6.29 37.18
N TYR A 20 -4.13 5.06 37.60
CA TYR A 20 -4.61 4.01 36.72
C TYR A 20 -5.99 3.56 37.19
N ALA A 21 -6.68 2.76 36.37
CA ALA A 21 -8.06 2.39 36.65
C ALA A 21 -8.15 1.36 37.77
N ARG A 22 -7.05 0.66 38.09
CA ARG A 22 -7.02 -0.36 39.12
C ARG A 22 -5.64 -0.37 39.79
N ASP A 23 -5.59 -1.01 40.95
CA ASP A 23 -4.41 -0.92 41.81
C ASP A 23 -3.35 -1.97 41.45
N GLU A 24 -3.74 -3.12 40.90
CA GLU A 24 -2.82 -4.20 40.62
C GLU A 24 -3.31 -4.99 39.40
N ILE A 25 -2.40 -5.70 38.74
CA ILE A 25 -2.76 -6.64 37.68
C ILE A 25 -2.29 -8.03 38.11
N PRO A 26 -2.84 -9.11 37.52
CA PRO A 26 -2.39 -10.47 37.81
C PRO A 26 -0.91 -10.70 37.55
N ASN A 27 -0.36 -11.62 38.35
CA ASN A 27 1.02 -12.03 38.24
C ASN A 27 1.10 -13.31 37.39
N ILE A 28 1.56 -13.21 36.14
CA ILE A 28 1.64 -14.35 35.22
C ILE A 28 3.09 -14.80 35.15
N THR A 29 3.41 -16.05 35.59
CA THR A 29 4.79 -16.45 35.75
C THR A 29 5.20 -17.54 34.76
N VAL A 30 4.23 -18.13 34.06
CA VAL A 30 4.54 -19.21 33.15
C VAL A 30 3.47 -19.23 32.05
N TYR A 31 3.87 -19.76 30.90
CA TYR A 31 2.97 -19.87 29.77
C TYR A 31 2.60 -21.34 29.55
N ASP A 32 1.60 -21.54 28.68
CA ASP A 32 0.98 -22.83 28.43
C ASP A 32 2.00 -23.89 28.01
N ASN A 33 3.00 -23.52 27.20
CA ASN A 33 3.97 -24.49 26.70
C ASN A 33 5.09 -24.78 27.73
N GLY A 34 5.04 -24.22 28.94
CA GLY A 34 6.10 -24.43 29.93
C GLY A 34 7.15 -23.31 29.97
N GLN A 35 7.24 -22.48 28.92
CA GLN A 35 8.13 -21.33 28.92
C GLN A 35 7.81 -20.45 30.14
N THR A 36 8.88 -20.02 30.82
CA THR A 36 8.74 -19.09 31.92
C THR A 36 8.56 -17.68 31.37
N ALA A 37 7.79 -16.90 32.11
CA ALA A 37 7.73 -15.47 31.85
C ALA A 37 9.10 -14.87 32.09
N PRO A 38 9.38 -13.63 31.59
CA PRO A 38 10.74 -13.08 31.67
C PRO A 38 11.36 -13.06 33.06
N THR A 39 12.69 -13.22 33.07
CA THR A 39 13.41 -13.34 34.32
C THR A 39 14.51 -12.28 34.41
N PRO A 40 14.21 -10.96 34.34
CA PRO A 40 15.24 -9.95 34.55
C PRO A 40 15.69 -10.09 36.01
N LYS A 41 16.91 -9.63 36.32
CA LYS A 41 17.46 -9.75 37.65
C LYS A 41 16.77 -8.72 38.54
N ALA A 42 16.26 -7.62 37.96
CA ALA A 42 15.55 -6.58 38.65
C ALA A 42 14.71 -5.80 37.64
N ILE A 43 13.63 -5.17 38.11
CA ILE A 43 12.86 -4.23 37.31
C ILE A 43 12.68 -2.94 38.11
N ASP A 44 12.49 -1.84 37.37
CA ASP A 44 12.36 -0.50 37.93
C ASP A 44 10.99 0.04 37.53
N PHE A 45 10.00 -0.84 37.45
CA PHE A 45 8.62 -0.41 37.27
C PHE A 45 7.70 -1.32 38.09
N LYS A 46 6.48 -0.84 38.31
CA LYS A 46 5.42 -1.66 38.89
C LYS A 46 4.55 -2.19 37.76
N PRO A 47 4.37 -3.52 37.61
CA PRO A 47 3.45 -4.06 36.60
C PRO A 47 2.08 -3.37 36.65
N GLY A 48 1.63 -2.91 35.49
CA GLY A 48 0.38 -2.16 35.36
C GLY A 48 0.59 -0.71 34.96
N GLU A 49 1.83 -0.22 35.10
CA GLU A 49 2.15 1.14 34.67
C GLU A 49 2.24 1.17 33.15
N LEU A 50 2.05 2.39 32.59
CA LEU A 50 2.21 2.64 31.16
C LEU A 50 3.70 2.72 30.80
N LEU A 51 4.22 1.66 30.17
CA LEU A 51 5.66 1.56 29.92
C LEU A 51 6.07 1.89 28.49
N GLY A 52 5.16 1.66 27.52
CA GLY A 52 5.51 1.70 26.12
C GLY A 52 5.38 3.09 25.48
N SER A 53 5.01 4.11 26.27
CA SER A 53 4.95 5.47 25.79
C SER A 53 6.25 6.18 26.15
N VAL A 54 6.46 7.34 25.53
CA VAL A 54 7.70 8.10 25.66
C VAL A 54 8.08 8.32 27.13
N SER A 55 7.13 8.73 28.00
CA SER A 55 7.47 8.98 29.40
C SER A 55 7.64 7.68 30.20
N GLY A 56 7.16 6.54 29.68
CA GLY A 56 7.28 5.28 30.40
C GLY A 56 8.67 4.65 30.27
N GLU A 57 9.28 4.85 29.10
CA GLU A 57 10.70 4.57 28.86
C GLU A 57 11.05 3.09 29.04
N LEU A 58 10.06 2.20 28.98
CA LEU A 58 10.22 0.78 29.26
C LEU A 58 10.92 0.57 30.60
N GLY A 59 10.76 1.51 31.51
CA GLY A 59 11.34 1.39 32.84
C GLY A 59 12.86 1.16 32.77
N LEU A 60 13.55 1.71 31.77
CA LEU A 60 14.95 1.35 31.52
C LEU A 60 15.98 2.42 31.94
N ARG A 61 15.56 3.65 32.19
CA ARG A 61 16.54 4.72 32.28
C ARG A 61 17.49 4.54 33.47
N LYS A 62 16.96 4.23 34.65
CA LYS A 62 17.82 4.03 35.83
C LYS A 62 18.89 2.98 35.56
N TYR A 63 18.49 1.85 34.99
CA TYR A 63 19.40 0.76 34.68
C TYR A 63 20.49 1.19 33.66
N LEU A 64 20.07 1.76 32.52
CA LEU A 64 21.01 2.04 31.45
C LEU A 64 21.94 3.21 31.85
N GLU A 65 21.40 4.28 32.41
CA GLU A 65 22.19 5.41 32.88
C GLU A 65 23.07 5.00 34.06
N GLY A 66 22.63 4.00 34.84
CA GLY A 66 23.42 3.48 35.94
C GLY A 66 24.67 2.77 35.44
N LEU A 67 24.61 2.12 34.26
CA LEU A 67 25.76 1.46 33.66
C LEU A 67 26.64 2.46 32.93
N GLY A 68 26.17 3.71 32.88
CA GLY A 68 26.86 4.82 32.26
C GLY A 68 26.64 4.90 30.74
N HIS A 69 25.52 4.33 30.26
CA HIS A 69 25.19 4.40 28.86
C HIS A 69 24.32 5.63 28.59
N GLU A 70 24.24 5.97 27.32
CA GLU A 70 23.40 7.05 26.86
C GLU A 70 22.08 6.43 26.38
N PHE A 71 20.96 6.89 26.95
CA PHE A 71 19.67 6.32 26.59
C PHE A 71 18.80 7.39 25.95
N ILE A 72 18.55 7.24 24.64
CA ILE A 72 17.73 8.19 23.90
C ILE A 72 16.33 7.61 23.73
N VAL A 73 15.30 8.30 24.23
CA VAL A 73 13.92 7.87 24.04
C VAL A 73 13.20 8.93 23.20
N THR A 74 12.57 8.47 22.12
CA THR A 74 11.88 9.38 21.21
C THR A 74 10.69 8.64 20.59
N SER A 75 9.68 9.41 20.14
CA SER A 75 8.63 8.89 19.25
C SER A 75 8.84 9.32 17.80
N ASP A 76 9.81 10.21 17.60
CA ASP A 76 10.05 10.88 16.32
C ASP A 76 10.89 9.99 15.39
N LYS A 77 10.22 9.31 14.44
CA LYS A 77 10.87 8.19 13.74
C LYS A 77 10.77 8.21 12.22
N GLU A 78 10.19 9.26 11.62
CA GLU A 78 9.99 9.32 10.17
C GLU A 78 10.99 10.28 9.51
N GLY A 79 11.74 9.76 8.53
CA GLY A 79 12.53 10.59 7.62
C GLY A 79 13.92 10.96 8.14
N PRO A 80 14.75 11.61 7.29
CA PRO A 80 16.14 11.89 7.61
C PRO A 80 16.35 12.99 8.65
N ASP A 81 15.31 13.77 8.96
CA ASP A 81 15.43 14.80 9.99
C ASP A 81 14.86 14.37 11.35
N SER A 82 14.47 13.11 11.48
CA SER A 82 13.88 12.62 12.71
C SER A 82 14.96 12.40 13.76
N GLU A 83 14.54 12.49 15.02
CA GLU A 83 15.41 12.23 16.16
C GLU A 83 15.98 10.81 16.04
N PHE A 84 15.18 9.88 15.51
CA PHE A 84 15.66 8.53 15.31
C PHE A 84 16.84 8.49 14.32
N GLU A 85 16.70 9.16 13.17
CA GLU A 85 17.78 9.12 12.18
C GLU A 85 19.00 9.93 12.61
N LYS A 86 18.83 10.90 13.50
CA LYS A 86 19.95 11.64 14.07
C LYS A 86 20.90 10.69 14.79
N HIS A 87 20.32 9.74 15.54
CA HIS A 87 21.09 8.90 16.46
C HIS A 87 21.42 7.53 15.90
N LEU A 88 20.71 7.12 14.84
CA LEU A 88 20.94 5.86 14.16
C LEU A 88 22.43 5.58 13.88
N PRO A 89 23.24 6.54 13.36
CA PRO A 89 24.61 6.21 12.97
C PRO A 89 25.51 5.66 14.07
N ASP A 90 25.24 5.97 15.35
CA ASP A 90 26.14 5.51 16.41
C ASP A 90 25.42 4.79 17.54
N ALA A 91 24.16 4.35 17.35
CA ALA A 91 23.54 3.50 18.36
C ALA A 91 24.09 2.08 18.29
N GLU A 92 24.46 1.52 19.45
CA GLU A 92 24.86 0.12 19.51
C GLU A 92 23.62 -0.79 19.57
N ILE A 93 22.56 -0.32 20.22
CA ILE A 93 21.32 -1.07 20.41
C ILE A 93 20.17 -0.15 20.00
N ILE A 94 19.29 -0.69 19.19
CA ILE A 94 18.02 -0.06 18.89
C ILE A 94 16.88 -0.92 19.42
N ILE A 95 15.96 -0.25 20.11
CA ILE A 95 14.77 -0.84 20.68
C ILE A 95 13.55 -0.12 20.10
N SER A 96 12.60 -0.88 19.59
CA SER A 96 11.27 -0.33 19.37
C SER A 96 10.21 -1.43 19.50
N GLN A 97 8.95 -1.00 19.53
CA GLN A 97 7.84 -1.92 19.73
C GLN A 97 7.09 -2.03 18.39
N PRO A 98 6.46 -3.17 18.07
CA PRO A 98 5.70 -3.25 16.83
C PRO A 98 4.61 -2.17 16.67
N PHE A 99 4.06 -1.68 17.79
CA PHE A 99 2.87 -0.80 17.83
C PHE A 99 3.19 0.58 17.25
N TRP A 100 4.50 0.92 17.27
CA TRP A 100 5.06 2.18 16.82
C TRP A 100 6.49 1.91 16.37
N PRO A 101 6.65 1.22 15.22
CA PRO A 101 7.91 0.56 14.92
C PRO A 101 8.91 1.49 14.25
N ALA A 102 10.16 1.40 14.71
CA ALA A 102 11.31 2.03 14.09
C ALA A 102 11.83 1.10 13.00
N TYR A 103 11.37 1.32 11.77
CA TYR A 103 11.70 0.46 10.64
C TYR A 103 13.21 0.48 10.38
N LEU A 104 13.78 -0.72 10.19
CA LEU A 104 15.22 -0.90 9.90
C LEU A 104 15.34 -1.65 8.57
N GLY A 105 15.15 -0.89 7.48
CA GLY A 105 15.35 -1.39 6.13
C GLY A 105 16.84 -1.40 5.74
N PRO A 106 17.18 -1.81 4.51
CA PRO A 106 18.59 -1.87 4.08
C PRO A 106 19.40 -0.59 4.25
N GLU A 107 18.81 0.53 3.88
CA GLU A 107 19.53 1.79 3.91
C GLU A 107 19.79 2.21 5.34
N ARG A 108 18.78 2.06 6.22
CA ARG A 108 18.98 2.47 7.60
C ARG A 108 19.98 1.53 8.27
N LEU A 109 19.96 0.24 7.88
CA LEU A 109 20.92 -0.69 8.46
C LEU A 109 22.34 -0.41 7.97
N ALA A 110 22.50 -0.01 6.70
CA ALA A 110 23.79 0.44 6.17
C ALA A 110 24.31 1.65 6.96
N LYS A 111 23.42 2.57 7.35
CA LYS A 111 23.80 3.80 8.03
C LYS A 111 24.14 3.60 9.50
N ALA A 112 23.67 2.48 10.10
CA ALA A 112 23.80 2.21 11.54
C ALA A 112 25.13 1.51 11.79
N LYS A 113 26.20 2.31 11.70
CA LYS A 113 27.56 1.79 11.69
C LYS A 113 27.95 1.05 12.96
N LYS A 114 27.32 1.35 14.11
CA LYS A 114 27.73 0.76 15.38
C LYS A 114 26.69 -0.25 15.90
N LEU A 115 25.63 -0.51 15.09
CA LEU A 115 24.51 -1.27 15.58
C LEU A 115 24.89 -2.74 15.71
N LYS A 116 24.64 -3.33 16.90
CA LYS A 116 24.90 -4.74 17.11
C LYS A 116 23.66 -5.54 17.52
N LEU A 117 22.65 -4.86 18.10
CA LEU A 117 21.48 -5.50 18.64
C LEU A 117 20.26 -4.65 18.29
N ALA A 118 19.30 -5.28 17.58
CA ALA A 118 17.97 -4.74 17.34
C ALA A 118 16.93 -5.53 18.14
N LEU A 119 16.34 -4.89 19.12
CA LEU A 119 15.44 -5.51 20.07
C LEU A 119 14.01 -5.06 19.79
N THR A 120 13.13 -6.05 19.60
CA THR A 120 11.69 -5.85 19.50
C THR A 120 11.08 -5.99 20.89
N ALA A 121 10.57 -4.86 21.40
CA ALA A 121 9.86 -4.81 22.66
C ALA A 121 8.42 -5.24 22.42
N GLY A 122 8.20 -6.57 22.49
CA GLY A 122 7.01 -7.18 21.94
C GLY A 122 7.39 -8.41 21.13
N ILE A 123 6.50 -8.78 20.20
CA ILE A 123 6.66 -9.96 19.38
C ILE A 123 6.45 -9.56 17.93
N GLY A 124 7.36 -10.02 17.08
CA GLY A 124 7.27 -9.90 15.63
C GLY A 124 8.28 -8.85 15.16
N SER A 125 9.34 -9.31 14.48
CA SER A 125 10.49 -8.48 14.16
C SER A 125 10.57 -8.12 12.66
N ASP A 126 9.44 -8.20 11.96
CA ASP A 126 9.36 -7.98 10.52
C ASP A 126 9.59 -6.50 10.10
N HIS A 127 9.54 -5.56 11.05
CA HIS A 127 9.87 -4.16 10.78
C HIS A 127 11.38 -3.99 10.57
N VAL A 128 12.17 -5.02 10.93
CA VAL A 128 13.57 -5.13 10.58
C VAL A 128 13.70 -5.99 9.32
N ASP A 129 14.51 -5.54 8.35
CA ASP A 129 14.78 -6.37 7.18
C ASP A 129 15.76 -7.47 7.61
N LEU A 130 15.28 -8.71 7.77
CA LEU A 130 16.12 -9.73 8.40
C LEU A 130 17.32 -10.09 7.51
N GLU A 131 17.14 -10.07 6.20
CA GLU A 131 18.24 -10.32 5.27
C GLU A 131 19.40 -9.34 5.48
N SER A 132 19.08 -8.04 5.68
CA SER A 132 20.07 -7.00 5.89
C SER A 132 20.70 -7.12 7.27
N ALA A 133 19.90 -7.49 8.27
CA ALA A 133 20.47 -7.68 9.61
C ALA A 133 21.51 -8.83 9.58
N ILE A 134 21.20 -9.87 8.79
CA ILE A 134 22.07 -11.02 8.59
C ILE A 134 23.35 -10.55 7.92
N LYS A 135 23.19 -9.75 6.86
CA LYS A 135 24.31 -9.20 6.11
C LYS A 135 25.24 -8.37 7.01
N HIS A 136 24.66 -7.55 7.90
CA HIS A 136 25.46 -6.63 8.70
C HIS A 136 25.89 -7.24 10.03
N GLY A 137 25.51 -8.51 10.32
CA GLY A 137 25.84 -9.18 11.59
C GLY A 137 25.17 -8.52 12.82
N VAL A 138 23.92 -8.09 12.66
CA VAL A 138 23.13 -7.52 13.75
C VAL A 138 22.35 -8.65 14.38
N THR A 139 22.40 -8.74 15.72
CA THR A 139 21.53 -9.65 16.44
C THR A 139 20.11 -9.05 16.54
N VAL A 140 19.09 -9.87 16.21
CA VAL A 140 17.68 -9.45 16.27
C VAL A 140 17.01 -10.36 17.31
N ALA A 141 16.39 -9.75 18.32
CA ALA A 141 15.73 -10.49 19.38
C ALA A 141 14.38 -9.86 19.68
N GLU A 142 13.46 -10.69 20.20
CA GLU A 142 12.11 -10.28 20.59
C GLU A 142 11.69 -11.05 21.83
N VAL A 143 10.63 -10.54 22.49
CA VAL A 143 10.20 -11.12 23.76
C VAL A 143 9.09 -12.14 23.49
N THR A 144 9.55 -13.25 22.90
CA THR A 144 8.71 -14.40 22.55
C THR A 144 7.79 -14.78 23.70
N GLY A 145 6.50 -14.94 23.35
CA GLY A 145 5.47 -15.35 24.29
C GLY A 145 4.88 -14.28 25.20
N SER A 146 5.52 -13.10 25.25
CA SER A 146 5.21 -12.07 26.23
C SER A 146 3.77 -11.55 26.13
N ASN A 147 3.19 -11.45 24.93
CA ASN A 147 1.84 -10.90 24.82
C ASN A 147 0.95 -11.78 23.93
N SER A 148 1.37 -13.02 23.68
CA SER A 148 0.59 -13.92 22.84
C SER A 148 -0.84 -14.11 23.39
N ILE A 149 -0.97 -14.29 24.72
CA ILE A 149 -2.30 -14.45 25.31
C ILE A 149 -3.14 -13.17 25.13
N SER A 150 -2.50 -12.01 25.33
CA SER A 150 -3.13 -10.72 25.13
C SER A 150 -3.82 -10.69 23.76
N VAL A 151 -3.09 -11.13 22.74
CA VAL A 151 -3.61 -11.08 21.38
C VAL A 151 -4.77 -12.07 21.22
N SER A 152 -4.62 -13.27 21.77
CA SER A 152 -5.65 -14.29 21.66
C SER A 152 -6.98 -13.78 22.20
N GLU A 153 -6.94 -13.01 23.28
CA GLU A 153 -8.17 -12.46 23.84
C GLU A 153 -8.78 -11.44 22.89
N HIS A 154 -7.93 -10.56 22.33
CA HIS A 154 -8.39 -9.50 21.43
C HIS A 154 -9.01 -10.16 20.19
N ALA A 155 -8.37 -11.23 19.73
CA ALA A 155 -8.86 -11.94 18.54
C ALA A 155 -10.24 -12.57 18.75
N VAL A 156 -10.48 -13.29 19.85
CA VAL A 156 -11.79 -13.86 20.15
C VAL A 156 -12.83 -12.74 20.31
N MET A 157 -12.46 -11.65 21.02
CA MET A 157 -13.32 -10.49 21.16
C MET A 157 -13.76 -9.97 19.79
N MET A 158 -12.84 -9.91 18.82
CA MET A 158 -13.13 -9.40 17.51
C MET A 158 -13.96 -10.40 16.68
N ILE A 159 -13.74 -11.69 16.86
CA ILE A 159 -14.57 -12.68 16.17
C ILE A 159 -16.03 -12.52 16.62
N LEU A 160 -16.26 -12.45 17.94
CA LEU A 160 -17.61 -12.34 18.49
C LEU A 160 -18.21 -11.00 18.07
N SER A 161 -17.43 -9.91 18.08
CA SER A 161 -17.99 -8.61 17.73
C SER A 161 -18.47 -8.55 16.28
N LEU A 162 -17.66 -9.05 15.34
CA LEU A 162 -18.02 -9.13 13.92
C LEU A 162 -19.31 -9.95 13.72
N VAL A 163 -19.30 -11.16 14.26
CA VAL A 163 -20.36 -12.12 14.02
C VAL A 163 -21.68 -11.60 14.61
N ARG A 164 -21.64 -10.97 15.81
CA ARG A 164 -22.84 -10.58 16.54
C ARG A 164 -23.29 -9.17 16.13
N ASN A 165 -22.47 -8.45 15.34
CA ASN A 165 -22.78 -7.10 14.89
C ASN A 165 -22.75 -6.10 16.05
N TYR A 166 -21.78 -6.26 16.92
CA TYR A 166 -21.68 -5.44 18.13
C TYR A 166 -21.51 -3.95 17.84
N ILE A 167 -20.52 -3.58 17.01
CA ILE A 167 -20.14 -2.17 16.91
C ILE A 167 -21.30 -1.37 16.31
N PRO A 168 -21.95 -1.79 15.21
CA PRO A 168 -23.11 -1.04 14.73
C PRO A 168 -24.24 -0.90 15.76
N ALA A 169 -24.50 -1.96 16.52
CA ALA A 169 -25.53 -1.93 17.56
C ALA A 169 -25.15 -0.95 18.67
N HIS A 170 -23.87 -0.96 19.09
CA HIS A 170 -23.40 0.02 20.07
C HIS A 170 -23.59 1.47 19.58
N GLU A 171 -23.32 1.73 18.29
CA GLU A 171 -23.50 3.04 17.69
C GLU A 171 -24.97 3.45 17.74
N TRP A 172 -25.91 2.56 17.42
CA TRP A 172 -27.35 2.82 17.62
C TRP A 172 -27.67 3.24 19.06
N ALA A 173 -27.14 2.52 20.07
CA ALA A 173 -27.37 2.87 21.46
C ALA A 173 -26.79 4.24 21.83
N GLU A 174 -25.51 4.48 21.43
CA GLU A 174 -24.82 5.70 21.82
C GLU A 174 -25.50 6.95 21.26
N LYS A 175 -26.07 6.81 20.06
CA LYS A 175 -26.66 7.94 19.32
C LYS A 175 -28.10 8.22 19.72
N GLY A 176 -28.69 7.40 20.61
CA GLY A 176 -30.05 7.61 21.07
C GLY A 176 -31.12 6.78 20.34
N GLY A 177 -30.71 5.79 19.56
CA GLY A 177 -31.64 4.96 18.80
C GLY A 177 -32.09 3.72 19.59
N TRP A 178 -32.74 2.78 18.89
CA TRP A 178 -33.15 1.53 19.50
C TRP A 178 -33.03 0.44 18.42
N ASN A 179 -33.92 0.52 17.43
CA ASN A 179 -33.61 0.01 16.11
C ASN A 179 -33.19 -1.46 16.19
N ILE A 180 -34.02 -2.31 16.80
CA ILE A 180 -33.66 -3.70 17.05
C ILE A 180 -33.39 -4.43 15.74
N ALA A 181 -34.28 -4.27 14.75
CA ALA A 181 -34.16 -4.97 13.50
C ALA A 181 -32.88 -4.55 12.77
N ASP A 182 -32.48 -3.26 12.89
CA ASP A 182 -31.24 -2.80 12.27
C ASP A 182 -30.02 -3.43 12.96
N CYS A 183 -30.08 -3.52 14.30
CA CYS A 183 -29.04 -4.21 15.05
C CYS A 183 -28.88 -5.69 14.62
N VAL A 184 -29.98 -6.40 14.32
CA VAL A 184 -29.89 -7.85 14.20
C VAL A 184 -30.02 -8.34 12.76
N GLU A 185 -30.19 -7.46 11.76
CA GLU A 185 -30.31 -7.96 10.39
C GLU A 185 -28.99 -8.54 9.87
N ARG A 186 -27.89 -8.36 10.60
CA ARG A 186 -26.69 -9.15 10.34
C ARG A 186 -26.01 -9.59 11.63
N SER A 187 -26.80 -9.87 12.68
CA SER A 187 -26.31 -10.42 13.94
C SER A 187 -26.49 -11.92 13.95
N TYR A 188 -25.40 -12.65 14.19
CA TYR A 188 -25.41 -14.11 14.24
C TYR A 188 -24.82 -14.57 15.56
N ASP A 189 -25.17 -15.78 15.98
CA ASP A 189 -24.36 -16.47 16.99
C ASP A 189 -23.15 -17.12 16.33
N VAL A 190 -22.09 -17.30 17.11
CA VAL A 190 -20.92 -17.99 16.60
C VAL A 190 -21.09 -19.51 16.76
N GLU A 191 -21.97 -19.94 17.65
CA GLU A 191 -22.16 -21.34 17.95
C GLU A 191 -22.35 -22.12 16.64
N GLY A 192 -21.59 -23.21 16.49
CA GLY A 192 -21.72 -24.13 15.35
C GLY A 192 -20.95 -23.69 14.11
N MET A 193 -20.43 -22.44 14.08
CA MET A 193 -19.68 -22.00 12.92
C MET A 193 -18.35 -22.76 12.83
N HIS A 194 -17.78 -22.78 11.62
CA HIS A 194 -16.46 -23.34 11.37
C HIS A 194 -15.45 -22.20 11.47
N VAL A 195 -14.49 -22.39 12.39
CA VAL A 195 -13.51 -21.38 12.73
C VAL A 195 -12.13 -22.01 12.54
N GLY A 196 -11.32 -21.32 11.76
CA GLY A 196 -9.99 -21.82 11.46
C GLY A 196 -8.89 -20.78 11.65
N THR A 197 -7.73 -21.27 12.08
CA THR A 197 -6.56 -20.45 12.30
C THR A 197 -5.47 -20.78 11.26
N VAL A 198 -4.87 -19.69 10.77
CA VAL A 198 -3.61 -19.73 10.03
C VAL A 198 -2.47 -19.66 11.03
N ALA A 199 -1.80 -20.81 11.16
CA ALA A 199 -0.84 -21.12 12.21
C ALA A 199 -1.50 -21.49 13.53
N ALA A 200 -0.80 -22.39 14.25
CA ALA A 200 -1.20 -22.87 15.55
C ALA A 200 0.00 -22.79 16.51
N GLY A 201 0.67 -21.63 16.45
CA GLY A 201 1.68 -21.23 17.42
C GLY A 201 1.04 -20.70 18.69
N ARG A 202 1.78 -19.90 19.46
CA ARG A 202 1.25 -19.51 20.75
C ARG A 202 -0.11 -18.85 20.60
N ILE A 203 -0.24 -17.89 19.69
CA ILE A 203 -1.51 -17.17 19.62
C ILE A 203 -2.63 -18.05 19.03
N GLY A 204 -2.34 -18.66 17.88
CA GLY A 204 -3.26 -19.58 17.21
C GLY A 204 -3.78 -20.65 18.18
N LEU A 205 -2.89 -21.31 18.92
CA LEU A 205 -3.36 -22.33 19.86
C LEU A 205 -4.24 -21.75 20.96
N ALA A 206 -3.84 -20.58 21.53
CA ALA A 206 -4.58 -19.92 22.59
C ALA A 206 -5.98 -19.57 22.09
N ILE A 207 -6.08 -19.15 20.83
CA ILE A 207 -7.40 -18.83 20.27
C ILE A 207 -8.25 -20.11 20.14
N LEU A 208 -7.67 -21.20 19.60
CA LEU A 208 -8.38 -22.47 19.50
C LEU A 208 -8.97 -22.88 20.85
N LYS A 209 -8.17 -22.79 21.92
CA LYS A 209 -8.58 -23.20 23.24
C LYS A 209 -9.73 -22.34 23.74
N ARG A 210 -9.63 -21.02 23.54
CA ARG A 210 -10.68 -20.09 23.95
C ARG A 210 -11.96 -20.26 23.12
N MET A 211 -11.87 -20.69 21.86
CA MET A 211 -13.07 -20.86 21.05
C MET A 211 -13.80 -22.18 21.32
N LYS A 212 -13.07 -23.18 21.83
CA LYS A 212 -13.60 -24.53 21.98
C LYS A 212 -14.96 -24.55 22.69
N PRO A 213 -15.15 -23.91 23.87
CA PRO A 213 -16.42 -23.98 24.60
C PRO A 213 -17.58 -23.18 23.99
N PHE A 214 -17.31 -22.47 22.89
CA PHE A 214 -18.33 -21.83 22.10
C PHE A 214 -18.99 -22.84 21.14
N ASP A 215 -18.49 -24.07 21.15
CA ASP A 215 -19.08 -25.15 20.36
C ASP A 215 -19.07 -24.83 18.87
N VAL A 216 -17.94 -24.28 18.43
CA VAL A 216 -17.60 -24.15 17.03
C VAL A 216 -16.88 -25.41 16.57
N HIS A 217 -16.79 -25.55 15.25
CA HIS A 217 -15.98 -26.55 14.57
C HIS A 217 -14.59 -26.00 14.24
N LEU A 218 -13.53 -26.59 14.79
CA LEU A 218 -12.21 -25.97 14.78
C LEU A 218 -11.33 -26.57 13.70
N HIS A 219 -10.67 -25.67 12.96
CA HIS A 219 -9.75 -26.02 11.87
C HIS A 219 -8.41 -25.33 12.07
N TYR A 220 -7.32 -25.90 11.53
CA TYR A 220 -6.08 -25.15 11.42
C TYR A 220 -5.28 -25.56 10.19
N TYR A 221 -4.56 -24.56 9.68
CA TYR A 221 -3.48 -24.74 8.73
C TYR A 221 -2.13 -24.47 9.41
N ALA A 222 -1.17 -25.35 9.16
CA ALA A 222 0.19 -25.08 9.59
C ALA A 222 1.15 -25.89 8.73
N ARG A 223 2.44 -25.61 8.85
CA ARG A 223 3.45 -26.29 8.06
C ARG A 223 3.76 -27.64 8.72
N HIS A 224 3.60 -27.70 10.04
CA HIS A 224 3.73 -28.95 10.77
C HIS A 224 2.57 -29.05 11.76
N ARG A 225 2.16 -30.28 12.09
CA ARG A 225 0.95 -30.51 12.85
C ARG A 225 1.26 -30.40 14.33
N LEU A 226 0.24 -30.05 15.12
CA LEU A 226 0.25 -30.19 16.56
C LEU A 226 0.35 -31.69 16.89
N SER A 227 0.63 -32.03 18.14
CA SER A 227 0.51 -33.41 18.59
C SER A 227 -0.91 -33.94 18.38
N LYS A 228 -1.03 -35.25 18.11
CA LYS A 228 -2.36 -35.84 17.95
C LYS A 228 -3.19 -35.67 19.23
N GLU A 229 -2.54 -35.57 20.40
CA GLU A 229 -3.28 -35.42 21.66
C GLU A 229 -3.96 -34.06 21.69
N GLU A 230 -3.26 -33.01 21.25
CA GLU A 230 -3.83 -31.67 21.19
C GLU A 230 -4.92 -31.61 20.13
N GLU A 231 -4.72 -32.25 18.97
CA GLU A 231 -5.76 -32.30 17.96
C GLU A 231 -7.03 -32.98 18.47
N GLU A 232 -6.86 -34.12 19.15
CA GLU A 232 -7.99 -34.89 19.66
C GLU A 232 -8.69 -34.15 20.81
N GLU A 233 -7.94 -33.50 21.70
CA GLU A 233 -8.56 -32.76 22.80
C GLU A 233 -9.41 -31.57 22.30
N LEU A 234 -8.93 -30.84 21.28
CA LEU A 234 -9.64 -29.65 20.80
C LEU A 234 -10.59 -29.97 19.66
N GLY A 235 -10.53 -31.22 19.18
CA GLY A 235 -11.35 -31.65 18.05
C GLY A 235 -10.97 -30.96 16.75
N LEU A 236 -9.65 -30.86 16.45
CA LEU A 236 -9.14 -30.07 15.32
C LEU A 236 -9.18 -30.86 14.01
N THR A 237 -9.60 -30.19 12.93
CA THR A 237 -9.34 -30.63 11.56
C THR A 237 -8.11 -29.89 11.04
N PHE A 238 -7.10 -30.67 10.64
CA PHE A 238 -5.88 -30.15 10.03
C PHE A 238 -6.04 -30.07 8.52
N HIS A 239 -5.58 -28.95 7.96
CA HIS A 239 -5.48 -28.78 6.52
C HIS A 239 -4.02 -28.54 6.10
N GLU A 240 -3.53 -29.42 5.23
CA GLU A 240 -2.19 -29.35 4.69
C GLU A 240 -1.99 -28.09 3.84
N ASN A 241 -3.07 -27.70 3.13
CA ASN A 241 -3.10 -26.57 2.22
C ASN A 241 -4.08 -25.52 2.77
N VAL A 242 -3.62 -24.27 2.93
CA VAL A 242 -4.46 -23.23 3.53
C VAL A 242 -5.72 -23.05 2.67
N GLU A 243 -5.61 -23.22 1.35
CA GLU A 243 -6.73 -23.08 0.45
C GLU A 243 -7.91 -23.96 0.86
N ASP A 244 -7.61 -25.20 1.28
CA ASP A 244 -8.63 -26.16 1.67
C ASP A 244 -9.33 -25.73 2.96
N MET A 245 -8.56 -25.15 3.88
CA MET A 245 -9.16 -24.66 5.11
C MET A 245 -10.11 -23.50 4.79
N VAL A 246 -9.62 -22.46 4.07
CA VAL A 246 -10.46 -21.26 3.89
C VAL A 246 -11.79 -21.57 3.18
N LYS A 247 -11.82 -22.63 2.38
CA LYS A 247 -13.02 -22.93 1.62
C LYS A 247 -14.19 -23.29 2.54
N VAL A 248 -13.92 -23.80 3.75
CA VAL A 248 -14.95 -24.38 4.61
C VAL A 248 -15.19 -23.57 5.88
N CYS A 249 -14.46 -22.47 6.09
CA CYS A 249 -14.55 -21.74 7.35
C CYS A 249 -15.52 -20.55 7.23
N ASP A 250 -16.32 -20.34 8.28
CA ASP A 250 -17.14 -19.15 8.43
C ASP A 250 -16.28 -17.99 8.92
N VAL A 251 -15.24 -18.34 9.68
CA VAL A 251 -14.32 -17.39 10.28
C VAL A 251 -12.87 -17.89 10.08
N VAL A 252 -12.02 -17.00 9.56
CA VAL A 252 -10.58 -17.28 9.49
C VAL A 252 -9.85 -16.25 10.36
N THR A 253 -9.04 -16.77 11.29
CA THR A 253 -8.17 -15.96 12.14
C THR A 253 -6.70 -16.24 11.76
N ILE A 254 -5.97 -15.16 11.45
CA ILE A 254 -4.59 -15.22 10.97
C ILE A 254 -3.63 -14.98 12.12
N ASN A 255 -2.68 -15.91 12.31
CA ASN A 255 -1.84 -15.93 13.51
C ASN A 255 -0.40 -16.39 13.24
N ALA A 256 0.09 -16.09 12.03
CA ALA A 256 1.43 -16.44 11.57
C ALA A 256 2.29 -15.19 11.59
N PRO A 257 3.65 -15.32 11.68
CA PRO A 257 4.56 -14.18 11.49
C PRO A 257 4.59 -13.72 10.04
N LEU A 258 5.12 -12.50 9.80
CA LEU A 258 5.24 -11.93 8.47
C LEU A 258 6.66 -12.19 7.95
N HIS A 259 6.74 -13.00 6.87
CA HIS A 259 7.96 -13.31 6.17
C HIS A 259 7.56 -13.77 4.77
N PRO A 260 8.52 -14.06 3.84
CA PRO A 260 8.14 -14.30 2.45
C PRO A 260 7.05 -15.36 2.22
N GLU A 261 6.96 -16.40 3.06
CA GLU A 261 5.91 -17.39 2.90
C GLU A 261 4.51 -16.85 3.19
N THR A 262 4.39 -15.87 4.08
CA THR A 262 3.09 -15.39 4.49
C THR A 262 2.74 -14.05 3.86
N HIS A 263 3.71 -13.34 3.27
CA HIS A 263 3.42 -12.05 2.65
C HIS A 263 2.37 -12.17 1.56
N HIS A 264 1.25 -11.45 1.71
CA HIS A 264 0.14 -11.49 0.77
C HIS A 264 -0.35 -12.91 0.50
N MET A 265 -0.37 -13.74 1.56
CA MET A 265 -1.01 -15.05 1.48
C MET A 265 -2.50 -14.85 1.20
N PHE A 266 -3.11 -13.84 1.86
CA PHE A 266 -4.53 -13.57 1.64
C PHE A 266 -4.66 -12.47 0.61
N ASP A 267 -4.46 -12.89 -0.65
CA ASP A 267 -4.56 -12.01 -1.80
C ASP A 267 -5.92 -12.22 -2.44
N GLU A 268 -6.17 -11.56 -3.57
CA GLU A 268 -7.47 -11.63 -4.21
C GLU A 268 -7.93 -13.08 -4.44
N ALA A 269 -7.03 -13.91 -4.95
CA ALA A 269 -7.38 -15.28 -5.33
C ALA A 269 -7.71 -16.10 -4.08
N MET A 270 -6.98 -15.85 -2.97
CA MET A 270 -7.25 -16.60 -1.76
C MET A 270 -8.61 -16.22 -1.17
N ILE A 271 -8.91 -14.93 -1.16
CA ILE A 271 -10.14 -14.41 -0.60
C ILE A 271 -11.31 -14.96 -1.40
N LYS A 272 -11.12 -15.04 -2.71
CA LYS A 272 -12.16 -15.54 -3.58
C LYS A 272 -12.56 -16.99 -3.29
N LYS A 273 -11.65 -17.80 -2.72
CA LYS A 273 -11.93 -19.17 -2.33
C LYS A 273 -12.81 -19.27 -1.07
N MET A 274 -12.88 -18.17 -0.29
CA MET A 274 -13.63 -18.20 0.97
C MET A 274 -15.13 -18.19 0.70
N LYS A 275 -15.88 -18.62 1.72
CA LYS A 275 -17.34 -18.61 1.68
C LYS A 275 -17.84 -17.19 1.56
N ARG A 276 -18.89 -16.99 0.77
CA ARG A 276 -19.61 -15.72 0.78
C ARG A 276 -20.11 -15.47 2.21
N GLY A 277 -19.75 -14.29 2.74
CA GLY A 277 -20.09 -13.93 4.09
C GLY A 277 -19.12 -14.47 5.15
N ALA A 278 -17.92 -14.90 4.75
CA ALA A 278 -16.87 -15.25 5.69
C ALA A 278 -16.41 -13.98 6.45
N TYR A 279 -15.82 -14.20 7.64
CA TYR A 279 -15.19 -13.13 8.42
C TYR A 279 -13.68 -13.41 8.44
N ILE A 280 -12.85 -12.35 8.43
CA ILE A 280 -11.44 -12.49 8.76
C ILE A 280 -11.14 -11.66 10.01
N VAL A 281 -10.41 -12.27 10.93
CA VAL A 281 -9.77 -11.54 12.02
C VAL A 281 -8.27 -11.68 11.80
N ASN A 282 -7.55 -10.56 11.84
CA ASN A 282 -6.11 -10.55 11.60
C ASN A 282 -5.43 -9.65 12.63
N THR A 283 -4.94 -10.27 13.69
CA THR A 283 -4.18 -9.66 14.74
C THR A 283 -2.69 -10.04 14.62
N ALA A 284 -2.30 -10.60 13.46
CA ALA A 284 -0.92 -11.03 13.25
C ALA A 284 -0.11 -9.87 12.63
N ARG A 285 -0.14 -9.74 11.31
CA ARG A 285 0.47 -8.59 10.62
C ARG A 285 -0.43 -8.27 9.45
N ALA A 286 -0.54 -6.98 9.15
CA ALA A 286 -1.43 -6.54 8.10
C ALA A 286 -1.09 -7.17 6.74
N GLU A 287 0.23 -7.20 6.40
CA GLU A 287 0.67 -7.53 5.05
C GLU A 287 0.69 -9.04 4.79
N ILE A 288 0.13 -9.85 5.69
CA ILE A 288 -0.31 -11.19 5.33
C ILE A 288 -1.49 -11.13 4.35
N CYS A 289 -2.22 -10.02 4.43
CA CYS A 289 -3.31 -9.72 3.53
C CYS A 289 -2.89 -8.63 2.53
N ASP A 290 -3.45 -8.74 1.32
CA ASP A 290 -3.48 -7.64 0.36
C ASP A 290 -4.51 -6.61 0.79
N ARG A 291 -4.02 -5.41 1.14
CA ARG A 291 -4.83 -4.37 1.74
C ARG A 291 -6.07 -4.08 0.91
N ASP A 292 -5.86 -3.80 -0.38
CA ASP A 292 -6.97 -3.35 -1.24
C ASP A 292 -7.85 -4.52 -1.64
N ALA A 293 -7.32 -5.74 -1.73
CA ALA A 293 -8.15 -6.92 -2.00
C ALA A 293 -9.17 -7.12 -0.86
N ILE A 294 -8.72 -6.93 0.41
CA ILE A 294 -9.60 -7.03 1.58
C ILE A 294 -10.72 -6.01 1.45
N VAL A 295 -10.35 -4.75 1.11
CA VAL A 295 -11.36 -3.70 0.97
C VAL A 295 -12.37 -4.11 -0.11
N ARG A 296 -11.91 -4.61 -1.25
CA ARG A 296 -12.85 -4.87 -2.34
C ARG A 296 -13.80 -5.98 -1.91
N ALA A 297 -13.29 -7.01 -1.22
CA ALA A 297 -14.13 -8.14 -0.84
C ALA A 297 -15.14 -7.74 0.24
N VAL A 298 -14.75 -6.81 1.15
CA VAL A 298 -15.68 -6.32 2.14
C VAL A 298 -16.76 -5.53 1.41
N GLU A 299 -16.35 -4.65 0.51
CA GLU A 299 -17.30 -3.73 -0.10
C GLU A 299 -18.29 -4.50 -0.98
N SER A 300 -17.83 -5.59 -1.61
CA SER A 300 -18.67 -6.40 -2.47
C SER A 300 -19.63 -7.32 -1.68
N GLY A 301 -19.36 -7.52 -0.39
CA GLY A 301 -20.14 -8.42 0.44
C GLY A 301 -19.62 -9.86 0.39
N HIS A 302 -18.49 -10.10 -0.28
CA HIS A 302 -17.87 -11.42 -0.25
C HIS A 302 -17.43 -11.78 1.16
N LEU A 303 -16.84 -10.81 1.86
CA LEU A 303 -16.55 -10.91 3.28
C LEU A 303 -17.61 -10.12 4.01
N ALA A 304 -18.16 -10.71 5.07
CA ALA A 304 -19.16 -10.04 5.90
C ALA A 304 -18.49 -9.04 6.85
N GLY A 305 -17.19 -9.23 7.10
CA GLY A 305 -16.47 -8.29 7.97
C GLY A 305 -15.00 -8.65 8.11
N TYR A 306 -14.22 -7.63 8.46
CA TYR A 306 -12.81 -7.80 8.75
C TYR A 306 -12.52 -7.02 10.01
N ALA A 307 -11.76 -7.61 10.94
CA ALA A 307 -11.33 -6.88 12.11
C ALA A 307 -9.91 -7.29 12.44
N GLY A 308 -9.11 -6.34 12.93
CA GLY A 308 -7.78 -6.64 13.42
C GLY A 308 -7.20 -5.39 14.08
N ASP A 309 -6.01 -5.50 14.64
CA ASP A 309 -5.36 -4.34 15.27
C ASP A 309 -4.09 -3.93 14.51
N VAL A 310 -3.72 -4.69 13.46
CA VAL A 310 -2.47 -4.47 12.76
C VAL A 310 -2.72 -3.88 11.35
N TRP A 311 -1.81 -3.00 10.96
CA TRP A 311 -1.93 -2.17 9.78
C TRP A 311 -0.57 -2.10 9.10
N ASN A 312 -0.56 -1.55 7.90
CA ASN A 312 0.70 -1.16 7.27
C ASN A 312 0.51 0.17 6.52
N PRO A 313 1.44 1.15 6.60
CA PRO A 313 2.50 1.20 7.61
C PRO A 313 1.95 1.53 8.99
N GLN A 314 2.84 1.64 9.99
CA GLN A 314 2.40 1.99 11.33
C GLN A 314 3.28 3.12 11.85
N PRO A 315 2.67 4.22 12.32
CA PRO A 315 1.21 4.39 12.35
C PRO A 315 0.54 4.49 10.96
N ALA A 316 -0.70 4.01 10.91
CA ALA A 316 -1.48 4.03 9.68
C ALA A 316 -1.83 5.48 9.38
N PRO A 317 -1.79 5.87 8.09
CA PRO A 317 -2.24 7.19 7.70
C PRO A 317 -3.72 7.34 8.05
N ALA A 318 -4.13 8.59 8.23
CA ALA A 318 -5.50 8.95 8.57
C ALA A 318 -6.50 8.48 7.51
N ASP A 319 -6.08 8.35 6.26
CA ASP A 319 -6.99 7.90 5.20
C ASP A 319 -6.87 6.42 4.86
N HIS A 320 -6.18 5.64 5.69
CA HIS A 320 -6.12 4.20 5.45
C HIS A 320 -7.54 3.66 5.27
N PRO A 321 -7.81 2.87 4.17
CA PRO A 321 -9.17 2.43 3.86
C PRO A 321 -9.78 1.41 4.82
N TRP A 322 -8.95 0.70 5.61
CA TRP A 322 -9.49 -0.20 6.61
C TRP A 322 -10.25 0.51 7.74
N ARG A 323 -9.98 1.82 7.94
CA ARG A 323 -10.63 2.57 9.00
C ARG A 323 -12.14 2.71 8.80
N THR A 324 -12.55 2.79 7.53
CA THR A 324 -13.92 3.19 7.22
C THR A 324 -14.62 2.15 6.33
N MET A 325 -13.99 1.02 6.03
CA MET A 325 -14.64 0.03 5.17
C MET A 325 -15.85 -0.55 5.91
N PRO A 326 -16.92 -0.97 5.17
CA PRO A 326 -18.13 -1.48 5.82
C PRO A 326 -17.86 -2.58 6.86
N TRP A 327 -18.51 -2.42 8.04
CA TRP A 327 -18.62 -3.46 9.07
C TRP A 327 -17.27 -3.77 9.73
N ASN A 328 -16.25 -2.91 9.57
CA ASN A 328 -14.93 -3.22 10.11
C ASN A 328 -14.99 -3.14 11.63
N GLY A 329 -14.17 -3.97 12.28
CA GLY A 329 -14.05 -3.88 13.72
C GLY A 329 -12.62 -3.58 14.16
N MET A 330 -11.97 -2.68 13.40
CA MET A 330 -10.56 -2.36 13.62
C MET A 330 -10.29 -1.68 14.96
N THR A 331 -9.08 -1.93 15.49
CA THR A 331 -8.48 -1.02 16.45
C THR A 331 -7.11 -0.59 15.93
N PRO A 332 -6.46 0.45 16.51
CA PRO A 332 -5.04 0.68 16.27
C PRO A 332 -4.27 -0.48 16.88
N HIS A 333 -2.96 -0.53 16.70
CA HIS A 333 -2.20 -1.70 17.13
C HIS A 333 -2.00 -1.70 18.64
N MET A 334 -2.92 -2.39 19.33
CA MET A 334 -3.02 -2.27 20.76
C MET A 334 -2.93 -3.58 21.51
N SER A 335 -3.28 -4.73 20.90
CA SER A 335 -3.54 -5.96 21.68
C SER A 335 -2.31 -6.38 22.44
N GLY A 336 -1.13 -6.30 21.81
CA GLY A 336 0.09 -6.76 22.44
C GLY A 336 0.63 -5.75 23.47
N THR A 337 0.04 -4.56 23.52
CA THR A 337 0.47 -3.50 24.43
C THR A 337 -0.68 -3.14 25.37
N SER A 338 -1.53 -4.11 25.73
CA SER A 338 -2.31 -3.99 26.96
C SER A 338 -1.32 -3.72 28.11
N LEU A 339 -1.78 -3.06 29.18
CA LEU A 339 -0.86 -2.80 30.29
C LEU A 339 -0.29 -4.11 30.83
N SER A 340 -1.11 -5.18 30.79
CA SER A 340 -0.74 -6.54 31.19
C SER A 340 0.40 -7.11 30.33
N GLY A 341 0.23 -7.03 29.01
CA GLY A 341 1.22 -7.44 28.04
C GLY A 341 2.53 -6.65 28.17
N GLN A 342 2.38 -5.31 28.34
CA GLN A 342 3.52 -4.41 28.55
C GLN A 342 4.38 -4.91 29.71
N ALA A 343 3.79 -5.30 30.81
CA ALA A 343 4.57 -5.69 31.98
C ALA A 343 5.54 -6.81 31.61
N ARG A 344 5.09 -7.75 30.78
CA ARG A 344 5.91 -8.92 30.46
C ARG A 344 6.95 -8.55 29.39
N TYR A 345 6.57 -7.83 28.32
CA TYR A 345 7.58 -7.55 27.30
C TYR A 345 8.60 -6.54 27.80
N THR A 346 8.19 -5.66 28.72
CA THR A 346 9.11 -4.72 29.34
C THR A 346 10.09 -5.43 30.29
N ALA A 347 9.62 -6.39 31.09
CA ALA A 347 10.55 -7.23 31.86
C ALA A 347 11.52 -8.01 30.96
N GLY A 348 11.03 -8.57 29.84
CA GLY A 348 11.88 -9.32 28.95
C GLY A 348 12.87 -8.45 28.19
N THR A 349 12.50 -7.18 27.90
CA THR A 349 13.44 -6.24 27.30
C THR A 349 14.67 -6.09 28.20
N ARG A 350 14.38 -5.84 29.48
CA ARG A 350 15.41 -5.72 30.51
C ARG A 350 16.23 -7.00 30.60
N GLU A 351 15.58 -8.16 30.60
CA GLU A 351 16.26 -9.46 30.70
C GLU A 351 17.30 -9.62 29.58
N ILE A 352 16.91 -9.27 28.35
CA ILE A 352 17.77 -9.36 27.19
C ILE A 352 18.95 -8.39 27.29
N LEU A 353 18.68 -7.14 27.69
CA LEU A 353 19.75 -6.18 27.83
C LEU A 353 20.76 -6.66 28.89
N GLU A 354 20.29 -7.16 30.03
CA GLU A 354 21.22 -7.61 31.08
C GLU A 354 22.12 -8.72 30.54
N CYS A 355 21.54 -9.63 29.74
CA CYS A 355 22.32 -10.69 29.13
C CYS A 355 23.36 -10.09 28.20
N TRP A 356 22.93 -9.13 27.37
CA TRP A 356 23.80 -8.51 26.39
C TRP A 356 24.99 -7.85 27.07
N PHE A 357 24.72 -6.95 28.03
CA PHE A 357 25.80 -6.19 28.64
C PHE A 357 26.69 -7.07 29.51
N GLU A 358 26.19 -8.19 30.00
CA GLU A 358 26.96 -9.04 30.91
C GLU A 358 27.66 -10.15 30.13
N GLY A 359 27.46 -10.16 28.82
CA GLY A 359 28.01 -11.21 27.99
C GLY A 359 27.42 -12.59 28.28
N ARG A 360 26.13 -12.69 28.62
CA ARG A 360 25.48 -13.97 28.86
C ARG A 360 24.59 -14.28 27.64
N PRO A 361 24.35 -15.55 27.29
CA PRO A 361 23.47 -15.85 26.14
C PRO A 361 22.04 -15.36 26.33
N ILE A 362 21.50 -14.70 25.30
CA ILE A 362 20.09 -14.36 25.26
C ILE A 362 19.33 -15.68 25.12
N ARG A 363 18.17 -15.80 25.76
CA ARG A 363 17.41 -17.02 25.57
C ARG A 363 17.27 -17.31 24.08
N GLU A 364 17.46 -18.59 23.71
CA GLU A 364 17.19 -19.03 22.36
C GLU A 364 15.77 -18.66 21.91
N ASP A 365 14.77 -18.83 22.79
CA ASP A 365 13.39 -18.47 22.46
C ASP A 365 13.29 -17.03 21.92
N TYR A 366 14.11 -16.12 22.45
CA TYR A 366 14.02 -14.71 22.10
C TYR A 366 14.76 -14.40 20.80
N VAL A 367 15.71 -15.25 20.37
CA VAL A 367 16.53 -14.96 19.22
C VAL A 367 15.76 -15.16 17.91
N ILE A 368 15.92 -14.18 17.00
CA ILE A 368 15.44 -14.26 15.63
C ILE A 368 16.61 -14.38 14.66
N VAL A 369 17.57 -13.47 14.77
CA VAL A 369 18.81 -13.52 14.00
C VAL A 369 19.99 -13.45 14.97
N ASP A 370 20.98 -14.31 14.75
CA ASP A 370 22.23 -14.20 15.46
C ASP A 370 23.34 -14.91 14.66
N GLY A 371 24.55 -14.31 14.71
CA GLY A 371 25.74 -14.78 14.01
C GLY A 371 25.52 -14.97 12.50
N GLY A 372 24.83 -14.03 11.86
CA GLY A 372 24.72 -14.03 10.41
C GLY A 372 23.77 -15.07 9.84
N LYS A 373 22.75 -15.49 10.63
CA LYS A 373 21.72 -16.44 10.16
C LYS A 373 20.49 -16.31 11.03
N LEU A 374 19.35 -16.78 10.52
CA LEU A 374 18.20 -17.04 11.37
C LEU A 374 18.62 -18.08 12.41
N ALA A 375 18.20 -17.88 13.65
CA ALA A 375 18.64 -18.66 14.80
C ALA A 375 17.44 -18.77 15.75
N GLY A 376 17.48 -19.70 16.72
CA GLY A 376 16.41 -19.85 17.70
C GLY A 376 15.01 -19.80 17.09
N THR A 377 14.12 -18.99 17.66
CA THR A 377 12.75 -18.84 17.18
C THR A 377 12.72 -18.39 15.72
N GLY A 378 13.67 -17.54 15.31
CA GLY A 378 13.78 -17.09 13.93
C GLY A 378 13.91 -18.23 12.91
N ALA A 379 14.70 -19.27 13.25
CA ALA A 379 14.90 -20.45 12.40
C ALA A 379 13.67 -21.37 12.40
N LEU A 380 12.86 -21.31 13.46
CA LEU A 380 11.67 -22.13 13.54
C LEU A 380 10.50 -21.50 12.79
N SER A 381 10.39 -20.17 12.83
CA SER A 381 9.12 -19.52 12.52
C SER A 381 9.23 -18.48 11.41
N TYR A 382 10.44 -18.13 10.98
CA TYR A 382 10.64 -17.21 9.88
C TYR A 382 11.42 -17.89 8.75
N THR A 383 11.40 -17.25 7.56
CA THR A 383 12.22 -17.62 6.41
C THR A 383 12.77 -16.34 5.77
N VAL A 384 13.88 -16.46 5.00
CA VAL A 384 14.34 -15.41 4.08
C VAL A 384 14.54 -16.06 2.71
N LEU A 385 14.45 -15.30 1.61
CA LEU A 385 14.62 -15.89 0.28
C LEU A 385 16.12 -16.11 -0.03
N ALA B 2 -29.85 13.59 -18.65
CA ALA B 2 -29.06 12.70 -17.77
C ALA B 2 -27.91 13.53 -17.20
N LYS B 3 -27.26 12.98 -16.16
CA LYS B 3 -26.14 13.66 -15.53
C LYS B 3 -24.83 12.94 -15.93
N ILE B 4 -23.88 13.73 -16.44
CA ILE B 4 -22.52 13.26 -16.67
C ILE B 4 -21.64 13.85 -15.58
N LEU B 5 -21.03 12.96 -14.78
CA LEU B 5 -20.18 13.35 -13.68
C LEU B 5 -18.71 13.15 -14.08
N CYS B 6 -17.93 14.23 -14.13
CA CYS B 6 -16.59 14.25 -14.71
C CYS B 6 -15.58 14.75 -13.67
N VAL B 7 -14.62 13.87 -13.31
CA VAL B 7 -13.59 14.17 -12.34
C VAL B 7 -12.25 14.38 -13.09
N LEU B 8 -11.67 15.57 -12.88
CA LEU B 8 -10.46 16.07 -13.56
C LEU B 8 -9.47 16.57 -12.51
N TYR B 9 -8.18 16.67 -12.87
CA TYR B 9 -7.17 17.17 -11.92
C TYR B 9 -7.32 18.68 -11.76
N PRO B 10 -6.80 19.23 -10.65
CA PRO B 10 -6.81 20.68 -10.47
C PRO B 10 -6.10 21.42 -11.59
N ASP B 11 -6.53 22.66 -11.81
CA ASP B 11 -5.76 23.59 -12.62
C ASP B 11 -4.34 23.79 -12.07
N PRO B 12 -3.41 24.38 -12.86
CA PRO B 12 -2.08 24.77 -12.38
C PRO B 12 -2.20 25.72 -11.20
N VAL B 13 -1.18 25.69 -10.34
CA VAL B 13 -1.18 26.44 -9.08
C VAL B 13 -1.43 27.93 -9.28
N ASN B 14 -0.94 28.54 -10.35
CA ASN B 14 -1.17 29.97 -10.53
C ASN B 14 -2.30 30.26 -11.51
N GLY B 15 -3.12 29.26 -11.84
CA GLY B 15 -4.30 29.48 -12.67
C GLY B 15 -4.23 28.72 -13.99
N TYR B 16 -5.40 28.53 -14.61
CA TYR B 16 -5.47 27.96 -15.93
C TYR B 16 -4.64 28.79 -16.92
N PRO B 17 -3.88 28.18 -17.84
CA PRO B 17 -2.95 28.93 -18.69
C PRO B 17 -3.68 29.90 -19.62
N LYS B 18 -3.12 31.10 -19.75
CA LYS B 18 -3.53 32.10 -20.74
C LYS B 18 -2.86 31.85 -22.08
N THR B 19 -1.61 31.33 -22.05
CA THR B 19 -0.76 31.13 -23.23
C THR B 19 0.02 29.82 -23.09
N TYR B 20 0.43 29.24 -24.20
CA TYR B 20 1.17 27.98 -24.20
C TYR B 20 2.58 28.24 -24.76
N ALA B 21 3.48 27.26 -24.58
CA ALA B 21 4.85 27.42 -25.02
C ALA B 21 4.99 27.44 -26.55
N ARG B 22 3.98 26.95 -27.27
CA ARG B 22 4.06 26.79 -28.71
C ARG B 22 2.67 26.98 -29.29
N ASP B 23 2.60 27.34 -30.58
CA ASP B 23 1.37 27.77 -31.22
C ASP B 23 0.53 26.59 -31.74
N GLU B 24 1.13 25.44 -32.02
CA GLU B 24 0.35 24.31 -32.51
C GLU B 24 1.11 23.02 -32.22
N ILE B 25 0.41 21.89 -32.37
CA ILE B 25 1.04 20.60 -32.13
C ILE B 25 0.86 19.75 -33.39
N PRO B 26 1.71 18.73 -33.62
CA PRO B 26 1.52 17.82 -34.74
C PRO B 26 0.14 17.18 -34.78
N ASN B 27 -0.29 16.85 -36.00
CA ASN B 27 -1.58 16.27 -36.23
C ASN B 27 -1.40 14.76 -36.45
N ILE B 28 -1.74 13.95 -35.45
CA ILE B 28 -1.55 12.51 -35.56
C ILE B 28 -2.88 11.87 -35.91
N THR B 29 -2.96 11.15 -37.04
CA THR B 29 -4.25 10.70 -37.59
C THR B 29 -4.37 9.18 -37.56
N VAL B 30 -3.26 8.46 -37.32
CA VAL B 30 -3.27 7.01 -37.39
C VAL B 30 -2.13 6.47 -36.53
N TYR B 31 -2.28 5.21 -36.11
CA TYR B 31 -1.32 4.55 -35.25
C TYR B 31 -0.57 3.47 -36.04
N ASP B 32 0.54 3.01 -35.48
CA ASP B 32 1.37 1.99 -36.14
C ASP B 32 0.58 0.75 -36.59
N ASN B 33 -0.40 0.27 -35.81
CA ASN B 33 -1.12 -0.97 -36.15
C ASN B 33 -2.23 -0.72 -37.17
N GLY B 34 -2.36 0.51 -37.69
CA GLY B 34 -3.39 0.82 -38.65
C GLY B 34 -4.64 1.44 -38.04
N GLN B 35 -4.83 1.34 -36.71
CA GLN B 35 -6.02 1.88 -36.06
C GLN B 35 -6.05 3.39 -36.31
N THR B 36 -7.25 3.91 -36.56
CA THR B 36 -7.45 5.35 -36.71
C THR B 36 -7.33 6.03 -35.35
N ALA B 37 -6.81 7.28 -35.35
CA ALA B 37 -6.97 8.18 -34.23
C ALA B 37 -8.46 8.48 -34.09
N PRO B 38 -8.93 9.01 -32.93
CA PRO B 38 -10.36 9.18 -32.68
C PRO B 38 -11.09 9.99 -33.74
N THR B 39 -12.35 9.67 -33.92
CA THR B 39 -13.16 10.21 -35.01
C THR B 39 -14.43 10.83 -34.48
N PRO B 40 -14.39 11.81 -33.56
CA PRO B 40 -15.63 12.45 -33.12
C PRO B 40 -16.18 13.27 -34.29
N LYS B 41 -17.46 13.55 -34.28
CA LYS B 41 -18.06 14.36 -35.33
C LYS B 41 -17.58 15.80 -35.26
N ALA B 42 -17.33 16.30 -34.06
CA ALA B 42 -16.79 17.63 -33.85
C ALA B 42 -16.02 17.66 -32.53
N ILE B 43 -15.18 18.69 -32.36
CA ILE B 43 -14.52 18.96 -31.09
C ILE B 43 -14.71 20.44 -30.79
N ASP B 44 -14.77 20.80 -29.51
CA ASP B 44 -14.88 22.19 -29.08
C ASP B 44 -13.61 22.58 -28.31
N PHE B 45 -12.46 22.20 -28.87
CA PHE B 45 -11.18 22.63 -28.36
C PHE B 45 -10.19 22.68 -29.52
N LYS B 46 -9.07 23.37 -29.27
CA LYS B 46 -7.93 23.38 -30.15
C LYS B 46 -6.91 22.39 -29.59
N PRO B 47 -6.46 21.39 -30.38
CA PRO B 47 -5.35 20.52 -29.97
C PRO B 47 -4.19 21.36 -29.47
N GLY B 48 -3.66 20.98 -28.29
CA GLY B 48 -2.63 21.76 -27.63
C GLY B 48 -3.10 22.47 -26.37
N GLU B 49 -4.42 22.62 -26.19
CA GLU B 49 -4.93 23.23 -24.97
C GLU B 49 -4.90 22.24 -23.82
N LEU B 50 -4.92 22.78 -22.59
CA LEU B 50 -5.00 21.96 -21.39
C LEU B 50 -6.45 21.51 -21.17
N LEU B 51 -6.70 20.22 -21.45
CA LEU B 51 -8.07 19.72 -21.48
C LEU B 51 -8.43 18.93 -20.22
N GLY B 52 -7.44 18.37 -19.52
CA GLY B 52 -7.65 17.41 -18.44
C GLY B 52 -7.70 18.01 -17.04
N SER B 53 -7.63 19.35 -16.93
CA SER B 53 -7.82 20.01 -15.65
C SER B 53 -9.26 20.49 -15.56
N VAL B 54 -9.65 20.92 -14.36
CA VAL B 54 -11.02 21.32 -14.03
C VAL B 54 -11.54 22.38 -15.01
N SER B 55 -10.73 23.39 -15.36
CA SER B 55 -11.21 24.45 -16.26
C SER B 55 -11.20 23.97 -17.71
N GLY B 56 -10.43 22.91 -18.05
CA GLY B 56 -10.41 22.39 -19.40
C GLY B 56 -11.68 21.63 -19.80
N GLU B 57 -12.24 20.89 -18.83
CA GLU B 57 -13.54 20.23 -18.91
C GLU B 57 -13.62 19.14 -19.98
N LEU B 58 -12.46 18.70 -20.49
CA LEU B 58 -12.40 17.83 -21.66
C LEU B 58 -13.16 18.42 -22.86
N GLY B 59 -13.33 19.75 -22.88
CA GLY B 59 -14.05 20.43 -23.95
C GLY B 59 -15.45 19.88 -24.20
N LEU B 60 -16.13 19.39 -23.15
CA LEU B 60 -17.38 18.67 -23.34
C LEU B 60 -18.63 19.50 -23.05
N ARG B 61 -18.52 20.66 -22.38
CA ARG B 61 -19.70 21.28 -21.79
C ARG B 61 -20.77 21.68 -22.82
N LYS B 62 -20.34 22.34 -23.88
CA LYS B 62 -21.26 22.81 -24.92
C LYS B 62 -22.03 21.66 -25.54
N TYR B 63 -21.32 20.56 -25.84
CA TYR B 63 -21.95 19.41 -26.46
C TYR B 63 -22.98 18.84 -25.52
N LEU B 64 -22.57 18.53 -24.27
CA LEU B 64 -23.48 17.85 -23.37
C LEU B 64 -24.68 18.71 -23.01
N GLU B 65 -24.46 19.96 -22.65
CA GLU B 65 -25.53 20.85 -22.28
C GLU B 65 -26.42 21.12 -23.49
N GLY B 66 -25.87 21.08 -24.71
CA GLY B 66 -26.65 21.27 -25.92
C GLY B 66 -27.69 20.16 -26.11
N LEU B 67 -27.38 18.95 -25.61
CA LEU B 67 -28.27 17.80 -25.69
C LEU B 67 -29.30 17.82 -24.55
N GLY B 68 -29.26 18.82 -23.65
CA GLY B 68 -30.14 18.89 -22.51
C GLY B 68 -29.60 18.20 -21.24
N HIS B 69 -28.34 17.72 -21.25
CA HIS B 69 -27.80 16.95 -20.13
C HIS B 69 -27.16 17.90 -19.11
N GLU B 70 -26.97 17.38 -17.89
CA GLU B 70 -26.30 18.11 -16.83
C GLU B 70 -24.84 17.64 -16.78
N PHE B 71 -23.90 18.59 -16.74
CA PHE B 71 -22.47 18.26 -16.74
C PHE B 71 -21.82 18.82 -15.48
N ILE B 72 -21.31 17.93 -14.61
CA ILE B 72 -20.71 18.28 -13.34
C ILE B 72 -19.22 17.94 -13.41
N VAL B 73 -18.39 18.95 -13.17
CA VAL B 73 -16.93 18.81 -13.24
C VAL B 73 -16.34 19.14 -11.89
N THR B 74 -15.46 18.27 -11.38
CA THR B 74 -14.89 18.50 -10.06
C THR B 74 -13.54 17.78 -10.02
N SER B 75 -12.65 18.29 -9.17
CA SER B 75 -11.46 17.54 -8.78
C SER B 75 -11.65 16.86 -7.43
N ASP B 76 -12.78 17.09 -6.74
CA ASP B 76 -12.98 16.66 -5.36
C ASP B 76 -13.52 15.23 -5.32
N LYS B 77 -12.64 14.25 -5.03
CA LYS B 77 -12.95 12.86 -5.33
C LYS B 77 -12.74 11.95 -4.13
N GLU B 78 -12.35 12.46 -2.94
CA GLU B 78 -12.02 11.61 -1.81
C GLU B 78 -13.12 11.64 -0.75
N GLY B 79 -13.65 10.46 -0.43
CA GLY B 79 -14.45 10.31 0.77
C GLY B 79 -15.92 10.71 0.59
N PRO B 80 -16.75 10.41 1.61
CA PRO B 80 -18.19 10.64 1.53
C PRO B 80 -18.68 12.07 1.40
N ASP B 81 -17.88 13.04 1.87
CA ASP B 81 -18.24 14.45 1.79
C ASP B 81 -17.74 15.07 0.49
N SER B 82 -17.11 14.29 -0.39
CA SER B 82 -16.61 14.81 -1.66
C SER B 82 -17.75 15.17 -2.62
N GLU B 83 -17.46 16.11 -3.51
CA GLU B 83 -18.42 16.50 -4.55
C GLU B 83 -18.69 15.29 -5.46
N PHE B 84 -17.66 14.44 -5.69
CA PHE B 84 -17.86 13.23 -6.45
C PHE B 84 -18.92 12.31 -5.84
N GLU B 85 -18.79 11.99 -4.55
CA GLU B 85 -19.73 11.08 -3.94
C GLU B 85 -21.12 11.72 -3.79
N LYS B 86 -21.21 13.04 -3.67
CA LYS B 86 -22.51 13.69 -3.63
C LYS B 86 -23.28 13.46 -4.94
N HIS B 87 -22.62 13.40 -6.10
CA HIS B 87 -23.30 13.34 -7.39
C HIS B 87 -23.38 11.91 -7.92
N LEU B 88 -22.58 11.02 -7.31
CA LEU B 88 -22.44 9.65 -7.79
C LEU B 88 -23.79 8.91 -7.86
N PRO B 89 -24.72 9.05 -6.87
CA PRO B 89 -25.98 8.29 -6.88
C PRO B 89 -26.90 8.45 -8.08
N ASP B 90 -26.78 9.54 -8.85
CA ASP B 90 -27.70 9.75 -9.97
C ASP B 90 -26.97 10.18 -11.26
N ALA B 91 -25.65 9.91 -11.37
CA ALA B 91 -24.95 10.05 -12.63
C ALA B 91 -25.24 8.85 -13.53
N GLU B 92 -25.58 9.11 -14.79
CA GLU B 92 -25.65 8.07 -15.80
C GLU B 92 -24.25 7.71 -16.32
N ILE B 93 -23.40 8.73 -16.43
CA ILE B 93 -22.07 8.53 -17.00
C ILE B 93 -21.07 9.13 -16.05
N ILE B 94 -20.02 8.36 -15.74
CA ILE B 94 -18.91 8.89 -14.95
C ILE B 94 -17.65 8.88 -15.82
N ILE B 95 -16.95 10.01 -15.88
CA ILE B 95 -15.71 10.14 -16.64
C ILE B 95 -14.58 10.54 -15.69
N SER B 96 -13.45 9.82 -15.73
CA SER B 96 -12.26 10.33 -15.09
C SER B 96 -11.03 9.83 -15.82
N GLN B 97 -9.88 10.44 -15.50
CA GLN B 97 -8.61 10.09 -16.14
C GLN B 97 -7.76 9.27 -15.18
N PRO B 98 -6.91 8.34 -15.66
CA PRO B 98 -5.98 7.61 -14.77
C PRO B 98 -5.10 8.48 -13.86
N PHE B 99 -4.80 9.71 -14.31
CA PHE B 99 -3.81 10.62 -13.67
C PHE B 99 -4.38 11.21 -12.39
N TRP B 100 -5.72 11.15 -12.28
CA TRP B 100 -6.47 11.69 -11.16
C TRP B 100 -7.79 10.93 -11.07
N PRO B 101 -7.70 9.62 -10.74
CA PRO B 101 -8.79 8.67 -11.03
C PRO B 101 -9.88 8.67 -9.97
N ALA B 102 -11.13 8.76 -10.45
CA ALA B 102 -12.31 8.57 -9.61
C ALA B 102 -12.55 7.07 -9.44
N TYR B 103 -11.98 6.51 -8.36
CA TYR B 103 -12.05 5.08 -8.13
C TYR B 103 -13.51 4.61 -8.03
N LEU B 104 -13.83 3.51 -8.73
CA LEU B 104 -15.16 2.93 -8.68
C LEU B 104 -15.05 1.49 -8.20
N GLY B 105 -14.87 1.39 -6.88
CA GLY B 105 -14.89 0.10 -6.22
C GLY B 105 -16.32 -0.44 -6.08
N PRO B 106 -16.47 -1.66 -5.50
CA PRO B 106 -17.79 -2.27 -5.34
C PRO B 106 -18.81 -1.41 -4.61
N GLU B 107 -18.40 -0.74 -3.53
CA GLU B 107 -19.33 0.06 -2.76
C GLU B 107 -19.84 1.26 -3.54
N ARG B 108 -18.92 2.01 -4.18
CA ARG B 108 -19.31 3.12 -5.05
C ARG B 108 -20.19 2.68 -6.21
N LEU B 109 -19.89 1.53 -6.82
CA LEU B 109 -20.70 1.07 -7.93
C LEU B 109 -22.10 0.70 -7.44
N ALA B 110 -22.21 0.09 -6.25
CA ALA B 110 -23.53 -0.22 -5.73
C ALA B 110 -24.34 1.06 -5.44
N LYS B 111 -23.69 2.13 -4.98
CA LYS B 111 -24.35 3.39 -4.70
C LYS B 111 -24.68 4.22 -5.95
N ALA B 112 -24.05 3.91 -7.10
CA ALA B 112 -24.29 4.59 -8.38
C ALA B 112 -25.53 4.02 -9.05
N LYS B 113 -26.72 4.35 -8.51
CA LYS B 113 -27.95 3.68 -8.89
C LYS B 113 -28.28 3.85 -10.39
N LYS B 114 -27.90 4.99 -10.97
CA LYS B 114 -28.23 5.27 -12.37
C LYS B 114 -27.05 5.08 -13.32
N LEU B 115 -25.91 4.55 -12.85
CA LEU B 115 -24.73 4.46 -13.70
C LEU B 115 -24.90 3.41 -14.80
N LYS B 116 -24.64 3.83 -16.06
CA LYS B 116 -24.61 2.92 -17.19
C LYS B 116 -23.23 2.85 -17.89
N LEU B 117 -22.45 3.94 -17.80
CA LEU B 117 -21.20 4.02 -18.55
C LEU B 117 -20.09 4.63 -17.68
N ALA B 118 -18.98 3.89 -17.48
CA ALA B 118 -17.78 4.43 -16.84
C ALA B 118 -16.70 4.61 -17.92
N LEU B 119 -16.29 5.86 -18.14
CA LEU B 119 -15.41 6.22 -19.24
C LEU B 119 -14.04 6.65 -18.71
N THR B 120 -12.99 5.94 -19.15
CA THR B 120 -11.61 6.30 -18.90
C THR B 120 -11.13 7.25 -19.99
N ALA B 121 -10.87 8.50 -19.60
CA ALA B 121 -10.27 9.47 -20.49
C ALA B 121 -8.75 9.31 -20.44
N GLY B 122 -8.26 8.43 -21.29
CA GLY B 122 -6.95 7.84 -21.22
C GLY B 122 -7.04 6.36 -21.52
N ILE B 123 -6.05 5.62 -21.00
CA ILE B 123 -5.91 4.19 -21.21
C ILE B 123 -5.67 3.57 -19.83
N GLY B 124 -6.32 2.44 -19.57
CA GLY B 124 -6.17 1.74 -18.31
C GLY B 124 -7.34 2.02 -17.38
N SER B 125 -8.21 1.02 -17.21
CA SER B 125 -9.47 1.19 -16.48
C SER B 125 -9.48 0.46 -15.13
N ASP B 126 -8.30 0.08 -14.64
CA ASP B 126 -8.11 -0.68 -13.39
C ASP B 126 -8.58 0.08 -12.15
N HIS B 127 -8.83 1.39 -12.27
CA HIS B 127 -9.39 2.15 -11.14
C HIS B 127 -10.88 1.84 -10.95
N VAL B 128 -11.51 1.24 -11.97
CA VAL B 128 -12.84 0.65 -11.89
C VAL B 128 -12.67 -0.81 -11.52
N ASP B 129 -13.46 -1.30 -10.54
CA ASP B 129 -13.46 -2.71 -10.21
C ASP B 129 -14.27 -3.43 -11.29
N LEU B 130 -13.60 -4.15 -12.17
CA LEU B 130 -14.23 -4.63 -13.40
C LEU B 130 -15.22 -5.75 -13.05
N GLU B 131 -14.91 -6.62 -12.07
CA GLU B 131 -15.89 -7.61 -11.63
C GLU B 131 -17.20 -6.95 -11.21
N SER B 132 -17.11 -5.81 -10.52
CA SER B 132 -18.29 -5.18 -9.96
C SER B 132 -19.03 -4.41 -11.05
N ALA B 133 -18.31 -3.86 -12.04
CA ALA B 133 -18.98 -3.30 -13.21
C ALA B 133 -19.72 -4.41 -13.99
N ILE B 134 -19.10 -5.58 -14.16
CA ILE B 134 -19.77 -6.74 -14.75
C ILE B 134 -21.08 -6.99 -13.99
N LYS B 135 -20.99 -7.06 -12.66
CA LYS B 135 -22.13 -7.38 -11.82
C LYS B 135 -23.23 -6.35 -11.97
N HIS B 136 -22.92 -5.03 -12.02
CA HIS B 136 -23.96 -4.01 -12.07
C HIS B 136 -24.37 -3.62 -13.49
N GLY B 137 -23.87 -4.33 -14.50
CA GLY B 137 -24.26 -4.07 -15.89
C GLY B 137 -23.80 -2.69 -16.38
N VAL B 138 -22.60 -2.26 -15.91
CA VAL B 138 -22.02 -0.98 -16.27
C VAL B 138 -21.05 -1.23 -17.41
N THR B 139 -21.21 -0.45 -18.51
CA THR B 139 -20.24 -0.45 -19.61
C THR B 139 -18.96 0.29 -19.23
N VAL B 140 -17.79 -0.31 -19.51
CA VAL B 140 -16.52 0.32 -19.21
C VAL B 140 -15.76 0.46 -20.54
N ALA B 141 -15.35 1.69 -20.88
CA ALA B 141 -14.62 2.04 -22.09
C ALA B 141 -13.48 2.99 -21.80
N GLU B 142 -12.44 2.89 -22.65
CA GLU B 142 -11.27 3.74 -22.59
C GLU B 142 -10.77 4.07 -24.00
N VAL B 143 -9.90 5.07 -24.14
CA VAL B 143 -9.52 5.54 -25.48
C VAL B 143 -8.22 4.87 -25.89
N THR B 144 -8.39 3.58 -26.18
CA THR B 144 -7.34 2.68 -26.63
C THR B 144 -6.45 3.36 -27.66
N GLY B 145 -5.12 3.20 -27.46
CA GLY B 145 -4.07 3.74 -28.31
C GLY B 145 -3.83 5.26 -28.28
N SER B 146 -4.68 6.04 -27.59
CA SER B 146 -4.64 7.50 -27.65
C SER B 146 -3.33 8.09 -27.15
N ASN B 147 -2.64 7.46 -26.18
CA ASN B 147 -1.45 8.06 -25.61
C ASN B 147 -0.36 7.02 -25.44
N SER B 148 -0.50 5.89 -26.12
CA SER B 148 0.46 4.81 -26.07
C SER B 148 1.84 5.30 -26.50
N ILE B 149 1.91 6.11 -27.58
CA ILE B 149 3.19 6.63 -28.04
C ILE B 149 3.78 7.62 -27.02
N SER B 150 2.93 8.48 -26.45
CA SER B 150 3.32 9.40 -25.40
C SER B 150 4.11 8.66 -24.32
N VAL B 151 3.53 7.59 -23.82
CA VAL B 151 4.17 6.81 -22.77
C VAL B 151 5.49 6.22 -23.26
N SER B 152 5.52 5.60 -24.47
CA SER B 152 6.75 5.00 -24.98
C SER B 152 7.93 5.99 -24.97
N GLU B 153 7.65 7.26 -25.25
CA GLU B 153 8.67 8.27 -25.25
C GLU B 153 9.16 8.49 -23.82
N HIS B 154 8.20 8.55 -22.89
CA HIS B 154 8.50 8.82 -21.47
C HIS B 154 9.36 7.67 -20.91
N ALA B 155 9.03 6.43 -21.29
CA ALA B 155 9.76 5.27 -20.80
C ALA B 155 11.22 5.29 -21.29
N VAL B 156 11.44 5.56 -22.57
CA VAL B 156 12.76 5.58 -23.18
C VAL B 156 13.58 6.69 -22.50
N MET B 157 12.98 7.87 -22.38
CA MET B 157 13.57 8.98 -21.65
C MET B 157 14.03 8.58 -20.24
N MET B 158 13.17 7.83 -19.52
CA MET B 158 13.47 7.37 -18.18
C MET B 158 14.57 6.30 -18.19
N ILE B 159 14.57 5.39 -19.17
CA ILE B 159 15.66 4.43 -19.29
C ILE B 159 16.99 5.15 -19.41
N LEU B 160 17.09 6.12 -20.33
CA LEU B 160 18.36 6.79 -20.61
C LEU B 160 18.77 7.59 -19.37
N SER B 161 17.77 8.22 -18.72
CA SER B 161 18.04 9.06 -17.57
C SER B 161 18.64 8.24 -16.41
N LEU B 162 18.06 7.07 -16.11
CA LEU B 162 18.55 6.24 -15.02
C LEU B 162 19.98 5.80 -15.36
N VAL B 163 20.12 5.21 -16.55
CA VAL B 163 21.39 4.58 -16.93
C VAL B 163 22.53 5.58 -16.97
N ARG B 164 22.28 6.79 -17.52
CA ARG B 164 23.31 7.79 -17.70
C ARG B 164 23.49 8.67 -16.45
N ASN B 165 22.61 8.53 -15.45
CA ASN B 165 22.72 9.29 -14.20
C ASN B 165 22.45 10.78 -14.44
N TYR B 166 21.38 11.07 -15.18
CA TYR B 166 21.05 12.43 -15.57
C TYR B 166 20.64 13.31 -14.40
N ILE B 167 19.72 12.81 -13.57
CA ILE B 167 19.10 13.70 -12.60
C ILE B 167 20.13 14.20 -11.58
N PRO B 168 20.95 13.33 -10.98
CA PRO B 168 22.00 13.80 -10.05
C PRO B 168 22.97 14.75 -10.73
N ALA B 169 23.36 14.47 -11.99
CA ALA B 169 24.24 15.38 -12.73
C ALA B 169 23.58 16.74 -12.94
N HIS B 170 22.30 16.76 -13.28
CA HIS B 170 21.60 18.03 -13.47
C HIS B 170 21.57 18.82 -12.15
N GLU B 171 21.41 18.09 -11.02
CA GLU B 171 21.40 18.74 -9.72
C GLU B 171 22.74 19.43 -9.46
N TRP B 172 23.87 18.76 -9.71
CA TRP B 172 25.18 19.39 -9.59
C TRP B 172 25.27 20.67 -10.40
N ALA B 173 24.77 20.62 -11.65
CA ALA B 173 24.77 21.82 -12.49
C ALA B 173 23.93 22.93 -11.87
N GLU B 174 22.70 22.60 -11.43
CA GLU B 174 21.79 23.64 -10.98
C GLU B 174 22.29 24.24 -9.66
N LYS B 175 23.02 23.48 -8.85
CA LYS B 175 23.48 23.92 -7.55
C LYS B 175 24.91 24.45 -7.60
N GLY B 176 25.41 24.85 -8.78
CA GLY B 176 26.67 25.58 -8.91
C GLY B 176 27.93 24.70 -8.87
N GLY B 177 27.74 23.38 -8.98
CA GLY B 177 28.87 22.47 -8.92
C GLY B 177 29.43 22.15 -10.31
N TRP B 178 30.31 21.14 -10.34
CA TRP B 178 30.93 20.66 -11.56
C TRP B 178 31.08 19.15 -11.40
N ASN B 179 32.03 18.74 -10.55
CA ASN B 179 31.88 17.45 -9.89
C ASN B 179 31.77 16.33 -10.93
N ILE B 180 32.61 16.36 -11.94
CA ILE B 180 32.52 15.39 -13.03
C ILE B 180 32.52 13.97 -12.46
N ALA B 181 33.47 13.63 -11.57
CA ALA B 181 33.57 12.26 -11.12
C ALA B 181 32.32 11.84 -10.32
N ASP B 182 31.68 12.77 -9.62
CA ASP B 182 30.42 12.51 -8.94
C ASP B 182 29.30 12.23 -9.95
N CYS B 183 29.26 12.99 -11.04
CA CYS B 183 28.26 12.77 -12.08
C CYS B 183 28.43 11.39 -12.70
N VAL B 184 29.67 10.90 -12.89
CA VAL B 184 29.84 9.72 -13.75
C VAL B 184 30.21 8.46 -12.96
N GLU B 185 30.28 8.50 -11.63
CA GLU B 185 30.65 7.28 -10.92
C GLU B 185 29.53 6.22 -10.99
N ARG B 186 28.33 6.59 -11.46
CA ARG B 186 27.32 5.63 -11.88
C ARG B 186 26.62 6.05 -13.18
N SER B 187 27.37 6.68 -14.10
CA SER B 187 26.87 7.00 -15.43
C SER B 187 27.36 5.95 -16.41
N TYR B 188 26.41 5.33 -17.11
CA TYR B 188 26.71 4.32 -18.12
C TYR B 188 26.05 4.75 -19.43
N ASP B 189 26.56 4.20 -20.53
CA ASP B 189 25.84 4.21 -21.79
C ASP B 189 24.86 3.02 -21.79
N VAL B 190 23.79 3.18 -22.54
CA VAL B 190 22.84 2.09 -22.70
C VAL B 190 23.28 1.11 -23.79
N GLU B 191 24.11 1.56 -24.74
CA GLU B 191 24.52 0.75 -25.87
C GLU B 191 24.95 -0.65 -25.41
N GLY B 192 24.46 -1.71 -26.04
CA GLY B 192 24.95 -3.05 -25.70
C GLY B 192 24.28 -3.71 -24.49
N MET B 193 23.48 -2.95 -23.73
CA MET B 193 22.72 -3.48 -22.62
C MET B 193 21.57 -4.35 -23.13
N HIS B 194 21.15 -5.32 -22.27
CA HIS B 194 19.98 -6.14 -22.54
C HIS B 194 18.75 -5.44 -21.95
N VAL B 195 17.77 -5.17 -22.82
CA VAL B 195 16.57 -4.41 -22.45
C VAL B 195 15.36 -5.25 -22.77
N GLY B 196 14.51 -5.52 -21.76
CA GLY B 196 13.37 -6.37 -21.96
C GLY B 196 12.06 -5.70 -21.52
N THR B 197 11.00 -5.94 -22.31
CA THR B 197 9.67 -5.44 -22.02
C THR B 197 8.78 -6.56 -21.50
N VAL B 198 8.01 -6.22 -20.46
CA VAL B 198 6.87 -7.02 -20.05
C VAL B 198 5.66 -6.52 -20.84
N ALA B 199 5.21 -7.35 -21.77
CA ALA B 199 4.16 -7.05 -22.73
C ALA B 199 4.74 -6.36 -23.95
N ALA B 200 4.17 -6.72 -25.11
CA ALA B 200 4.54 -6.10 -26.36
C ALA B 200 3.26 -5.68 -27.07
N GLY B 201 2.39 -4.98 -26.34
CA GLY B 201 1.27 -4.26 -26.91
C GLY B 201 1.71 -2.92 -27.47
N ARG B 202 0.75 -2.00 -27.60
CA ARG B 202 1.08 -0.73 -28.24
C ARG B 202 2.31 -0.07 -27.61
N ILE B 203 2.33 0.04 -26.26
CA ILE B 203 3.42 0.76 -25.61
C ILE B 203 4.70 -0.07 -25.69
N GLY B 204 4.61 -1.36 -25.33
CA GLY B 204 5.83 -2.18 -25.34
C GLY B 204 6.46 -2.28 -26.74
N LEU B 205 5.67 -2.48 -27.81
CA LEU B 205 6.24 -2.50 -29.15
C LEU B 205 6.85 -1.15 -29.53
N ALA B 206 6.18 -0.05 -29.19
CA ALA B 206 6.66 1.30 -29.45
C ALA B 206 8.02 1.56 -28.78
N ILE B 207 8.20 1.06 -27.54
CA ILE B 207 9.48 1.15 -26.86
C ILE B 207 10.54 0.29 -27.56
N LEU B 208 10.19 -0.95 -27.93
CA LEU B 208 11.14 -1.81 -28.63
C LEU B 208 11.66 -1.12 -29.88
N LYS B 209 10.75 -0.55 -30.67
CA LYS B 209 11.13 0.11 -31.91
C LYS B 209 12.05 1.30 -31.64
N ARG B 210 11.74 2.09 -30.60
CA ARG B 210 12.53 3.26 -30.25
C ARG B 210 13.88 2.87 -29.64
N MET B 211 13.98 1.73 -28.95
CA MET B 211 15.27 1.30 -28.40
C MET B 211 16.18 0.64 -29.45
N LYS B 212 15.64 0.14 -30.57
CA LYS B 212 16.41 -0.68 -31.49
C LYS B 212 17.69 0.04 -31.97
N PRO B 213 17.63 1.31 -32.43
CA PRO B 213 18.83 1.97 -32.93
C PRO B 213 19.85 2.41 -31.89
N PHE B 214 19.56 2.17 -30.59
CA PHE B 214 20.54 2.34 -29.52
C PHE B 214 21.47 1.12 -29.42
N ASP B 215 21.21 0.09 -30.24
CA ASP B 215 22.07 -1.08 -30.35
C ASP B 215 22.11 -1.84 -29.02
N VAL B 216 20.92 -2.00 -28.42
CA VAL B 216 20.73 -2.81 -27.23
C VAL B 216 20.26 -4.17 -27.73
N HIS B 217 20.37 -5.20 -26.87
CA HIS B 217 19.82 -6.51 -27.12
C HIS B 217 18.40 -6.56 -26.56
N LEU B 218 17.41 -6.77 -27.46
CA LEU B 218 16.00 -6.65 -27.11
C LEU B 218 15.38 -8.01 -26.76
N HIS B 219 14.63 -7.99 -25.65
CA HIS B 219 13.91 -9.12 -25.12
C HIS B 219 12.45 -8.74 -24.90
N TYR B 220 11.55 -9.72 -24.98
CA TYR B 220 10.21 -9.50 -24.47
C TYR B 220 9.62 -10.77 -23.87
N TYR B 221 8.64 -10.51 -22.99
CA TYR B 221 7.79 -11.51 -22.39
C TYR B 221 6.35 -11.12 -22.71
N ALA B 222 5.57 -12.10 -23.22
CA ALA B 222 4.16 -11.94 -23.50
C ALA B 222 3.48 -13.31 -23.44
N ARG B 223 2.15 -13.30 -23.33
CA ARG B 223 1.35 -14.50 -23.31
C ARG B 223 1.27 -15.11 -24.71
N HIS B 224 1.39 -14.26 -25.75
CA HIS B 224 1.44 -14.70 -27.15
C HIS B 224 2.49 -13.90 -27.91
N ARG B 225 3.13 -14.54 -28.89
CA ARG B 225 4.25 -13.93 -29.60
C ARG B 225 3.78 -12.91 -30.62
N LEU B 226 4.66 -11.95 -30.88
CA LEU B 226 4.65 -11.16 -32.09
C LEU B 226 4.92 -12.09 -33.29
N SER B 227 4.65 -11.55 -34.50
CA SER B 227 5.09 -12.09 -35.79
C SER B 227 6.55 -12.54 -35.75
N LYS B 228 6.88 -13.53 -36.56
CA LYS B 228 8.26 -13.88 -36.83
C LYS B 228 8.93 -12.70 -37.53
N GLU B 229 8.17 -12.02 -38.39
CA GLU B 229 8.66 -10.87 -39.15
C GLU B 229 9.09 -9.78 -38.18
N GLU B 230 8.17 -9.46 -37.25
CA GLU B 230 8.42 -8.44 -36.24
C GLU B 230 9.58 -8.84 -35.35
N GLU B 231 9.65 -10.09 -34.89
CA GLU B 231 10.73 -10.52 -34.02
C GLU B 231 12.08 -10.40 -34.74
N GLU B 232 12.13 -10.84 -36.00
CA GLU B 232 13.36 -10.79 -36.77
C GLU B 232 13.73 -9.36 -37.15
N GLU B 233 12.75 -8.51 -37.49
CA GLU B 233 12.99 -7.11 -37.83
C GLU B 233 13.66 -6.37 -36.65
N LEU B 234 13.23 -6.68 -35.41
CA LEU B 234 13.71 -5.94 -34.24
C LEU B 234 14.85 -6.66 -33.53
N GLY B 235 15.14 -7.90 -33.95
CA GLY B 235 16.13 -8.71 -33.25
C GLY B 235 15.68 -9.17 -31.86
N LEU B 236 14.40 -9.54 -31.72
CA LEU B 236 13.84 -9.89 -30.42
C LEU B 236 14.17 -11.32 -29.99
N THR B 237 14.44 -11.46 -28.69
CA THR B 237 14.42 -12.74 -27.99
C THR B 237 13.11 -12.84 -27.19
N PHE B 238 12.30 -13.89 -27.44
CA PHE B 238 11.08 -14.15 -26.70
C PHE B 238 11.39 -15.04 -25.49
N HIS B 239 10.72 -14.73 -24.37
CA HIS B 239 10.78 -15.57 -23.17
C HIS B 239 9.36 -15.98 -22.82
N GLU B 240 9.08 -17.30 -22.77
CA GLU B 240 7.72 -17.71 -22.46
C GLU B 240 7.42 -17.46 -20.99
N ASN B 241 8.44 -17.42 -20.12
CA ASN B 241 8.25 -17.15 -18.69
C ASN B 241 9.00 -15.86 -18.33
N VAL B 242 8.33 -14.93 -17.65
CA VAL B 242 8.93 -13.63 -17.36
C VAL B 242 10.18 -13.81 -16.49
N GLU B 243 10.21 -14.83 -15.62
CA GLU B 243 11.37 -15.12 -14.77
C GLU B 243 12.67 -15.25 -15.57
N ASP B 244 12.55 -15.90 -16.76
CA ASP B 244 13.69 -16.13 -17.62
C ASP B 244 14.18 -14.82 -18.25
N MET B 245 13.26 -13.95 -18.60
CA MET B 245 13.66 -12.66 -19.16
C MET B 245 14.38 -11.82 -18.11
N VAL B 246 13.87 -11.70 -16.88
CA VAL B 246 14.42 -10.69 -15.98
C VAL B 246 15.81 -11.11 -15.50
N LYS B 247 16.13 -12.40 -15.58
CA LYS B 247 17.44 -12.89 -15.20
C LYS B 247 18.54 -12.34 -16.09
N VAL B 248 18.26 -12.03 -17.36
CA VAL B 248 19.31 -11.65 -18.28
C VAL B 248 19.30 -10.16 -18.63
N CYS B 249 18.28 -9.40 -18.20
CA CYS B 249 18.13 -8.00 -18.62
C CYS B 249 18.82 -7.02 -17.67
N ASP B 250 19.51 -6.04 -18.25
CA ASP B 250 20.05 -4.89 -17.53
C ASP B 250 18.92 -3.91 -17.16
N VAL B 251 17.94 -3.83 -18.06
CA VAL B 251 16.83 -2.91 -17.95
C VAL B 251 15.56 -3.71 -18.23
N VAL B 252 14.56 -3.59 -17.34
CA VAL B 252 13.23 -4.13 -17.56
C VAL B 252 12.25 -2.98 -17.53
N THR B 253 11.48 -2.87 -18.59
CA THR B 253 10.43 -1.87 -18.74
C THR B 253 9.07 -2.59 -18.75
N ILE B 254 8.16 -2.15 -17.88
CA ILE B 254 6.89 -2.85 -17.64
C ILE B 254 5.79 -2.14 -18.44
N ASN B 255 5.04 -2.89 -19.28
CA ASN B 255 4.07 -2.29 -20.21
C ASN B 255 2.77 -3.08 -20.38
N ALA B 256 2.34 -3.77 -19.30
CA ALA B 256 1.11 -4.56 -19.30
C ALA B 256 0.01 -3.80 -18.56
N PRO B 257 -1.29 -4.11 -18.79
CA PRO B 257 -2.38 -3.56 -17.97
C PRO B 257 -2.35 -4.19 -16.59
N LEU B 258 -3.04 -3.54 -15.64
CA LEU B 258 -3.19 -4.09 -14.29
C LEU B 258 -4.46 -4.92 -14.14
N HIS B 259 -4.27 -6.19 -13.76
CA HIS B 259 -5.34 -7.15 -13.57
C HIS B 259 -4.74 -8.34 -12.82
N PRO B 260 -5.53 -9.37 -12.42
CA PRO B 260 -4.97 -10.41 -11.55
C PRO B 260 -3.68 -11.08 -12.00
N GLU B 261 -3.48 -11.28 -13.31
CA GLU B 261 -2.25 -11.90 -13.80
C GLU B 261 -1.01 -11.04 -13.56
N THR B 262 -1.15 -9.70 -13.51
CA THR B 262 0.00 -8.81 -13.44
C THR B 262 0.16 -8.17 -12.06
N HIS B 263 -0.87 -8.28 -11.19
CA HIS B 263 -0.83 -7.63 -9.89
C HIS B 263 0.31 -8.25 -9.09
N HIS B 264 1.23 -7.39 -8.62
CA HIS B 264 2.40 -7.83 -7.86
C HIS B 264 3.17 -8.95 -8.57
N MET B 265 3.26 -8.82 -9.90
CA MET B 265 4.18 -9.66 -10.67
C MET B 265 5.65 -9.46 -10.24
N PHE B 266 6.04 -8.21 -9.99
CA PHE B 266 7.36 -7.83 -9.56
C PHE B 266 7.33 -7.72 -8.05
N ASP B 267 7.33 -8.90 -7.41
CA ASP B 267 7.35 -8.99 -5.96
C ASP B 267 8.77 -9.32 -5.52
N GLU B 268 8.91 -9.55 -4.22
CA GLU B 268 10.26 -9.74 -3.70
C GLU B 268 10.97 -10.91 -4.41
N ALA B 269 10.26 -12.02 -4.70
CA ALA B 269 10.93 -13.16 -5.32
C ALA B 269 11.34 -12.87 -6.77
N MET B 270 10.51 -12.13 -7.54
CA MET B 270 10.84 -11.80 -8.91
C MET B 270 12.05 -10.86 -8.95
N ILE B 271 12.09 -9.87 -8.06
CA ILE B 271 13.11 -8.86 -8.11
C ILE B 271 14.43 -9.54 -7.77
N LYS B 272 14.38 -10.51 -6.83
CA LYS B 272 15.59 -11.24 -6.45
C LYS B 272 16.24 -11.97 -7.62
N LYS B 273 15.48 -12.33 -8.63
CA LYS B 273 16.01 -13.07 -9.79
C LYS B 273 16.72 -12.14 -10.78
N MET B 274 16.53 -10.83 -10.62
CA MET B 274 17.11 -9.84 -11.51
C MET B 274 18.61 -9.71 -11.23
N LYS B 275 19.35 -9.19 -12.21
CA LYS B 275 20.78 -8.95 -12.08
C LYS B 275 21.04 -7.84 -11.06
N ARG B 276 22.12 -7.96 -10.27
CA ARG B 276 22.48 -6.86 -9.38
C ARG B 276 22.78 -5.62 -10.23
N GLY B 277 22.18 -4.48 -9.86
CA GLY B 277 22.38 -3.28 -10.63
C GLY B 277 21.42 -3.14 -11.82
N ALA B 278 20.40 -4.00 -11.92
CA ALA B 278 19.36 -3.82 -12.94
C ALA B 278 18.56 -2.55 -12.65
N TYR B 279 17.93 -2.07 -13.72
CA TYR B 279 17.04 -0.92 -13.67
C TYR B 279 15.64 -1.35 -14.04
N ILE B 280 14.64 -0.74 -13.35
CA ILE B 280 13.25 -0.95 -13.73
C ILE B 280 12.66 0.41 -14.12
N VAL B 281 12.00 0.41 -15.26
CA VAL B 281 11.13 1.51 -15.67
C VAL B 281 9.69 0.97 -15.73
N ASN B 282 8.77 1.72 -15.12
CA ASN B 282 7.39 1.28 -14.98
C ASN B 282 6.43 2.44 -15.20
N THR B 283 5.99 2.55 -16.46
CA THR B 283 5.01 3.54 -16.87
C THR B 283 3.65 2.89 -17.06
N ALA B 284 3.49 1.65 -16.57
CA ALA B 284 2.27 0.88 -16.79
C ALA B 284 1.29 1.19 -15.66
N ARG B 285 1.38 0.39 -14.58
CA ARG B 285 0.67 0.64 -13.34
C ARG B 285 1.58 0.28 -12.17
N ALA B 286 1.51 1.08 -11.11
CA ALA B 286 2.36 0.88 -9.95
C ALA B 286 2.24 -0.54 -9.39
N GLU B 287 0.99 -1.04 -9.23
CA GLU B 287 0.75 -2.29 -8.49
C GLU B 287 1.08 -3.54 -9.33
N ILE B 288 1.72 -3.39 -10.49
CA ILE B 288 2.39 -4.53 -11.10
C ILE B 288 3.62 -4.88 -10.25
N CYS B 289 4.11 -3.89 -9.48
CA CYS B 289 5.19 -4.08 -8.53
C CYS B 289 4.68 -4.04 -7.10
N ASP B 290 5.31 -4.81 -6.20
CA ASP B 290 5.14 -4.60 -4.77
C ASP B 290 5.95 -3.37 -4.38
N ARG B 291 5.27 -2.38 -3.78
CA ARG B 291 5.85 -1.05 -3.57
C ARG B 291 7.08 -1.13 -2.68
N ASP B 292 6.91 -1.81 -1.54
CA ASP B 292 7.97 -1.89 -0.55
C ASP B 292 9.10 -2.83 -0.98
N ALA B 293 8.83 -3.88 -1.79
CA ALA B 293 9.91 -4.75 -2.26
C ALA B 293 10.84 -3.97 -3.20
N ILE B 294 10.24 -3.06 -4.00
CA ILE B 294 11.01 -2.17 -4.86
C ILE B 294 11.91 -1.30 -4.00
N VAL B 295 11.33 -0.71 -2.94
CA VAL B 295 12.12 0.18 -2.08
C VAL B 295 13.29 -0.60 -1.43
N ARG B 296 13.04 -1.78 -0.83
CA ARG B 296 14.14 -2.52 -0.22
C ARG B 296 15.24 -2.87 -1.24
N ALA B 297 14.88 -3.27 -2.47
CA ALA B 297 15.85 -3.67 -3.48
C ALA B 297 16.67 -2.45 -3.95
N VAL B 298 16.02 -1.30 -4.11
CA VAL B 298 16.77 -0.06 -4.39
C VAL B 298 17.74 0.29 -3.24
N GLU B 299 17.24 0.27 -2.01
CA GLU B 299 18.05 0.65 -0.85
C GLU B 299 19.22 -0.33 -0.71
N SER B 300 19.05 -1.59 -1.09
CA SER B 300 20.13 -2.56 -0.89
C SER B 300 21.15 -2.52 -2.06
N GLY B 301 20.80 -1.84 -3.14
CA GLY B 301 21.66 -1.76 -4.29
C GLY B 301 21.41 -2.93 -5.26
N HIS B 302 20.39 -3.76 -4.98
CA HIS B 302 20.09 -4.82 -5.93
C HIS B 302 19.54 -4.25 -7.23
N LEU B 303 18.74 -3.20 -7.11
CA LEU B 303 18.32 -2.40 -8.23
C LEU B 303 19.14 -1.11 -8.21
N ALA B 304 19.75 -0.73 -9.34
CA ALA B 304 20.52 0.50 -9.45
C ALA B 304 19.57 1.71 -9.56
N GLY B 305 18.33 1.50 -9.96
CA GLY B 305 17.39 2.61 -10.05
C GLY B 305 16.02 2.15 -10.54
N TYR B 306 15.01 2.96 -10.20
CA TYR B 306 13.64 2.70 -10.57
C TYR B 306 13.06 4.04 -11.01
N ALA B 307 12.38 4.03 -12.14
CA ALA B 307 11.72 5.23 -12.60
C ALA B 307 10.37 4.88 -13.22
N GLY B 308 9.42 5.78 -13.02
CA GLY B 308 8.13 5.60 -13.67
C GLY B 308 7.26 6.81 -13.35
N ASP B 309 6.03 6.84 -13.91
CA ASP B 309 5.11 7.94 -13.64
C ASP B 309 3.85 7.50 -12.90
N VAL B 310 3.76 6.20 -12.57
CA VAL B 310 2.53 5.67 -12.01
C VAL B 310 2.77 5.21 -10.57
N TRP B 311 1.70 5.40 -9.77
CA TRP B 311 1.74 5.28 -8.33
C TRP B 311 0.45 4.64 -7.82
N ASN B 312 0.48 4.18 -6.56
CA ASN B 312 -0.75 3.78 -5.90
C ASN B 312 -0.72 4.28 -4.46
N PRO B 313 -1.81 4.91 -3.96
CA PRO B 313 -2.94 5.38 -4.78
C PRO B 313 -2.54 6.63 -5.56
N GLN B 314 -3.53 7.22 -6.27
CA GLN B 314 -3.32 8.43 -7.03
C GLN B 314 -4.42 9.45 -6.70
N PRO B 315 -4.09 10.66 -6.23
CA PRO B 315 -2.71 11.14 -6.10
C PRO B 315 -1.92 10.46 -4.97
N ALA B 316 -0.61 10.33 -5.16
CA ALA B 316 0.21 9.63 -4.18
C ALA B 316 0.33 10.51 -2.95
N PRO B 317 0.30 9.96 -1.71
CA PRO B 317 0.56 10.77 -0.52
C PRO B 317 1.95 11.40 -0.58
N ALA B 318 2.11 12.51 0.14
CA ALA B 318 3.36 13.25 0.17
C ALA B 318 4.51 12.39 0.69
N ASP B 319 4.18 11.42 1.52
CA ASP B 319 5.23 10.62 2.16
C ASP B 319 5.47 9.30 1.40
N HIS B 320 4.93 9.14 0.19
CA HIS B 320 5.11 7.88 -0.55
C HIS B 320 6.60 7.59 -0.77
N PRO B 321 7.12 6.39 -0.41
CA PRO B 321 8.56 6.20 -0.37
C PRO B 321 9.29 6.18 -1.73
N TRP B 322 8.53 6.00 -2.83
CA TRP B 322 9.15 6.07 -4.14
C TRP B 322 9.65 7.49 -4.48
N ARG B 323 9.10 8.52 -3.79
CA ARG B 323 9.49 9.89 -4.04
C ARG B 323 10.96 10.18 -3.68
N THR B 324 11.51 9.48 -2.66
CA THR B 324 12.80 9.84 -2.10
C THR B 324 13.76 8.66 -2.03
N MET B 325 13.41 7.51 -2.63
CA MET B 325 14.29 6.37 -2.59
C MET B 325 15.52 6.71 -3.43
N PRO B 326 16.70 6.18 -3.08
CA PRO B 326 17.92 6.46 -3.86
C PRO B 326 17.80 6.27 -5.37
N TRP B 327 18.32 7.23 -6.13
CA TRP B 327 18.49 7.19 -7.59
C TRP B 327 17.18 7.16 -8.39
N ASN B 328 16.03 7.45 -7.75
CA ASN B 328 14.76 7.28 -8.43
C ASN B 328 14.66 8.34 -9.53
N GLY B 329 13.94 8.00 -10.59
CA GLY B 329 13.69 8.95 -11.67
C GLY B 329 12.20 9.28 -11.82
N MET B 330 11.44 9.32 -10.71
CA MET B 330 9.99 9.38 -10.77
C MET B 330 9.49 10.73 -11.31
N THR B 331 8.31 10.67 -11.93
CA THR B 331 7.46 11.83 -12.11
C THR B 331 6.10 11.50 -11.53
N PRO B 332 5.24 12.52 -11.28
CA PRO B 332 3.81 12.27 -11.11
C PRO B 332 3.25 11.65 -12.41
N HIS B 333 1.99 11.21 -12.39
CA HIS B 333 1.40 10.45 -13.49
C HIS B 333 1.04 11.44 -14.62
N MET B 334 1.99 11.57 -15.55
CA MET B 334 1.96 12.64 -16.52
C MET B 334 2.07 12.14 -17.96
N SER B 335 2.61 10.93 -18.23
CA SER B 335 3.09 10.68 -19.59
C SER B 335 1.92 10.66 -20.55
N GLY B 336 0.84 10.01 -20.13
CA GLY B 336 -0.36 9.86 -20.92
C GLY B 336 -1.16 11.14 -21.05
N THR B 337 -0.79 12.18 -20.26
CA THR B 337 -1.49 13.45 -20.31
C THR B 337 -0.54 14.59 -20.71
N SER B 338 0.47 14.29 -21.54
CA SER B 338 1.10 15.33 -22.35
C SER B 338 -0.04 16.10 -23.03
N LEU B 339 0.18 17.37 -23.41
CA LEU B 339 -0.88 18.07 -24.15
C LEU B 339 -1.23 17.31 -25.43
N SER B 340 -0.24 16.65 -26.03
CA SER B 340 -0.41 15.90 -27.28
C SER B 340 -1.32 14.68 -27.08
N GLY B 341 -1.01 13.86 -26.06
CA GLY B 341 -1.87 12.76 -25.66
C GLY B 341 -3.30 13.19 -25.29
N GLN B 342 -3.43 14.33 -24.59
CA GLN B 342 -4.73 14.86 -24.18
C GLN B 342 -5.60 15.15 -25.39
N ALA B 343 -5.03 15.72 -26.46
CA ALA B 343 -5.83 16.06 -27.63
C ALA B 343 -6.50 14.80 -28.18
N ARG B 344 -5.80 13.67 -28.18
CA ARG B 344 -6.36 12.46 -28.78
C ARG B 344 -7.36 11.81 -27.80
N TYR B 345 -7.04 11.69 -26.49
CA TYR B 345 -7.99 11.00 -25.63
C TYR B 345 -9.24 11.84 -25.38
N THR B 346 -9.11 13.18 -25.50
CA THR B 346 -10.26 14.05 -25.30
C THR B 346 -11.20 13.96 -26.51
N ALA B 347 -10.63 13.96 -27.69
CA ALA B 347 -11.33 13.63 -28.93
C ALA B 347 -12.04 12.28 -28.83
N GLY B 348 -11.33 11.26 -28.32
CA GLY B 348 -11.93 9.94 -28.16
C GLY B 348 -13.07 9.92 -27.15
N THR B 349 -12.97 10.69 -26.06
CA THR B 349 -13.98 10.76 -25.03
C THR B 349 -15.28 11.28 -25.67
N ARG B 350 -15.15 12.27 -26.52
CA ARG B 350 -16.29 12.83 -27.26
C ARG B 350 -16.85 11.80 -28.26
N GLU B 351 -15.98 11.07 -28.97
CA GLU B 351 -16.42 10.08 -29.95
C GLU B 351 -17.33 9.06 -29.26
N ILE B 352 -16.87 8.61 -28.07
CA ILE B 352 -17.57 7.61 -27.28
C ILE B 352 -18.92 8.13 -26.82
N LEU B 353 -18.95 9.38 -26.33
CA LEU B 353 -20.19 9.94 -25.84
C LEU B 353 -21.19 10.09 -26.99
N GLU B 354 -20.71 10.44 -28.19
CA GLU B 354 -21.58 10.65 -29.35
C GLU B 354 -22.27 9.33 -29.72
N CYS B 355 -21.48 8.27 -29.79
CA CYS B 355 -21.97 6.92 -30.01
C CYS B 355 -23.03 6.58 -28.95
N TRP B 356 -22.69 6.83 -27.68
CA TRP B 356 -23.58 6.53 -26.58
C TRP B 356 -24.93 7.23 -26.77
N PHE B 357 -24.92 8.55 -26.99
CA PHE B 357 -26.17 9.30 -26.95
C PHE B 357 -26.98 9.10 -28.23
N GLU B 358 -26.33 8.64 -29.29
CA GLU B 358 -27.00 8.44 -30.56
C GLU B 358 -27.36 6.97 -30.75
N GLY B 359 -27.08 6.12 -29.75
CA GLY B 359 -27.39 4.71 -29.86
C GLY B 359 -26.57 3.96 -30.90
N ARG B 360 -25.35 4.45 -31.19
CA ARG B 360 -24.48 3.74 -32.10
C ARG B 360 -23.49 2.93 -31.25
N PRO B 361 -22.98 1.80 -31.75
CA PRO B 361 -22.02 1.00 -31.00
C PRO B 361 -20.75 1.81 -30.74
N ILE B 362 -20.19 1.67 -29.52
CA ILE B 362 -18.87 2.20 -29.22
C ILE B 362 -17.85 1.36 -29.98
N ARG B 363 -16.83 2.04 -30.55
CA ARG B 363 -15.81 1.35 -31.29
C ARG B 363 -15.27 0.20 -30.45
N GLU B 364 -15.20 -1.01 -31.01
CA GLU B 364 -14.87 -2.19 -30.23
C GLU B 364 -13.49 -2.03 -29.54
N ASP B 365 -12.56 -1.31 -30.18
CA ASP B 365 -11.22 -1.13 -29.64
C ASP B 365 -11.26 -0.47 -28.27
N TYR B 366 -12.28 0.38 -28.05
CA TYR B 366 -12.41 1.14 -26.82
C TYR B 366 -13.08 0.34 -25.71
N VAL B 367 -13.69 -0.80 -26.03
CA VAL B 367 -14.52 -1.45 -25.01
C VAL B 367 -13.63 -2.31 -24.12
N ILE B 368 -13.92 -2.20 -22.80
CA ILE B 368 -13.30 -3.03 -21.78
C ILE B 368 -14.29 -4.05 -21.21
N VAL B 369 -15.43 -3.54 -20.73
CA VAL B 369 -16.55 -4.31 -20.21
C VAL B 369 -17.83 -3.87 -20.93
N ASP B 370 -18.57 -4.88 -21.41
CA ASP B 370 -19.88 -4.66 -21.97
C ASP B 370 -20.74 -5.91 -21.84
N GLY B 371 -22.02 -5.71 -21.48
CA GLY B 371 -22.98 -6.76 -21.18
C GLY B 371 -22.46 -7.81 -20.20
N GLY B 372 -21.95 -7.35 -19.04
CA GLY B 372 -21.54 -8.27 -17.98
C GLY B 372 -20.42 -9.22 -18.36
N LYS B 373 -19.53 -8.76 -19.26
CA LYS B 373 -18.38 -9.52 -19.71
C LYS B 373 -17.25 -8.57 -20.11
N LEU B 374 -16.01 -9.03 -19.91
CA LEU B 374 -14.85 -8.53 -20.64
C LEU B 374 -15.16 -8.68 -22.12
N ALA B 375 -15.01 -7.58 -22.86
CA ALA B 375 -15.40 -7.48 -24.26
C ALA B 375 -14.38 -6.58 -24.97
N GLY B 376 -14.28 -6.71 -26.29
CA GLY B 376 -13.35 -5.94 -27.09
C GLY B 376 -11.94 -6.02 -26.52
N THR B 377 -11.34 -4.84 -26.27
CA THR B 377 -9.94 -4.79 -25.81
C THR B 377 -9.83 -5.42 -24.42
N GLY B 378 -10.89 -5.28 -23.62
CA GLY B 378 -10.97 -5.90 -22.30
C GLY B 378 -10.77 -7.41 -22.33
N ALA B 379 -11.40 -8.08 -23.32
CA ALA B 379 -11.26 -9.52 -23.48
C ALA B 379 -9.86 -9.92 -23.97
N LEU B 380 -9.16 -9.04 -24.71
CA LEU B 380 -7.83 -9.35 -25.22
C LEU B 380 -6.73 -9.09 -24.19
N SER B 381 -6.87 -8.04 -23.37
CA SER B 381 -5.73 -7.62 -22.55
C SER B 381 -5.95 -7.67 -21.03
N TYR B 382 -7.18 -7.90 -20.57
CA TYR B 382 -7.51 -8.05 -19.16
C TYR B 382 -7.99 -9.48 -18.84
N THR B 383 -8.00 -9.81 -17.53
CA THR B 383 -8.69 -10.97 -16.96
C THR B 383 -9.42 -10.55 -15.69
N VAL B 384 -10.43 -11.37 -15.32
CA VAL B 384 -11.05 -11.34 -14.00
C VAL B 384 -10.99 -12.77 -13.43
N LEU B 385 -10.88 -12.93 -12.12
CA LEU B 385 -10.84 -14.27 -11.52
C LEU B 385 -12.22 -14.98 -11.55
N ALA C 2 -60.24 -19.28 12.48
CA ALA C 2 -59.66 -18.77 13.75
C ALA C 2 -58.61 -17.70 13.43
N LYS C 3 -58.42 -16.75 14.38
CA LYS C 3 -57.54 -15.61 14.18
C LYS C 3 -56.33 -15.75 15.10
N ILE C 4 -55.14 -15.62 14.48
CA ILE C 4 -53.86 -15.53 15.15
C ILE C 4 -53.38 -14.09 15.03
N LEU C 5 -53.07 -13.47 16.17
CA LEU C 5 -52.69 -12.07 16.32
C LEU C 5 -51.23 -12.05 16.79
N CYS C 6 -50.36 -11.48 15.96
CA CYS C 6 -48.93 -11.59 16.14
C CYS C 6 -48.34 -10.18 16.13
N VAL C 7 -47.63 -9.86 17.21
CA VAL C 7 -46.98 -8.57 17.35
C VAL C 7 -45.47 -8.77 17.23
N LEU C 8 -44.86 -7.98 16.33
CA LEU C 8 -43.43 -8.05 16.03
C LEU C 8 -42.83 -6.65 15.97
N TYR C 9 -41.48 -6.56 16.08
CA TYR C 9 -40.81 -5.27 16.08
C TYR C 9 -40.78 -4.70 14.66
N PRO C 10 -40.62 -3.37 14.54
CA PRO C 10 -40.54 -2.72 13.22
C PRO C 10 -39.43 -3.29 12.34
N ASP C 11 -39.68 -3.27 11.03
CA ASP C 11 -38.65 -3.59 10.04
C ASP C 11 -37.44 -2.65 10.18
N PRO C 12 -36.27 -3.02 9.60
CA PRO C 12 -35.12 -2.11 9.49
C PRO C 12 -35.48 -0.82 8.74
N VAL C 13 -34.77 0.27 9.09
CA VAL C 13 -35.12 1.63 8.65
C VAL C 13 -35.19 1.75 7.11
N ASN C 14 -34.34 1.03 6.38
CA ASN C 14 -34.33 1.12 4.92
C ASN C 14 -35.10 -0.02 4.28
N GLY C 15 -35.96 -0.72 5.05
CA GLY C 15 -36.80 -1.75 4.46
C GLY C 15 -36.41 -3.15 4.93
N TYR C 16 -37.38 -4.06 4.80
CA TYR C 16 -37.09 -5.47 5.01
C TYR C 16 -35.96 -5.88 4.07
N PRO C 17 -34.93 -6.62 4.54
CA PRO C 17 -33.78 -6.97 3.69
C PRO C 17 -34.17 -7.90 2.54
N LYS C 18 -33.62 -7.62 1.34
CA LYS C 18 -33.80 -8.50 0.19
C LYS C 18 -32.65 -9.49 0.07
N THR C 19 -31.49 -9.19 0.68
CA THR C 19 -30.37 -10.11 0.77
C THR C 19 -29.79 -10.11 2.19
N TYR C 20 -29.01 -11.14 2.49
CA TYR C 20 -28.39 -11.29 3.79
C TYR C 20 -26.88 -11.39 3.58
N ALA C 21 -26.12 -11.24 4.67
CA ALA C 21 -24.65 -11.34 4.66
C ALA C 21 -24.18 -12.75 4.30
N ARG C 22 -25.01 -13.77 4.53
CA ARG C 22 -24.63 -15.14 4.28
C ARG C 22 -25.84 -15.98 3.85
N ASP C 23 -25.52 -17.18 3.35
CA ASP C 23 -26.49 -18.06 2.72
C ASP C 23 -27.15 -19.03 3.71
N GLU C 24 -26.38 -19.56 4.68
CA GLU C 24 -26.89 -20.57 5.61
C GLU C 24 -26.32 -20.27 6.99
N ILE C 25 -27.03 -20.73 8.04
CA ILE C 25 -26.49 -20.72 9.40
C ILE C 25 -26.36 -22.15 9.94
N PRO C 26 -25.61 -22.33 11.04
CA PRO C 26 -25.46 -23.67 11.61
C PRO C 26 -26.79 -24.23 12.10
N ASN C 27 -26.92 -25.55 11.99
CA ASN C 27 -28.09 -26.28 12.45
C ASN C 27 -27.82 -26.78 13.87
N ILE C 28 -28.36 -26.06 14.86
CA ILE C 28 -28.18 -26.43 16.26
C ILE C 28 -29.31 -27.39 16.65
N THR C 29 -28.96 -28.59 17.15
CA THR C 29 -29.95 -29.64 17.38
C THR C 29 -30.19 -29.96 18.86
N VAL C 30 -29.29 -29.56 19.76
CA VAL C 30 -29.42 -29.91 21.18
C VAL C 30 -28.74 -28.83 22.01
N TYR C 31 -29.22 -28.71 23.25
CA TYR C 31 -28.68 -27.77 24.22
C TYR C 31 -27.85 -28.54 25.24
N ASP C 32 -27.08 -27.79 26.06
CA ASP C 32 -26.16 -28.39 27.04
C ASP C 32 -26.85 -29.36 28.01
N ASN C 33 -28.08 -29.09 28.46
CA ASN C 33 -28.70 -29.93 29.48
C ASN C 33 -29.41 -31.16 28.88
N GLY C 34 -29.24 -31.40 27.58
CA GLY C 34 -29.86 -32.54 26.90
C GLY C 34 -31.19 -32.20 26.21
N GLN C 35 -31.82 -31.07 26.55
CA GLN C 35 -33.01 -30.62 25.83
C GLN C 35 -32.71 -30.54 24.33
N THR C 36 -33.63 -31.08 23.51
CA THR C 36 -33.48 -30.91 22.07
C THR C 36 -33.99 -29.54 21.62
N ALA C 37 -33.40 -29.06 20.53
CA ALA C 37 -33.83 -27.84 19.90
C ALA C 37 -35.15 -28.12 19.16
N PRO C 38 -35.89 -27.10 18.73
CA PRO C 38 -37.26 -27.33 18.26
C PRO C 38 -37.35 -28.32 17.09
N THR C 39 -38.47 -29.02 17.02
CA THR C 39 -38.68 -30.08 16.04
C THR C 39 -40.00 -29.87 15.30
N PRO C 40 -40.22 -28.73 14.61
CA PRO C 40 -41.43 -28.60 13.80
C PRO C 40 -41.40 -29.66 12.71
N LYS C 41 -42.58 -30.07 12.24
CA LYS C 41 -42.72 -31.02 11.16
C LYS C 41 -42.22 -30.40 9.86
N ALA C 42 -42.53 -29.12 9.66
CA ALA C 42 -42.05 -28.37 8.52
C ALA C 42 -41.88 -26.91 8.94
N ILE C 43 -41.04 -26.17 8.19
CA ILE C 43 -40.91 -24.72 8.30
C ILE C 43 -41.01 -24.08 6.92
N ASP C 44 -41.49 -22.83 6.86
CA ASP C 44 -41.63 -22.06 5.64
C ASP C 44 -40.68 -20.84 5.67
N PHE C 45 -39.49 -21.01 6.26
CA PHE C 45 -38.45 -20.01 6.23
C PHE C 45 -37.10 -20.72 6.08
N LYS C 46 -36.12 -19.99 5.57
CA LYS C 46 -34.75 -20.47 5.62
C LYS C 46 -34.11 -19.89 6.88
N PRO C 47 -33.58 -20.76 7.77
CA PRO C 47 -32.83 -20.29 8.94
C PRO C 47 -31.81 -19.27 8.46
N GLY C 48 -31.80 -18.11 9.13
CA GLY C 48 -30.96 -16.99 8.75
C GLY C 48 -31.79 -15.78 8.33
N GLU C 49 -33.07 -15.99 7.98
CA GLU C 49 -33.92 -14.88 7.61
C GLU C 49 -34.30 -14.09 8.84
N LEU C 50 -34.66 -12.81 8.60
CA LEU C 50 -35.16 -11.94 9.64
C LEU C 50 -36.64 -12.28 9.83
N LEU C 51 -36.93 -12.91 10.98
CA LEU C 51 -38.23 -13.51 11.24
C LEU C 51 -39.02 -12.69 12.26
N GLY C 52 -38.33 -11.91 13.11
CA GLY C 52 -38.95 -11.25 14.24
C GLY C 52 -39.46 -9.82 14.00
N SER C 53 -39.25 -9.31 12.78
CA SER C 53 -39.80 -8.03 12.37
C SER C 53 -41.12 -8.23 11.63
N VAL C 54 -41.85 -7.13 11.48
CA VAL C 54 -43.20 -7.21 10.93
C VAL C 54 -43.21 -7.97 9.60
N SER C 55 -42.30 -7.66 8.68
CA SER C 55 -42.34 -8.29 7.34
C SER C 55 -41.86 -9.72 7.39
N GLY C 56 -41.16 -10.11 8.46
CA GLY C 56 -40.70 -11.48 8.62
C GLY C 56 -41.82 -12.45 8.99
N GLU C 57 -42.76 -11.99 9.84
CA GLU C 57 -43.99 -12.71 10.17
C GLU C 57 -43.76 -14.07 10.84
N LEU C 58 -42.57 -14.29 11.45
CA LEU C 58 -42.20 -15.59 11.98
C LEU C 58 -42.40 -16.74 10.97
N GLY C 59 -42.38 -16.41 9.67
CA GLY C 59 -42.59 -17.37 8.59
C GLY C 59 -43.83 -18.25 8.73
N LEU C 60 -44.94 -17.68 9.24
CA LEU C 60 -46.14 -18.43 9.59
C LEU C 60 -47.28 -18.26 8.57
N ARG C 61 -47.21 -17.28 7.67
CA ARG C 61 -48.41 -16.88 6.95
C ARG C 61 -48.90 -17.99 6.00
N LYS C 62 -48.00 -18.65 5.27
CA LYS C 62 -48.43 -19.68 4.34
C LYS C 62 -49.14 -20.81 5.11
N TYR C 63 -48.55 -21.19 6.26
CA TYR C 63 -49.04 -22.30 7.04
C TYR C 63 -50.45 -22.00 7.58
N LEU C 64 -50.60 -20.82 8.22
CA LEU C 64 -51.84 -20.44 8.89
C LEU C 64 -52.95 -20.22 7.85
N GLU C 65 -52.63 -19.54 6.76
CA GLU C 65 -53.65 -19.25 5.75
C GLU C 65 -54.04 -20.52 5.00
N GLY C 66 -53.08 -21.42 4.84
CA GLY C 66 -53.32 -22.74 4.28
C GLY C 66 -54.27 -23.60 5.12
N LEU C 67 -54.37 -23.33 6.44
CA LEU C 67 -55.32 -24.03 7.29
C LEU C 67 -56.66 -23.32 7.34
N GLY C 68 -56.77 -22.18 6.66
CA GLY C 68 -58.00 -21.39 6.61
C GLY C 68 -58.10 -20.33 7.70
N HIS C 69 -56.98 -20.06 8.39
CA HIS C 69 -56.99 -19.12 9.50
C HIS C 69 -56.65 -17.73 9.03
N GLU C 70 -56.91 -16.75 9.92
CA GLU C 70 -56.59 -15.36 9.64
C GLU C 70 -55.38 -14.99 10.49
N PHE C 71 -54.38 -14.38 9.84
CA PHE C 71 -53.11 -14.02 10.45
C PHE C 71 -52.89 -12.50 10.37
N ILE C 72 -52.90 -11.86 11.54
CA ILE C 72 -52.74 -10.43 11.64
C ILE C 72 -51.39 -10.15 12.30
N VAL C 73 -50.49 -9.44 11.58
CA VAL C 73 -49.19 -9.04 12.08
C VAL C 73 -49.12 -7.53 12.24
N THR C 74 -48.66 -7.07 13.41
CA THR C 74 -48.54 -5.63 13.63
C THR C 74 -47.42 -5.36 14.62
N SER C 75 -46.83 -4.17 14.56
CA SER C 75 -45.96 -3.67 15.61
C SER C 75 -46.68 -2.71 16.55
N ASP C 76 -47.92 -2.31 16.21
CA ASP C 76 -48.63 -1.30 16.98
C ASP C 76 -49.37 -1.92 18.18
N LYS C 77 -48.82 -1.80 19.41
CA LYS C 77 -49.31 -2.59 20.54
C LYS C 77 -49.63 -1.74 21.78
N GLU C 78 -49.48 -0.41 21.75
CA GLU C 78 -49.53 0.37 22.99
C GLU C 78 -50.92 0.95 23.15
N GLY C 79 -51.57 0.62 24.29
CA GLY C 79 -52.78 1.32 24.70
C GLY C 79 -54.04 0.87 23.97
N PRO C 80 -55.21 1.46 24.35
CA PRO C 80 -56.51 0.97 23.89
C PRO C 80 -56.91 1.23 22.44
N ASP C 81 -56.17 2.08 21.71
CA ASP C 81 -56.49 2.37 20.33
C ASP C 81 -55.46 1.75 19.37
N SER C 82 -54.61 0.83 19.84
CA SER C 82 -53.66 0.14 19.01
C SER C 82 -54.36 -0.92 18.14
N GLU C 83 -53.69 -1.30 17.06
CA GLU C 83 -54.08 -2.40 16.20
C GLU C 83 -54.17 -3.67 17.04
N PHE C 84 -53.23 -3.83 17.99
CA PHE C 84 -53.26 -5.01 18.86
C PHE C 84 -54.59 -5.06 19.62
N GLU C 85 -54.95 -3.95 20.27
CA GLU C 85 -56.11 -3.92 21.13
C GLU C 85 -57.42 -4.06 20.33
N LYS C 86 -57.38 -3.59 19.07
CA LYS C 86 -58.53 -3.69 18.19
C LYS C 86 -58.81 -5.15 17.79
N HIS C 87 -57.79 -6.01 17.71
CA HIS C 87 -57.96 -7.41 17.33
C HIS C 87 -58.02 -8.38 18.51
N LEU C 88 -57.70 -7.88 19.71
CA LEU C 88 -57.59 -8.66 20.93
C LEU C 88 -58.88 -9.44 21.24
N PRO C 89 -60.08 -8.85 21.04
CA PRO C 89 -61.33 -9.50 21.45
C PRO C 89 -61.68 -10.84 20.81
N ASP C 90 -61.22 -11.10 19.58
CA ASP C 90 -61.55 -12.35 18.91
C ASP C 90 -60.32 -13.14 18.42
N ALA C 91 -59.13 -12.82 18.90
CA ALA C 91 -57.95 -13.66 18.66
C ALA C 91 -58.02 -14.94 19.48
N GLU C 92 -57.80 -16.10 18.82
CA GLU C 92 -57.70 -17.36 19.53
C GLU C 92 -56.27 -17.54 20.05
N ILE C 93 -55.30 -17.02 19.28
CA ILE C 93 -53.88 -17.17 19.57
C ILE C 93 -53.23 -15.78 19.46
N ILE C 94 -52.45 -15.42 20.49
CA ILE C 94 -51.67 -14.20 20.48
C ILE C 94 -50.19 -14.55 20.62
N ILE C 95 -49.36 -13.99 19.73
CA ILE C 95 -47.92 -14.29 19.67
C ILE C 95 -47.17 -12.98 19.77
N SER C 96 -46.20 -12.90 20.70
CA SER C 96 -45.23 -11.82 20.68
C SER C 96 -43.92 -12.28 21.29
N GLN C 97 -42.89 -11.46 21.09
CA GLN C 97 -41.54 -11.71 21.55
C GLN C 97 -41.26 -10.81 22.75
N PRO C 98 -40.35 -11.19 23.67
CA PRO C 98 -39.89 -10.23 24.69
C PRO C 98 -39.18 -8.98 24.18
N PHE C 99 -38.70 -9.01 22.93
CA PHE C 99 -38.02 -7.87 22.30
C PHE C 99 -39.03 -6.82 21.85
N TRP C 100 -40.32 -7.18 21.81
CA TRP C 100 -41.35 -6.22 21.44
C TRP C 100 -42.68 -6.77 21.96
N PRO C 101 -42.84 -6.79 23.29
CA PRO C 101 -43.89 -7.58 23.95
C PRO C 101 -45.27 -6.92 23.90
N ALA C 102 -46.28 -7.70 23.51
CA ALA C 102 -47.69 -7.34 23.61
C ALA C 102 -48.25 -7.77 24.98
N TYR C 103 -48.39 -6.78 25.86
CA TYR C 103 -48.82 -6.95 27.25
C TYR C 103 -50.23 -7.56 27.31
N LEU C 104 -50.34 -8.60 28.14
CA LEU C 104 -51.60 -9.27 28.45
C LEU C 104 -51.81 -9.28 29.95
N GLY C 105 -52.13 -8.11 30.49
CA GLY C 105 -52.53 -7.99 31.88
C GLY C 105 -53.98 -8.40 32.13
N PRO C 106 -54.49 -8.28 33.38
CA PRO C 106 -55.86 -8.72 33.73
C PRO C 106 -56.99 -8.10 32.90
N GLU C 107 -56.90 -6.79 32.65
CA GLU C 107 -57.90 -6.11 31.82
C GLU C 107 -57.96 -6.71 30.42
N ARG C 108 -56.79 -6.84 29.78
CA ARG C 108 -56.73 -7.30 28.41
C ARG C 108 -57.21 -8.74 28.31
N LEU C 109 -56.77 -9.59 29.25
CA LEU C 109 -57.15 -10.99 29.20
C LEU C 109 -58.66 -11.14 29.43
N ALA C 110 -59.26 -10.24 30.20
CA ALA C 110 -60.72 -10.26 30.34
C ALA C 110 -61.42 -9.87 29.02
N LYS C 111 -60.83 -8.95 28.24
CA LYS C 111 -61.39 -8.55 26.96
C LYS C 111 -61.18 -9.61 25.86
N ALA C 112 -60.13 -10.45 25.96
CA ALA C 112 -59.75 -11.41 24.93
C ALA C 112 -60.61 -12.67 25.03
N LYS C 113 -61.86 -12.54 24.56
CA LYS C 113 -62.94 -13.46 24.83
C LYS C 113 -62.78 -14.76 24.07
N LYS C 114 -61.93 -14.83 23.04
CA LYS C 114 -61.75 -16.06 22.29
C LYS C 114 -60.37 -16.65 22.55
N LEU C 115 -59.56 -16.02 23.41
CA LEU C 115 -58.16 -16.42 23.54
C LEU C 115 -58.03 -17.82 24.16
N LYS C 116 -57.24 -18.70 23.52
CA LYS C 116 -56.96 -20.03 24.08
C LYS C 116 -55.46 -20.24 24.29
N LEU C 117 -54.63 -19.56 23.48
CA LEU C 117 -53.19 -19.79 23.50
C LEU C 117 -52.42 -18.47 23.40
N ALA C 118 -51.61 -18.21 24.45
CA ALA C 118 -50.68 -17.10 24.47
C ALA C 118 -49.25 -17.64 24.31
N LEU C 119 -48.61 -17.30 23.17
CA LEU C 119 -47.38 -17.93 22.73
C LEU C 119 -46.29 -16.87 22.72
N THR C 120 -45.23 -17.11 23.50
CA THR C 120 -44.07 -16.24 23.46
C THR C 120 -43.03 -16.80 22.48
N ALA C 121 -42.75 -16.04 21.43
CA ALA C 121 -41.70 -16.32 20.46
C ALA C 121 -40.35 -15.89 21.02
N GLY C 122 -39.72 -16.79 21.76
CA GLY C 122 -38.56 -16.51 22.58
C GLY C 122 -38.72 -17.02 24.01
N ILE C 123 -38.11 -16.30 24.96
CA ILE C 123 -38.13 -16.64 26.37
C ILE C 123 -38.37 -15.37 27.17
N GLY C 124 -39.38 -15.38 28.03
CA GLY C 124 -39.72 -14.25 28.89
C GLY C 124 -41.18 -13.86 28.66
N SER C 125 -42.05 -14.30 29.59
CA SER C 125 -43.48 -14.07 29.49
C SER C 125 -44.03 -13.28 30.67
N ASP C 126 -43.16 -12.45 31.28
CA ASP C 126 -43.56 -11.65 32.42
C ASP C 126 -44.67 -10.64 32.06
N HIS C 127 -44.81 -10.28 30.79
CA HIS C 127 -45.86 -9.37 30.36
C HIS C 127 -47.23 -10.05 30.24
N VAL C 128 -47.30 -11.39 30.49
CA VAL C 128 -48.56 -12.10 30.56
C VAL C 128 -48.89 -12.37 32.03
N ASP C 129 -50.10 -12.00 32.45
CA ASP C 129 -50.53 -12.26 33.82
C ASP C 129 -50.96 -13.71 33.92
N LEU C 130 -50.20 -14.55 34.63
CA LEU C 130 -50.48 -15.98 34.58
C LEU C 130 -51.75 -16.37 35.36
N GLU C 131 -52.04 -15.71 36.49
CA GLU C 131 -53.24 -15.97 37.27
C GLU C 131 -54.48 -15.72 36.43
N SER C 132 -54.52 -14.61 35.65
CA SER C 132 -55.65 -14.29 34.78
C SER C 132 -55.74 -15.28 33.64
N ALA C 133 -54.59 -15.65 33.05
CA ALA C 133 -54.61 -16.66 32.00
C ALA C 133 -55.25 -17.94 32.51
N ILE C 134 -54.86 -18.42 33.69
CA ILE C 134 -55.49 -19.63 34.23
C ILE C 134 -57.00 -19.46 34.44
N LYS C 135 -57.46 -18.32 34.96
CA LYS C 135 -58.89 -18.08 35.15
C LYS C 135 -59.66 -18.19 33.84
N HIS C 136 -59.07 -17.76 32.71
CA HIS C 136 -59.76 -17.76 31.43
C HIS C 136 -59.47 -19.02 30.64
N GLY C 137 -58.81 -20.02 31.24
CA GLY C 137 -58.64 -21.28 30.52
C GLY C 137 -57.53 -21.20 29.45
N VAL C 138 -56.59 -20.26 29.61
CA VAL C 138 -55.60 -19.97 28.56
C VAL C 138 -54.31 -20.74 28.85
N THR C 139 -53.75 -21.38 27.80
CA THR C 139 -52.41 -21.95 27.82
C THR C 139 -51.37 -20.90 27.45
N VAL C 140 -50.34 -20.78 28.31
CA VAL C 140 -49.21 -19.88 28.07
C VAL C 140 -47.96 -20.74 27.84
N ALA C 141 -47.28 -20.48 26.72
CA ALA C 141 -46.14 -21.30 26.33
C ALA C 141 -45.06 -20.39 25.73
N GLU C 142 -43.82 -20.85 25.81
CA GLU C 142 -42.68 -20.14 25.24
C GLU C 142 -41.60 -21.15 24.83
N VAL C 143 -40.59 -20.68 24.06
CA VAL C 143 -39.63 -21.59 23.45
C VAL C 143 -38.39 -21.70 24.33
N THR C 144 -38.61 -22.41 25.43
CA THR C 144 -37.63 -22.68 26.45
C THR C 144 -36.31 -23.10 25.81
N GLY C 145 -35.22 -22.54 26.32
CA GLY C 145 -33.86 -22.92 25.90
C GLY C 145 -33.37 -22.22 24.61
N SER C 146 -34.26 -21.54 23.86
CA SER C 146 -33.96 -21.24 22.45
C SER C 146 -32.82 -20.22 22.24
N ASN C 147 -32.58 -19.27 23.16
CA ASN C 147 -31.58 -18.23 22.88
C ASN C 147 -30.71 -18.01 24.13
N SER C 148 -30.65 -19.02 25.03
CA SER C 148 -29.74 -18.99 26.17
C SER C 148 -28.28 -18.79 25.73
N ILE C 149 -27.86 -19.54 24.72
CA ILE C 149 -26.50 -19.46 24.21
C ILE C 149 -26.25 -18.10 23.59
N SER C 150 -27.24 -17.56 22.87
CA SER C 150 -27.10 -16.28 22.23
C SER C 150 -26.73 -15.22 23.28
N VAL C 151 -27.44 -15.24 24.40
CA VAL C 151 -27.20 -14.25 25.46
C VAL C 151 -25.79 -14.46 26.02
N SER C 152 -25.37 -15.72 26.23
CA SER C 152 -24.09 -16.01 26.84
C SER C 152 -22.95 -15.46 25.97
N GLU C 153 -23.07 -15.58 24.64
CA GLU C 153 -22.05 -15.04 23.74
C GLU C 153 -21.97 -13.52 23.83
N HIS C 154 -23.13 -12.87 23.90
CA HIS C 154 -23.19 -11.41 23.98
C HIS C 154 -22.49 -10.93 25.24
N ALA C 155 -22.73 -11.65 26.34
CA ALA C 155 -22.17 -11.29 27.62
C ALA C 155 -20.64 -11.42 27.59
N VAL C 156 -20.13 -12.55 27.07
CA VAL C 156 -18.68 -12.78 27.07
C VAL C 156 -18.01 -11.74 26.17
N MET C 157 -18.61 -11.48 24.99
CA MET C 157 -18.14 -10.44 24.09
C MET C 157 -17.96 -9.12 24.88
N MET C 158 -18.97 -8.76 25.66
CA MET C 158 -18.97 -7.49 26.38
C MET C 158 -17.92 -7.45 27.49
N ILE C 159 -17.72 -8.58 28.17
CA ILE C 159 -16.68 -8.69 29.20
C ILE C 159 -15.34 -8.34 28.56
N LEU C 160 -15.02 -8.97 27.45
CA LEU C 160 -13.71 -8.79 26.83
C LEU C 160 -13.57 -7.35 26.34
N SER C 161 -14.63 -6.82 25.73
CA SER C 161 -14.63 -5.46 25.21
C SER C 161 -14.38 -4.40 26.31
N LEU C 162 -14.99 -4.57 27.48
CA LEU C 162 -14.79 -3.62 28.57
C LEU C 162 -13.36 -3.70 29.09
N VAL C 163 -12.87 -4.91 29.35
CA VAL C 163 -11.59 -5.07 30.01
C VAL C 163 -10.43 -4.57 29.12
N ARG C 164 -10.54 -4.85 27.81
CA ARG C 164 -9.53 -4.53 26.81
C ARG C 164 -9.71 -3.12 26.24
N ASN C 165 -10.80 -2.44 26.57
CA ASN C 165 -11.04 -1.07 26.10
C ASN C 165 -11.21 -1.02 24.58
N TYR C 166 -11.99 -1.94 24.04
CA TYR C 166 -12.16 -2.11 22.61
C TYR C 166 -12.85 -0.88 22.01
N ILE C 167 -13.97 -0.45 22.58
CA ILE C 167 -14.85 0.47 21.84
C ILE C 167 -14.18 1.82 21.65
N PRO C 168 -13.61 2.45 22.72
CA PRO C 168 -12.87 3.69 22.54
C PRO C 168 -11.74 3.55 21.52
N ALA C 169 -11.02 2.42 21.54
CA ALA C 169 -9.95 2.22 20.55
C ALA C 169 -10.51 2.16 19.12
N HIS C 170 -11.69 1.52 18.96
CA HIS C 170 -12.30 1.46 17.65
C HIS C 170 -12.71 2.85 17.18
N GLU C 171 -13.16 3.73 18.11
CA GLU C 171 -13.47 5.11 17.76
C GLU C 171 -12.21 5.83 17.27
N TRP C 172 -11.04 5.68 17.93
CA TRP C 172 -9.79 6.24 17.43
C TRP C 172 -9.44 5.76 16.03
N ALA C 173 -9.57 4.45 15.76
CA ALA C 173 -9.30 3.93 14.43
C ALA C 173 -10.22 4.58 13.39
N GLU C 174 -11.52 4.61 13.67
CA GLU C 174 -12.48 5.06 12.67
C GLU C 174 -12.32 6.55 12.35
N LYS C 175 -11.87 7.34 13.31
CA LYS C 175 -11.82 8.79 13.11
C LYS C 175 -10.45 9.24 12.63
N GLY C 176 -9.51 8.31 12.39
CA GLY C 176 -8.29 8.65 11.67
C GLY C 176 -7.04 8.74 12.56
N GLY C 177 -7.17 8.37 13.83
CA GLY C 177 -6.13 8.45 14.84
C GLY C 177 -5.29 7.16 14.93
N TRP C 178 -4.42 7.14 15.94
CA TRP C 178 -3.59 5.97 16.20
C TRP C 178 -3.55 5.83 17.72
N ASN C 179 -2.85 6.74 18.40
CA ASN C 179 -3.19 7.05 19.77
C ASN C 179 -3.12 5.79 20.64
N ILE C 180 -2.00 5.08 20.53
CA ILE C 180 -1.89 3.80 21.22
C ILE C 180 -1.99 4.00 22.73
N ALA C 181 -1.30 5.02 23.26
CA ALA C 181 -1.30 5.25 24.70
C ALA C 181 -2.70 5.56 25.19
N ASP C 182 -3.51 6.29 24.40
CA ASP C 182 -4.89 6.54 24.75
C ASP C 182 -5.70 5.23 24.79
N CYS C 183 -5.48 4.38 23.77
CA CYS C 183 -6.15 3.09 23.67
C CYS C 183 -5.83 2.20 24.86
N VAL C 184 -4.56 2.18 25.31
CA VAL C 184 -4.14 1.18 26.29
C VAL C 184 -3.88 1.73 27.71
N GLU C 185 -4.01 3.04 27.97
CA GLU C 185 -3.83 3.48 29.35
C GLU C 185 -4.90 2.92 30.31
N ARG C 186 -5.95 2.23 29.80
CA ARG C 186 -6.86 1.44 30.61
C ARG C 186 -7.24 0.13 29.89
N SER C 187 -6.30 -0.47 29.13
CA SER C 187 -6.52 -1.75 28.48
C SER C 187 -5.80 -2.86 29.25
N TYR C 188 -6.52 -3.89 29.69
CA TYR C 188 -5.97 -5.02 30.42
C TYR C 188 -6.31 -6.33 29.72
N ASP C 189 -5.52 -7.36 30.01
CA ASP C 189 -5.89 -8.74 29.75
C ASP C 189 -6.86 -9.24 30.84
N VAL C 190 -7.80 -10.10 30.45
CA VAL C 190 -8.65 -10.77 31.42
C VAL C 190 -7.89 -11.92 32.08
N GLU C 191 -6.80 -12.42 31.46
CA GLU C 191 -6.06 -13.59 31.96
C GLU C 191 -5.74 -13.38 33.45
N GLY C 192 -6.11 -14.36 34.31
CA GLY C 192 -5.78 -14.32 35.73
C GLY C 192 -6.70 -13.45 36.58
N MET C 193 -7.61 -12.70 35.95
CA MET C 193 -8.63 -11.99 36.72
C MET C 193 -9.65 -12.94 37.31
N HIS C 194 -10.37 -12.41 38.30
CA HIS C 194 -11.47 -13.10 38.96
C HIS C 194 -12.79 -12.62 38.36
N VAL C 195 -13.54 -13.57 37.82
CA VAL C 195 -14.81 -13.35 37.16
C VAL C 195 -15.92 -14.10 37.91
N GLY C 196 -16.99 -13.38 38.27
CA GLY C 196 -18.07 -13.96 39.03
C GLY C 196 -19.42 -13.75 38.34
N THR C 197 -20.32 -14.73 38.47
CA THR C 197 -21.69 -14.58 37.99
C THR C 197 -22.66 -14.52 39.15
N VAL C 198 -23.64 -13.63 39.00
CA VAL C 198 -24.82 -13.65 39.83
C VAL C 198 -25.84 -14.56 39.15
N ALA C 199 -26.02 -15.75 39.74
CA ALA C 199 -26.82 -16.90 39.28
C ALA C 199 -26.08 -17.71 38.22
N ALA C 200 -26.42 -19.02 38.13
CA ALA C 200 -25.79 -19.98 37.25
C ALA C 200 -26.82 -20.94 36.67
N GLY C 201 -27.84 -20.34 36.06
CA GLY C 201 -28.83 -21.06 35.25
C GLY C 201 -28.27 -21.24 33.86
N ARG C 202 -29.14 -21.48 32.85
CA ARG C 202 -28.63 -21.78 31.52
C ARG C 202 -27.57 -20.77 31.06
N ILE C 203 -27.82 -19.46 31.28
CA ILE C 203 -27.01 -18.43 30.65
C ILE C 203 -25.72 -18.31 31.44
N GLY C 204 -25.86 -18.25 32.76
CA GLY C 204 -24.71 -18.05 33.61
C GLY C 204 -23.74 -19.22 33.47
N LEU C 205 -24.27 -20.43 33.42
CA LEU C 205 -23.43 -21.61 33.24
C LEU C 205 -22.69 -21.56 31.90
N ALA C 206 -23.38 -21.19 30.82
CA ALA C 206 -22.76 -21.07 29.50
C ALA C 206 -21.64 -20.02 29.50
N ILE C 207 -21.85 -18.89 30.19
CA ILE C 207 -20.80 -17.89 30.31
C ILE C 207 -19.59 -18.48 31.02
N LEU C 208 -19.81 -19.09 32.20
CA LEU C 208 -18.73 -19.70 32.98
C LEU C 208 -17.89 -20.66 32.13
N LYS C 209 -18.57 -21.49 31.31
CA LYS C 209 -17.85 -22.44 30.47
C LYS C 209 -17.03 -21.75 29.37
N ARG C 210 -17.57 -20.71 28.72
CA ARG C 210 -16.85 -19.91 27.74
C ARG C 210 -15.70 -19.11 28.37
N MET C 211 -15.79 -18.66 29.63
CA MET C 211 -14.69 -17.91 30.24
C MET C 211 -13.55 -18.81 30.72
N LYS C 212 -13.84 -20.08 30.98
CA LYS C 212 -12.89 -20.96 31.65
C LYS C 212 -11.55 -21.00 30.91
N PRO C 213 -11.44 -21.19 29.57
CA PRO C 213 -10.11 -21.25 28.95
C PRO C 213 -9.37 -19.93 28.83
N PHE C 214 -9.97 -18.82 29.29
CA PHE C 214 -9.27 -17.55 29.43
C PHE C 214 -8.39 -17.56 30.67
N ASP C 215 -8.38 -18.66 31.46
CA ASP C 215 -7.54 -18.79 32.64
C ASP C 215 -7.87 -17.67 33.63
N VAL C 216 -9.18 -17.37 33.76
CA VAL C 216 -9.69 -16.55 34.85
C VAL C 216 -10.06 -17.45 36.04
N HIS C 217 -10.08 -16.90 37.24
CA HIS C 217 -10.61 -17.56 38.43
C HIS C 217 -12.12 -17.34 38.48
N LEU C 218 -12.88 -18.45 38.51
CA LEU C 218 -14.33 -18.38 38.37
C LEU C 218 -15.05 -18.49 39.71
N HIS C 219 -16.05 -17.63 39.86
CA HIS C 219 -16.86 -17.52 41.07
C HIS C 219 -18.34 -17.49 40.71
N TYR C 220 -19.18 -17.93 41.64
CA TYR C 220 -20.60 -17.67 41.47
C TYR C 220 -21.32 -17.53 42.81
N TYR C 221 -22.44 -16.80 42.72
CA TYR C 221 -23.41 -16.65 43.80
C TYR C 221 -24.74 -17.15 43.27
N ALA C 222 -25.44 -17.96 44.09
CA ALA C 222 -26.78 -18.37 43.78
C ALA C 222 -27.51 -18.77 45.06
N ARG C 223 -28.83 -18.89 44.92
CA ARG C 223 -29.66 -19.41 46.00
C ARG C 223 -29.35 -20.88 46.26
N HIS C 224 -29.17 -21.69 45.18
CA HIS C 224 -28.86 -23.11 45.23
C HIS C 224 -27.59 -23.42 44.41
N ARG C 225 -26.76 -24.33 44.93
CA ARG C 225 -25.50 -24.67 44.28
C ARG C 225 -25.66 -25.63 43.12
N LEU C 226 -24.69 -25.55 42.18
CA LEU C 226 -24.50 -26.55 41.15
C LEU C 226 -23.98 -27.80 41.86
N SER C 227 -24.00 -28.94 41.16
CA SER C 227 -23.46 -30.18 41.70
C SER C 227 -21.98 -30.00 41.99
N LYS C 228 -21.43 -30.89 42.82
CA LYS C 228 -20.01 -30.82 43.15
C LYS C 228 -19.19 -31.03 41.89
N GLU C 229 -19.65 -31.93 41.00
CA GLU C 229 -18.90 -32.29 39.80
C GLU C 229 -18.84 -31.10 38.86
N GLU C 230 -19.96 -30.35 38.78
CA GLU C 230 -19.99 -29.16 37.93
C GLU C 230 -19.10 -28.06 38.51
N GLU C 231 -19.07 -27.87 39.83
CA GLU C 231 -18.15 -26.92 40.46
C GLU C 231 -16.69 -27.31 40.24
N GLU C 232 -16.37 -28.60 40.40
CA GLU C 232 -15.02 -29.05 40.20
C GLU C 232 -14.61 -29.05 38.72
N GLU C 233 -15.50 -29.39 37.78
CA GLU C 233 -15.11 -29.35 36.36
C GLU C 233 -14.67 -27.92 36.00
N LEU C 234 -15.40 -26.89 36.46
CA LEU C 234 -15.15 -25.50 36.08
C LEU C 234 -14.19 -24.77 37.03
N GLY C 235 -13.85 -25.37 38.18
CA GLY C 235 -13.02 -24.71 39.16
C GLY C 235 -13.74 -23.53 39.82
N LEU C 236 -15.01 -23.70 40.21
CA LEU C 236 -15.84 -22.62 40.72
C LEU C 236 -15.65 -22.46 42.22
N THR C 237 -15.59 -21.20 42.67
CA THR C 237 -15.77 -20.86 44.06
C THR C 237 -17.21 -20.38 44.26
N PHE C 238 -17.93 -21.04 45.19
CA PHE C 238 -19.30 -20.64 45.56
C PHE C 238 -19.25 -19.61 46.69
N HIS C 239 -20.10 -18.59 46.55
CA HIS C 239 -20.29 -17.59 47.58
C HIS C 239 -21.76 -17.61 48.00
N GLU C 240 -22.03 -17.99 49.25
CA GLU C 240 -23.39 -18.01 49.73
C GLU C 240 -24.00 -16.60 49.82
N ASN C 241 -23.18 -15.58 50.08
CA ASN C 241 -23.65 -14.19 50.06
C ASN C 241 -23.03 -13.48 48.86
N VAL C 242 -23.81 -12.64 48.17
CA VAL C 242 -23.27 -11.97 46.98
C VAL C 242 -22.17 -10.95 47.33
N GLU C 243 -22.25 -10.28 48.50
CA GLU C 243 -21.23 -9.31 48.88
C GLU C 243 -19.85 -9.96 48.91
N ASP C 244 -19.74 -11.19 49.41
CA ASP C 244 -18.44 -11.85 49.49
C ASP C 244 -17.86 -12.11 48.09
N MET C 245 -18.74 -12.38 47.11
CA MET C 245 -18.29 -12.59 45.76
C MET C 245 -17.79 -11.27 45.18
N VAL C 246 -18.57 -10.18 45.30
CA VAL C 246 -18.27 -8.97 44.57
C VAL C 246 -16.99 -8.35 45.12
N LYS C 247 -16.68 -8.58 46.41
CA LYS C 247 -15.49 -8.02 47.02
C LYS C 247 -14.21 -8.55 46.37
N VAL C 248 -14.25 -9.77 45.78
CA VAL C 248 -13.06 -10.40 45.23
C VAL C 248 -13.02 -10.45 43.69
N CYS C 249 -14.09 -10.00 43.02
CA CYS C 249 -14.20 -10.13 41.57
C CYS C 249 -13.75 -8.86 40.86
N ASP C 250 -12.95 -9.03 39.81
CA ASP C 250 -12.59 -7.97 38.86
C ASP C 250 -13.75 -7.70 37.88
N VAL C 251 -14.46 -8.78 37.52
CA VAL C 251 -15.61 -8.71 36.62
C VAL C 251 -16.79 -9.43 37.28
N VAL C 252 -17.96 -8.79 37.27
CA VAL C 252 -19.20 -9.43 37.69
C VAL C 252 -20.14 -9.42 36.48
N THR C 253 -20.59 -10.62 36.08
CA THR C 253 -21.67 -10.74 35.12
C THR C 253 -22.97 -11.13 35.84
N ILE C 254 -24.05 -10.44 35.49
CA ILE C 254 -25.36 -10.60 36.12
C ILE C 254 -26.26 -11.44 35.22
N ASN C 255 -26.77 -12.56 35.76
CA ASN C 255 -27.52 -13.56 34.99
C ASN C 255 -28.71 -14.08 35.81
N ALA C 256 -29.31 -13.18 36.59
CA ALA C 256 -30.33 -13.52 37.58
C ALA C 256 -31.64 -12.88 37.16
N PRO C 257 -32.79 -13.40 37.66
CA PRO C 257 -34.07 -12.71 37.48
C PRO C 257 -34.20 -11.49 38.37
N LEU C 258 -35.14 -10.60 38.02
CA LEU C 258 -35.45 -9.43 38.84
C LEU C 258 -36.58 -9.75 39.81
N HIS C 259 -36.29 -9.58 41.10
CA HIS C 259 -37.26 -9.76 42.17
C HIS C 259 -36.82 -8.91 43.35
N PRO C 260 -37.58 -8.85 44.48
CA PRO C 260 -37.21 -7.93 45.57
C PRO C 260 -35.81 -8.10 46.15
N GLU C 261 -35.18 -9.27 46.04
CA GLU C 261 -33.86 -9.34 46.61
C GLU C 261 -32.76 -9.19 45.56
N THR C 262 -33.10 -9.00 44.26
CA THR C 262 -32.10 -8.59 43.27
C THR C 262 -32.34 -7.14 42.83
N HIS C 263 -33.50 -6.55 43.15
CA HIS C 263 -33.80 -5.18 42.74
C HIS C 263 -32.84 -4.20 43.40
N HIS C 264 -32.13 -3.41 42.56
CA HIS C 264 -31.07 -2.54 43.02
C HIS C 264 -30.11 -3.26 43.97
N MET C 265 -29.82 -4.52 43.68
CA MET C 265 -28.70 -5.22 44.31
C MET C 265 -27.37 -4.47 44.11
N PHE C 266 -27.11 -3.96 42.89
CA PHE C 266 -25.95 -3.12 42.65
C PHE C 266 -26.34 -1.66 42.76
N ASP C 267 -26.38 -1.23 44.02
CA ASP C 267 -26.63 0.15 44.42
C ASP C 267 -25.32 0.78 44.90
N GLU C 268 -25.43 2.05 45.36
CA GLU C 268 -24.28 2.80 45.83
C GLU C 268 -23.48 1.98 46.85
N ALA C 269 -24.12 1.44 47.91
CA ALA C 269 -23.40 0.68 48.94
C ALA C 269 -22.69 -0.55 48.38
N MET C 270 -23.38 -1.34 47.54
CA MET C 270 -22.78 -2.57 47.02
C MET C 270 -21.59 -2.26 46.08
N ILE C 271 -21.76 -1.25 45.22
CA ILE C 271 -20.69 -0.86 44.31
C ILE C 271 -19.44 -0.41 45.09
N LYS C 272 -19.62 0.27 46.22
CA LYS C 272 -18.48 0.72 47.01
C LYS C 272 -17.71 -0.48 47.59
N LYS C 273 -18.36 -1.63 47.75
CA LYS C 273 -17.70 -2.84 48.25
C LYS C 273 -16.90 -3.55 47.14
N MET C 274 -17.19 -3.18 45.88
CA MET C 274 -16.47 -3.77 44.76
C MET C 274 -15.05 -3.20 44.70
N LYS C 275 -14.16 -4.00 44.12
CA LYS C 275 -12.79 -3.57 43.83
C LYS C 275 -12.80 -2.30 42.97
N ARG C 276 -11.85 -1.39 43.24
CA ARG C 276 -11.69 -0.20 42.44
C ARG C 276 -11.28 -0.67 41.04
N GLY C 277 -12.05 -0.21 40.05
CA GLY C 277 -11.79 -0.58 38.67
C GLY C 277 -12.51 -1.85 38.21
N ALA C 278 -13.50 -2.32 38.98
CA ALA C 278 -14.26 -3.51 38.64
C ALA C 278 -15.12 -3.22 37.41
N TYR C 279 -15.54 -4.31 36.75
CA TYR C 279 -16.39 -4.23 35.56
C TYR C 279 -17.71 -4.96 35.84
N ILE C 280 -18.83 -4.41 35.35
CA ILE C 280 -20.11 -5.10 35.40
C ILE C 280 -20.64 -5.30 33.98
N VAL C 281 -21.04 -6.54 33.69
CA VAL C 281 -21.81 -6.87 32.49
C VAL C 281 -23.20 -7.38 32.93
N ASN C 282 -24.26 -6.86 32.29
CA ASN C 282 -25.64 -7.17 32.69
C ASN C 282 -26.50 -7.35 31.43
N THR C 283 -26.63 -8.61 31.01
CA THR C 283 -27.56 -9.02 29.97
C THR C 283 -28.86 -9.63 30.54
N ALA C 284 -29.14 -9.34 31.82
CA ALA C 284 -30.25 -9.95 32.59
C ALA C 284 -31.42 -8.97 32.71
N ARG C 285 -31.41 -8.10 33.73
CA ARG C 285 -32.47 -7.13 33.90
C ARG C 285 -31.82 -5.85 34.40
N ALA C 286 -32.18 -4.70 33.82
CA ALA C 286 -31.47 -3.47 34.13
C ALA C 286 -31.58 -3.15 35.62
N GLU C 287 -32.78 -3.33 36.19
CA GLU C 287 -33.08 -2.82 37.52
C GLU C 287 -32.40 -3.63 38.64
N ILE C 288 -31.65 -4.68 38.28
CA ILE C 288 -30.73 -5.28 39.24
C ILE C 288 -29.65 -4.26 39.64
N CYS C 289 -29.37 -3.30 38.75
CA CYS C 289 -28.44 -2.21 39.03
C CYS C 289 -29.23 -0.91 39.15
N ASP C 290 -28.87 -0.06 40.13
CA ASP C 290 -29.37 1.29 40.23
C ASP C 290 -28.75 2.13 39.11
N ARG C 291 -29.61 2.75 38.27
CA ARG C 291 -29.17 3.46 37.09
C ARG C 291 -28.10 4.49 37.41
N ASP C 292 -28.42 5.46 38.30
CA ASP C 292 -27.55 6.59 38.55
C ASP C 292 -26.36 6.16 39.39
N ALA C 293 -26.49 5.11 40.19
CA ALA C 293 -25.33 4.58 40.94
C ALA C 293 -24.24 4.11 40.00
N ILE C 294 -24.63 3.39 38.94
CA ILE C 294 -23.72 2.93 37.92
C ILE C 294 -23.05 4.13 37.25
N VAL C 295 -23.84 5.13 36.83
CA VAL C 295 -23.28 6.30 36.16
C VAL C 295 -22.24 7.00 37.07
N ARG C 296 -22.61 7.25 38.33
CA ARG C 296 -21.71 7.92 39.26
C ARG C 296 -20.43 7.12 39.44
N ALA C 297 -20.53 5.78 39.45
CA ALA C 297 -19.36 4.94 39.68
C ALA C 297 -18.41 4.90 38.48
N VAL C 298 -18.91 4.96 37.24
CA VAL C 298 -18.03 5.03 36.08
C VAL C 298 -17.43 6.44 35.97
N GLU C 299 -18.19 7.47 36.40
CA GLU C 299 -17.69 8.84 36.37
C GLU C 299 -16.60 9.07 37.42
N SER C 300 -16.70 8.41 38.58
CA SER C 300 -15.72 8.57 39.65
C SER C 300 -14.51 7.66 39.42
N GLY C 301 -14.64 6.63 38.59
CA GLY C 301 -13.56 5.67 38.43
C GLY C 301 -13.67 4.46 39.33
N HIS C 302 -14.72 4.33 40.15
CA HIS C 302 -14.83 3.13 40.98
C HIS C 302 -15.17 1.89 40.14
N LEU C 303 -16.03 2.03 39.14
CA LEU C 303 -16.21 1.00 38.12
C LEU C 303 -15.46 1.46 36.87
N ALA C 304 -14.76 0.52 36.24
CA ALA C 304 -13.97 0.80 35.06
C ALA C 304 -14.80 0.52 33.80
N GLY C 305 -16.03 0.01 33.97
CA GLY C 305 -16.88 -0.17 32.79
C GLY C 305 -18.17 -0.89 33.10
N TYR C 306 -19.21 -0.54 32.34
CA TYR C 306 -20.49 -1.24 32.40
C TYR C 306 -20.96 -1.53 30.98
N ALA C 307 -21.55 -2.70 30.77
CA ALA C 307 -22.07 -3.06 29.46
C ALA C 307 -23.22 -4.06 29.62
N GLY C 308 -24.23 -3.91 28.78
CA GLY C 308 -25.33 -4.84 28.68
C GLY C 308 -26.26 -4.44 27.52
N ASP C 309 -27.32 -5.21 27.32
CA ASP C 309 -28.32 -4.87 26.31
C ASP C 309 -29.71 -4.73 26.95
N VAL C 310 -29.75 -4.53 28.29
CA VAL C 310 -31.00 -4.34 29.00
C VAL C 310 -31.01 -3.02 29.72
N TRP C 311 -32.19 -2.39 29.71
CA TRP C 311 -32.36 -1.00 30.09
C TRP C 311 -33.60 -0.84 30.95
N ASN C 312 -33.65 0.28 31.69
CA ASN C 312 -34.87 0.67 32.36
C ASN C 312 -35.12 2.14 32.06
N PRO C 313 -36.26 2.58 31.51
CA PRO C 313 -37.30 1.71 30.96
C PRO C 313 -36.78 1.07 29.68
N GLN C 314 -37.59 0.18 29.11
CA GLN C 314 -37.22 -0.48 27.86
C GLN C 314 -38.44 -0.40 26.94
N PRO C 315 -38.35 0.13 25.68
CA PRO C 315 -37.13 0.74 25.13
C PRO C 315 -36.59 1.91 25.96
N ALA C 316 -35.27 2.13 25.91
CA ALA C 316 -34.65 3.19 26.66
C ALA C 316 -35.03 4.51 26.01
N PRO C 317 -35.38 5.55 26.77
CA PRO C 317 -35.51 6.90 26.21
C PRO C 317 -34.20 7.34 25.54
N ALA C 318 -34.31 8.26 24.57
CA ALA C 318 -33.16 8.72 23.80
C ALA C 318 -32.08 9.35 24.69
N ASP C 319 -32.44 9.91 25.85
CA ASP C 319 -31.49 10.57 26.75
C ASP C 319 -31.07 9.69 27.94
N HIS C 320 -31.39 8.40 27.91
CA HIS C 320 -31.00 7.50 28.99
C HIS C 320 -29.50 7.63 29.25
N PRO C 321 -29.06 7.85 30.51
CA PRO C 321 -27.66 8.15 30.77
C PRO C 321 -26.67 7.02 30.52
N TRP C 322 -27.15 5.76 30.46
CA TRP C 322 -26.25 4.64 30.15
C TRP C 322 -25.74 4.70 28.70
N ARG C 323 -26.46 5.44 27.83
CA ARG C 323 -26.05 5.54 26.44
C ARG C 323 -24.70 6.23 26.25
N THR C 324 -24.39 7.24 27.10
CA THR C 324 -23.29 8.16 26.83
C THR C 324 -22.33 8.23 28.03
N MET C 325 -22.55 7.40 29.06
CA MET C 325 -21.68 7.44 30.22
C MET C 325 -20.32 6.91 29.77
N PRO C 326 -19.24 7.33 30.43
CA PRO C 326 -17.90 6.91 30.04
C PRO C 326 -17.73 5.39 30.17
N TRP C 327 -16.99 4.84 29.22
CA TRP C 327 -16.55 3.46 29.21
C TRP C 327 -17.71 2.46 29.15
N ASN C 328 -18.82 2.84 28.53
CA ASN C 328 -19.93 1.89 28.43
C ASN C 328 -19.79 1.07 27.16
N GLY C 329 -20.30 -0.15 27.21
CA GLY C 329 -20.35 -1.12 26.11
C GLY C 329 -21.77 -1.51 25.71
N MET C 330 -22.74 -0.58 25.83
CA MET C 330 -24.17 -0.90 25.69
C MET C 330 -24.54 -1.23 24.24
N THR C 331 -25.58 -2.07 24.07
CA THR C 331 -26.34 -2.16 22.85
C THR C 331 -27.81 -2.03 23.21
N PRO C 332 -28.70 -1.79 22.22
CA PRO C 332 -30.14 -2.01 22.42
C PRO C 332 -30.40 -3.48 22.69
N HIS C 333 -31.61 -3.78 23.13
CA HIS C 333 -31.95 -5.14 23.51
C HIS C 333 -31.93 -6.03 22.27
N MET C 334 -31.00 -7.01 22.20
CA MET C 334 -30.80 -7.74 20.93
C MET C 334 -30.26 -9.15 21.08
N SER C 335 -29.68 -9.49 22.23
CA SER C 335 -28.84 -10.69 22.30
C SER C 335 -29.61 -11.93 21.89
N GLY C 336 -30.83 -12.11 22.46
CA GLY C 336 -31.65 -13.27 22.17
C GLY C 336 -32.37 -13.21 20.80
N THR C 337 -32.28 -12.10 20.07
CA THR C 337 -32.88 -11.98 18.73
C THR C 337 -31.79 -11.84 17.64
N SER C 338 -30.60 -12.42 17.86
CA SER C 338 -29.71 -12.72 16.74
C SER C 338 -30.51 -13.54 15.73
N LEU C 339 -30.08 -13.56 14.49
CA LEU C 339 -30.76 -14.35 13.46
C LEU C 339 -30.72 -15.83 13.79
N SER C 340 -29.65 -16.26 14.46
CA SER C 340 -29.53 -17.64 14.91
C SER C 340 -30.56 -18.00 16.00
N GLY C 341 -30.69 -17.13 17.04
CA GLY C 341 -31.72 -17.29 18.06
C GLY C 341 -33.13 -17.25 17.44
N GLN C 342 -33.39 -16.28 16.55
CA GLN C 342 -34.68 -16.22 15.87
C GLN C 342 -35.01 -17.53 15.16
N ALA C 343 -34.02 -18.17 14.54
CA ALA C 343 -34.33 -19.37 13.76
C ALA C 343 -34.92 -20.41 14.69
N ARG C 344 -34.33 -20.56 15.88
CA ARG C 344 -34.78 -21.57 16.84
C ARG C 344 -36.14 -21.21 17.46
N TYR C 345 -36.32 -19.97 17.94
CA TYR C 345 -37.60 -19.70 18.58
C TYR C 345 -38.73 -19.61 17.56
N THR C 346 -38.40 -19.34 16.29
CA THR C 346 -39.38 -19.31 15.22
C THR C 346 -39.77 -20.75 14.81
N ALA C 347 -38.79 -21.66 14.77
CA ALA C 347 -39.07 -23.07 14.55
C ALA C 347 -39.92 -23.62 15.71
N GLY C 348 -39.62 -23.20 16.96
CA GLY C 348 -40.38 -23.60 18.15
C GLY C 348 -41.81 -23.08 18.11
N THR C 349 -42.01 -21.86 17.59
CA THR C 349 -43.33 -21.28 17.43
C THR C 349 -44.14 -22.18 16.49
N ARG C 350 -43.55 -22.53 15.35
CA ARG C 350 -44.20 -23.43 14.40
C ARG C 350 -44.50 -24.79 15.03
N GLU C 351 -43.57 -25.33 15.84
CA GLU C 351 -43.75 -26.65 16.42
C GLU C 351 -44.96 -26.62 17.35
N ILE C 352 -45.05 -25.57 18.18
CA ILE C 352 -46.12 -25.43 19.16
C ILE C 352 -47.45 -25.29 18.42
N LEU C 353 -47.48 -24.46 17.38
CA LEU C 353 -48.70 -24.23 16.61
C LEU C 353 -49.17 -25.51 15.91
N GLU C 354 -48.26 -26.30 15.34
CA GLU C 354 -48.61 -27.62 14.81
C GLU C 354 -49.30 -28.52 15.86
N CYS C 355 -48.70 -28.65 17.04
CA CYS C 355 -49.26 -29.42 18.14
C CYS C 355 -50.68 -28.95 18.45
N TRP C 356 -50.82 -27.62 18.61
CA TRP C 356 -52.09 -26.99 18.89
C TRP C 356 -53.17 -27.37 17.88
N PHE C 357 -52.95 -27.11 16.59
CA PHE C 357 -53.97 -27.32 15.57
C PHE C 357 -54.21 -28.81 15.30
N GLU C 358 -53.23 -29.68 15.56
CA GLU C 358 -53.40 -31.13 15.38
C GLU C 358 -53.90 -31.85 16.65
N GLY C 359 -54.10 -31.16 17.77
CA GLY C 359 -54.57 -31.81 18.98
C GLY C 359 -53.52 -32.71 19.63
N ARG C 360 -52.25 -32.38 19.43
CA ARG C 360 -51.17 -33.10 20.10
C ARG C 360 -50.64 -32.24 21.24
N PRO C 361 -50.06 -32.86 22.30
CA PRO C 361 -49.61 -32.08 23.43
C PRO C 361 -48.42 -31.23 23.03
N ILE C 362 -48.41 -30.00 23.55
CA ILE C 362 -47.24 -29.15 23.47
C ILE C 362 -46.18 -29.74 24.40
N ARG C 363 -44.91 -29.72 23.97
CA ARG C 363 -43.85 -30.24 24.81
C ARG C 363 -43.96 -29.63 26.19
N GLU C 364 -43.72 -30.46 27.22
CA GLU C 364 -43.79 -30.00 28.59
C GLU C 364 -42.84 -28.83 28.84
N ASP C 365 -41.63 -28.88 28.24
CA ASP C 365 -40.64 -27.85 28.46
C ASP C 365 -41.14 -26.45 28.07
N TYR C 366 -42.07 -26.36 27.12
CA TYR C 366 -42.54 -25.08 26.61
C TYR C 366 -43.69 -24.49 27.43
N VAL C 367 -44.41 -25.33 28.19
CA VAL C 367 -45.66 -24.91 28.82
C VAL C 367 -45.34 -24.17 30.13
N ILE C 368 -45.83 -22.93 30.23
CA ILE C 368 -45.69 -22.19 31.48
C ILE C 368 -46.90 -22.49 32.38
N VAL C 369 -48.11 -22.19 31.89
CA VAL C 369 -49.34 -22.62 32.56
C VAL C 369 -50.30 -23.21 31.53
N ASP C 370 -51.06 -24.21 31.98
CA ASP C 370 -52.03 -24.89 31.14
C ASP C 370 -53.40 -24.60 31.73
N GLY C 371 -53.99 -23.48 31.34
CA GLY C 371 -55.30 -23.10 31.84
C GLY C 371 -56.37 -24.10 31.39
N GLY C 372 -56.17 -24.68 30.20
CA GLY C 372 -57.11 -25.66 29.65
C GLY C 372 -57.21 -26.85 30.60
N LYS C 373 -56.05 -27.41 30.94
CA LYS C 373 -55.99 -28.57 31.82
C LYS C 373 -56.60 -28.23 33.17
N LEU C 374 -56.19 -27.11 33.79
CA LEU C 374 -56.67 -26.75 35.13
C LEU C 374 -58.16 -26.45 35.15
N ALA C 375 -58.73 -26.04 34.00
CA ALA C 375 -60.18 -25.85 33.84
C ALA C 375 -60.90 -27.19 33.56
N GLY C 376 -60.23 -28.16 32.92
CA GLY C 376 -60.67 -29.56 32.86
C GLY C 376 -61.88 -29.76 31.97
N ALA D 2 61.85 7.12 -18.17
CA ALA D 2 61.16 8.31 -18.75
C ALA D 2 59.98 8.66 -17.83
N LYS D 3 59.48 9.88 -17.93
CA LYS D 3 58.41 10.35 -17.08
C LYS D 3 57.14 10.49 -17.92
N ILE D 4 56.04 9.93 -17.40
CA ILE D 4 54.71 10.11 -17.97
C ILE D 4 53.94 10.96 -16.97
N LEU D 5 53.47 12.10 -17.48
CA LEU D 5 52.74 13.09 -16.71
C LEU D 5 51.28 13.05 -17.17
N CYS D 6 50.39 12.66 -16.24
CA CYS D 6 49.01 12.34 -16.53
C CYS D 6 48.14 13.25 -15.66
N VAL D 7 47.30 14.05 -16.33
CA VAL D 7 46.38 14.97 -15.68
C VAL D 7 44.97 14.42 -15.80
N LEU D 8 44.26 14.35 -14.65
CA LEU D 8 42.94 13.75 -14.53
C LEU D 8 42.05 14.60 -13.62
N TYR D 9 40.71 14.43 -13.74
CA TYR D 9 39.78 15.17 -12.90
C TYR D 9 39.78 14.65 -11.46
N PRO D 10 39.41 15.51 -10.46
CA PRO D 10 39.34 15.09 -9.06
C PRO D 10 38.44 13.88 -8.85
N ASP D 11 38.81 13.08 -7.85
CA ASP D 11 37.97 12.03 -7.30
C ASP D 11 36.60 12.55 -6.85
N PRO D 12 35.59 11.64 -6.72
CA PRO D 12 34.33 12.03 -6.09
C PRO D 12 34.54 12.60 -4.69
N VAL D 13 33.57 13.41 -4.24
CA VAL D 13 33.68 14.19 -3.00
C VAL D 13 33.92 13.33 -1.76
N ASN D 14 33.32 12.12 -1.67
CA ASN D 14 33.51 11.22 -0.54
C ASN D 14 34.63 10.21 -0.78
N GLY D 15 35.42 10.39 -1.86
CA GLY D 15 36.55 9.51 -2.13
C GLY D 15 36.31 8.61 -3.35
N TYR D 16 37.37 7.96 -3.75
CA TYR D 16 37.37 7.05 -4.88
C TYR D 16 36.42 5.90 -4.55
N PRO D 17 35.56 5.43 -5.47
CA PRO D 17 34.56 4.42 -5.09
C PRO D 17 35.19 3.06 -4.76
N LYS D 18 34.63 2.41 -3.74
CA LYS D 18 35.03 1.08 -3.30
C LYS D 18 34.09 0.06 -3.93
N THR D 19 32.87 0.48 -4.29
CA THR D 19 32.00 -0.37 -5.06
C THR D 19 31.27 0.44 -6.14
N TYR D 20 30.66 -0.32 -7.05
CA TYR D 20 29.89 0.23 -8.17
C TYR D 20 28.49 -0.37 -8.21
N ALA D 21 27.62 0.31 -8.94
CA ALA D 21 26.21 -0.07 -9.09
C ALA D 21 26.04 -1.40 -9.83
N ARG D 22 27.00 -1.80 -10.66
CA ARG D 22 26.84 -3.04 -11.43
C ARG D 22 28.20 -3.71 -11.53
N ASP D 23 28.23 -4.95 -12.01
CA ASP D 23 29.43 -5.77 -11.93
C ASP D 23 30.23 -5.75 -13.24
N GLU D 24 29.56 -5.50 -14.38
CA GLU D 24 30.19 -5.56 -15.68
C GLU D 24 29.44 -4.62 -16.63
N ILE D 25 30.11 -4.22 -17.69
CA ILE D 25 29.49 -3.42 -18.74
C ILE D 25 29.56 -4.15 -20.06
N PRO D 26 28.73 -3.76 -21.05
CA PRO D 26 28.78 -4.38 -22.37
C PRO D 26 30.18 -4.21 -23.02
N ASN D 27 30.56 -5.23 -23.78
CA ASN D 27 31.83 -5.23 -24.51
C ASN D 27 31.57 -4.67 -25.91
N ILE D 28 31.88 -3.39 -26.15
CA ILE D 28 31.65 -2.79 -27.44
C ILE D 28 32.88 -3.01 -28.33
N THR D 29 32.69 -3.58 -29.54
CA THR D 29 33.81 -4.02 -30.35
C THR D 29 33.96 -3.25 -31.66
N VAL D 30 32.89 -2.57 -32.13
CA VAL D 30 32.89 -2.01 -33.47
C VAL D 30 31.95 -0.81 -33.47
N TYR D 31 32.29 0.18 -34.29
CA TYR D 31 31.49 1.37 -34.49
C TYR D 31 30.75 1.29 -35.83
N ASP D 32 29.75 2.16 -35.96
CA ASP D 32 28.82 2.15 -37.08
C ASP D 32 29.54 2.16 -38.41
N ASN D 33 30.64 2.92 -38.51
CA ASN D 33 31.35 3.10 -39.76
C ASN D 33 32.35 2.00 -40.02
N GLY D 34 32.36 0.93 -39.19
CA GLY D 34 33.25 -0.20 -39.39
C GLY D 34 34.60 -0.08 -38.67
N GLN D 35 34.98 1.09 -38.13
CA GLN D 35 36.15 1.19 -37.26
C GLN D 35 35.98 0.25 -36.06
N THR D 36 37.03 -0.45 -35.63
CA THR D 36 36.92 -1.27 -34.44
C THR D 36 37.25 -0.42 -33.20
N ALA D 37 36.69 -0.85 -32.06
CA ALA D 37 37.02 -0.28 -30.77
C ALA D 37 38.46 -0.67 -30.42
N PRO D 38 39.07 -0.04 -29.41
CA PRO D 38 40.49 -0.21 -29.15
C PRO D 38 40.89 -1.63 -28.83
N THR D 39 42.16 -1.91 -29.14
CA THR D 39 42.60 -3.27 -29.14
C THR D 39 43.89 -3.37 -28.34
N PRO D 40 43.98 -2.88 -27.09
CA PRO D 40 45.24 -3.06 -26.39
C PRO D 40 45.49 -4.56 -26.19
N LYS D 41 46.77 -4.90 -26.05
CA LYS D 41 47.17 -6.27 -25.79
C LYS D 41 46.66 -6.75 -24.45
N ALA D 42 46.69 -5.86 -23.45
CA ALA D 42 46.22 -6.19 -22.12
C ALA D 42 45.76 -4.89 -21.43
N ILE D 43 44.82 -5.01 -20.46
CA ILE D 43 44.42 -3.88 -19.61
C ILE D 43 44.50 -4.24 -18.13
N ASP D 44 44.80 -3.25 -17.30
CA ASP D 44 44.95 -3.43 -15.86
C ASP D 44 43.79 -2.76 -15.11
N PHE D 45 42.60 -2.71 -15.73
CA PHE D 45 41.38 -2.26 -15.08
C PHE D 45 40.25 -3.19 -15.50
N LYS D 46 39.18 -3.16 -14.71
CA LYS D 46 37.97 -3.84 -15.13
C LYS D 46 37.08 -2.79 -15.81
N PRO D 47 36.66 -2.99 -17.07
CA PRO D 47 35.70 -2.06 -17.68
C PRO D 47 34.48 -1.86 -16.79
N GLY D 48 34.10 -0.59 -16.62
CA GLY D 48 33.11 -0.20 -15.64
C GLY D 48 33.70 0.61 -14.47
N GLU D 49 35.00 0.46 -14.14
CA GLU D 49 35.61 1.24 -13.07
C GLU D 49 35.79 2.70 -13.46
N LEU D 50 35.92 3.55 -12.42
CA LEU D 50 36.22 4.95 -12.62
C LEU D 50 37.72 5.11 -12.96
N LEU D 51 38.03 5.50 -14.21
CA LEU D 51 39.39 5.49 -14.76
C LEU D 51 39.95 6.90 -14.86
N GLY D 52 39.05 7.89 -15.05
CA GLY D 52 39.42 9.23 -15.47
C GLY D 52 39.62 10.23 -14.32
N SER D 53 39.43 9.78 -13.08
CA SER D 53 39.78 10.62 -11.94
C SER D 53 41.18 10.30 -11.44
N VAL D 54 41.69 11.14 -10.53
CA VAL D 54 43.05 11.04 -10.07
C VAL D 54 43.37 9.64 -9.56
N SER D 55 42.48 9.02 -8.73
CA SER D 55 42.80 7.70 -8.16
C SER D 55 42.60 6.58 -9.19
N GLY D 56 41.84 6.84 -10.26
CA GLY D 56 41.67 5.85 -11.33
C GLY D 56 42.95 5.61 -12.14
N GLU D 57 43.68 6.69 -12.40
CA GLU D 57 44.99 6.69 -13.04
C GLU D 57 44.98 6.11 -14.46
N LEU D 58 43.82 6.10 -15.11
CA LEU D 58 43.60 5.43 -16.39
C LEU D 58 44.15 4.00 -16.39
N GLY D 59 44.20 3.37 -15.22
CA GLY D 59 44.66 2.01 -15.06
C GLY D 59 46.09 1.79 -15.59
N LEU D 60 46.95 2.80 -15.53
CA LEU D 60 48.27 2.76 -16.20
C LEU D 60 49.47 2.48 -15.30
N ARG D 61 49.34 2.55 -13.97
CA ARG D 61 50.54 2.66 -13.15
C ARG D 61 51.35 1.38 -13.20
N LYS D 62 50.71 0.22 -13.10
CA LYS D 62 51.43 -1.05 -13.03
C LYS D 62 52.23 -1.25 -14.33
N TYR D 63 51.59 -0.96 -15.47
CA TYR D 63 52.21 -1.08 -16.79
C TYR D 63 53.40 -0.13 -16.92
N LEU D 64 53.18 1.17 -16.68
CA LEU D 64 54.24 2.17 -16.85
C LEU D 64 55.40 1.95 -15.87
N GLU D 65 55.07 1.62 -14.62
CA GLU D 65 56.10 1.41 -13.60
C GLU D 65 56.89 0.14 -13.93
N GLY D 66 56.21 -0.82 -14.55
CA GLY D 66 56.80 -2.09 -14.93
C GLY D 66 57.81 -1.94 -16.07
N LEU D 67 57.63 -0.94 -16.93
CA LEU D 67 58.59 -0.63 -17.98
C LEU D 67 59.77 0.18 -17.46
N GLY D 68 59.78 0.54 -16.17
CA GLY D 68 60.86 1.27 -15.54
C GLY D 68 60.65 2.78 -15.55
N HIS D 69 59.42 3.23 -15.85
CA HIS D 69 59.13 4.64 -15.96
C HIS D 69 58.58 5.18 -14.66
N GLU D 70 58.55 6.51 -14.59
CA GLU D 70 57.99 7.27 -13.50
C GLU D 70 56.65 7.85 -13.95
N PHE D 71 55.60 7.63 -13.15
CA PHE D 71 54.25 7.99 -13.56
C PHE D 71 53.71 8.94 -12.50
N ILE D 72 53.45 10.18 -12.95
CA ILE D 72 52.96 11.27 -12.12
C ILE D 72 51.52 11.58 -12.52
N VAL D 73 50.56 11.46 -11.58
CA VAL D 73 49.15 11.78 -11.79
C VAL D 73 48.77 12.98 -10.92
N THR D 74 48.07 13.97 -11.47
CA THR D 74 47.66 15.13 -10.72
C THR D 74 46.41 15.71 -11.37
N SER D 75 45.61 16.46 -10.61
CA SER D 75 44.55 17.27 -11.20
C SER D 75 44.94 18.75 -11.24
N ASP D 76 46.10 19.06 -10.67
CA ASP D 76 46.52 20.44 -10.44
C ASP D 76 47.27 20.92 -11.68
N LYS D 77 46.62 21.73 -12.52
CA LYS D 77 47.10 21.97 -13.87
C LYS D 77 47.07 23.45 -14.30
N GLU D 78 46.72 24.39 -13.40
CA GLU D 78 46.50 25.79 -13.79
C GLU D 78 47.68 26.66 -13.37
N GLY D 79 48.30 27.33 -14.35
CA GLY D 79 49.24 28.41 -14.09
C GLY D 79 50.65 27.92 -13.77
N PRO D 80 51.60 28.87 -13.59
CA PRO D 80 53.01 28.55 -13.36
C PRO D 80 53.38 27.73 -12.13
N ASP D 81 52.52 27.68 -11.10
CA ASP D 81 52.86 27.05 -9.82
C ASP D 81 52.22 25.67 -9.65
N SER D 82 51.57 25.16 -10.70
CA SER D 82 50.84 23.90 -10.63
C SER D 82 51.82 22.72 -10.64
N GLU D 83 51.35 21.58 -10.14
CA GLU D 83 52.10 20.34 -10.19
C GLU D 83 52.40 19.98 -11.66
N PHE D 84 51.45 20.29 -12.55
CA PHE D 84 51.60 20.01 -13.97
C PHE D 84 52.80 20.77 -14.54
N GLU D 85 52.84 22.08 -14.28
CA GLU D 85 53.90 22.96 -14.78
C GLU D 85 55.26 22.57 -14.17
N LYS D 86 55.27 22.07 -12.94
CA LYS D 86 56.50 21.67 -12.28
C LYS D 86 57.12 20.46 -12.98
N HIS D 87 56.30 19.57 -13.56
CA HIS D 87 56.77 18.31 -14.13
C HIS D 87 56.92 18.37 -15.66
N LEU D 88 56.31 19.39 -16.27
CA LEU D 88 56.24 19.60 -17.70
C LEU D 88 57.63 19.57 -18.36
N PRO D 89 58.68 20.22 -17.79
CA PRO D 89 59.99 20.32 -18.44
C PRO D 89 60.67 18.99 -18.69
N ASP D 90 60.18 17.95 -17.99
CA ASP D 90 60.82 16.66 -17.76
C ASP D 90 60.06 15.51 -18.45
N ALA D 91 58.82 15.78 -18.87
CA ALA D 91 57.88 14.72 -19.23
C ALA D 91 58.12 14.30 -20.68
N GLU D 92 58.24 12.99 -20.91
CA GLU D 92 58.35 12.47 -22.26
C GLU D 92 56.97 12.25 -22.90
N ILE D 93 55.99 11.87 -22.06
CA ILE D 93 54.60 11.72 -22.46
C ILE D 93 53.73 12.57 -21.53
N ILE D 94 52.79 13.30 -22.14
CA ILE D 94 51.75 13.98 -21.42
C ILE D 94 50.38 13.48 -21.89
N ILE D 95 49.53 13.11 -20.91
CA ILE D 95 48.21 12.53 -21.10
C ILE D 95 47.20 13.37 -20.32
N SER D 96 46.14 13.81 -21.01
CA SER D 96 44.98 14.41 -20.37
C SER D 96 43.73 14.15 -21.22
N GLN D 97 42.57 14.36 -20.59
CA GLN D 97 41.25 14.16 -21.16
C GLN D 97 40.70 15.52 -21.52
N PRO D 98 39.81 15.62 -22.53
CA PRO D 98 39.07 16.88 -22.76
C PRO D 98 38.18 17.30 -21.59
N PHE D 99 37.88 16.37 -20.66
CA PHE D 99 37.03 16.61 -19.50
C PHE D 99 37.80 17.38 -18.41
N TRP D 100 39.15 17.37 -18.50
CA TRP D 100 40.01 18.10 -17.58
C TRP D 100 41.38 18.30 -18.25
N PRO D 101 41.45 19.17 -19.28
CA PRO D 101 42.60 19.22 -20.19
C PRO D 101 43.79 20.00 -19.66
N ALA D 102 44.98 19.42 -19.84
CA ALA D 102 46.23 20.11 -19.58
C ALA D 102 46.68 20.80 -20.88
N TYR D 103 46.46 22.13 -20.92
CA TYR D 103 46.74 22.94 -22.11
C TYR D 103 48.22 22.83 -22.47
N LEU D 104 48.48 22.63 -23.77
CA LEU D 104 49.83 22.65 -24.30
C LEU D 104 49.88 23.64 -25.45
N GLY D 105 49.90 24.92 -25.09
CA GLY D 105 50.05 25.98 -26.06
C GLY D 105 51.52 26.17 -26.40
N PRO D 106 51.86 27.13 -27.28
CA PRO D 106 53.26 27.31 -27.73
C PRO D 106 54.28 27.49 -26.62
N GLU D 107 53.99 28.32 -25.60
CA GLU D 107 54.92 28.54 -24.48
C GLU D 107 55.18 27.27 -23.67
N ARG D 108 54.14 26.53 -23.32
CA ARG D 108 54.33 25.30 -22.56
C ARG D 108 55.06 24.27 -23.42
N LEU D 109 54.72 24.15 -24.72
CA LEU D 109 55.41 23.21 -25.57
C LEU D 109 56.91 23.56 -25.70
N ALA D 110 57.26 24.85 -25.70
CA ALA D 110 58.68 25.26 -25.73
C ALA D 110 59.41 24.89 -24.43
N LYS D 111 58.71 24.91 -23.28
CA LYS D 111 59.26 24.53 -21.98
C LYS D 111 59.35 23.01 -21.79
N ALA D 112 58.56 22.24 -22.55
CA ALA D 112 58.51 20.78 -22.41
C ALA D 112 59.63 20.11 -23.21
N LYS D 113 60.83 20.22 -22.64
CA LYS D 113 62.07 19.90 -23.35
C LYS D 113 62.20 18.41 -23.65
N LYS D 114 61.50 17.54 -22.93
CA LYS D 114 61.64 16.11 -23.18
C LYS D 114 60.43 15.51 -23.90
N LEU D 115 59.45 16.34 -24.32
CA LEU D 115 58.17 15.81 -24.79
C LEU D 115 58.31 15.12 -26.15
N LYS D 116 57.74 13.92 -26.26
CA LYS D 116 57.68 13.23 -27.54
C LYS D 116 56.26 12.85 -27.95
N LEU D 117 55.34 12.70 -26.96
CA LEU D 117 53.98 12.22 -27.25
C LEU D 117 53.00 12.93 -26.32
N ALA D 118 52.03 13.62 -26.95
CA ALA D 118 50.89 14.20 -26.30
C ALA D 118 49.67 13.37 -26.68
N LEU D 119 49.14 12.64 -25.69
CA LEU D 119 48.08 11.66 -25.85
C LEU D 119 46.80 12.18 -25.19
N THR D 120 45.74 12.33 -25.99
CA THR D 120 44.43 12.66 -25.48
C THR D 120 43.67 11.38 -25.16
N ALA D 121 43.36 11.19 -23.88
CA ALA D 121 42.49 10.11 -23.43
C ALA D 121 41.05 10.52 -23.65
N GLY D 122 40.51 10.19 -24.84
CA GLY D 122 39.23 10.72 -25.33
C GLY D 122 39.37 11.30 -26.72
N ILE D 123 38.46 12.22 -27.08
CA ILE D 123 38.42 12.87 -28.39
C ILE D 123 38.34 14.36 -28.14
N GLY D 124 39.26 15.13 -28.71
CA GLY D 124 39.26 16.58 -28.52
C GLY D 124 40.62 17.07 -28.03
N SER D 125 41.45 17.54 -28.99
CA SER D 125 42.82 17.92 -28.75
C SER D 125 43.07 19.40 -29.06
N ASP D 126 42.01 20.22 -29.02
CA ASP D 126 42.12 21.62 -29.35
C ASP D 126 43.01 22.34 -28.33
N HIS D 127 43.22 21.75 -27.15
CA HIS D 127 44.08 22.35 -26.13
C HIS D 127 45.57 22.19 -26.45
N VAL D 128 45.91 21.40 -27.48
CA VAL D 128 47.28 21.19 -27.96
C VAL D 128 47.49 21.98 -29.25
N ASP D 129 48.53 22.83 -29.27
CA ASP D 129 48.86 23.57 -30.50
C ASP D 129 49.62 22.67 -31.49
N LEU D 130 48.96 22.29 -32.60
CA LEU D 130 49.50 21.25 -33.47
C LEU D 130 50.77 21.72 -34.21
N GLU D 131 50.80 23.00 -34.63
CA GLU D 131 51.96 23.54 -35.32
C GLU D 131 53.20 23.50 -34.42
N SER D 132 53.05 23.91 -33.14
CA SER D 132 54.14 23.86 -32.20
C SER D 132 54.57 22.42 -31.97
N ALA D 133 53.59 21.51 -31.83
CA ALA D 133 53.95 20.12 -31.60
C ALA D 133 54.86 19.64 -32.73
N ILE D 134 54.52 20.00 -33.97
CA ILE D 134 55.33 19.54 -35.11
C ILE D 134 56.73 20.14 -35.02
N LYS D 135 56.84 21.41 -34.60
CA LYS D 135 58.14 22.07 -34.52
C LYS D 135 59.06 21.31 -33.59
N HIS D 136 58.49 20.70 -32.54
CA HIS D 136 59.26 20.05 -31.50
C HIS D 136 59.35 18.56 -31.73
N GLY D 137 58.85 18.07 -32.86
CA GLY D 137 59.00 16.66 -33.20
C GLY D 137 58.10 15.76 -32.37
N VAL D 138 56.98 16.32 -31.86
CA VAL D 138 56.01 15.64 -30.98
C VAL D 138 54.93 14.95 -31.82
N THR D 139 54.56 13.73 -31.39
CA THR D 139 53.37 13.07 -31.88
C THR D 139 52.16 13.41 -31.00
N VAL D 140 51.05 13.82 -31.62
CA VAL D 140 49.78 14.05 -30.96
C VAL D 140 48.79 13.00 -31.44
N ALA D 141 48.13 12.29 -30.50
CA ALA D 141 47.22 11.19 -30.83
C ALA D 141 46.04 11.22 -29.87
N GLU D 142 44.90 10.68 -30.33
CA GLU D 142 43.70 10.61 -29.52
C GLU D 142 42.91 9.36 -29.89
N VAL D 143 41.87 9.03 -29.09
CA VAL D 143 41.19 7.75 -29.27
C VAL D 143 39.92 7.99 -30.12
N THR D 144 40.15 8.22 -31.41
CA THR D 144 39.10 8.47 -32.39
C THR D 144 37.93 7.50 -32.19
N GLY D 145 36.69 8.02 -32.19
CA GLY D 145 35.49 7.21 -32.19
C GLY D 145 35.04 6.69 -30.83
N SER D 146 35.87 6.88 -29.78
CA SER D 146 35.71 6.19 -28.52
C SER D 146 34.43 6.60 -27.78
N ASN D 147 33.90 7.82 -27.97
CA ASN D 147 32.72 8.17 -27.18
C ASN D 147 31.67 8.92 -28.01
N SER D 148 31.71 8.78 -29.34
CA SER D 148 30.66 9.33 -30.20
C SER D 148 29.27 8.85 -29.76
N ILE D 149 29.11 7.54 -29.51
CA ILE D 149 27.78 7.04 -29.17
C ILE D 149 27.33 7.61 -27.82
N SER D 150 28.26 7.66 -26.86
CA SER D 150 28.03 8.23 -25.54
C SER D 150 27.37 9.60 -25.62
N VAL D 151 28.00 10.47 -26.42
CA VAL D 151 27.48 11.80 -26.64
C VAL D 151 26.08 11.72 -27.27
N SER D 152 25.90 10.87 -28.31
CA SER D 152 24.61 10.80 -28.98
C SER D 152 23.49 10.42 -28.02
N GLU D 153 23.76 9.51 -27.07
CA GLU D 153 22.75 9.04 -26.11
C GLU D 153 22.33 10.19 -25.20
N HIS D 154 23.32 10.97 -24.76
CA HIS D 154 23.10 12.08 -23.84
C HIS D 154 22.24 13.13 -24.54
N ALA D 155 22.54 13.37 -25.83
CA ALA D 155 21.79 14.39 -26.57
C ALA D 155 20.33 13.96 -26.74
N VAL D 156 20.07 12.70 -27.15
CA VAL D 156 18.69 12.28 -27.32
C VAL D 156 17.91 12.33 -26.00
N MET D 157 18.55 11.86 -24.92
CA MET D 157 17.99 11.94 -23.59
C MET D 157 17.56 13.38 -23.26
N MET D 158 18.39 14.34 -23.64
CA MET D 158 18.10 15.74 -23.35
C MET D 158 16.97 16.27 -24.24
N ILE D 159 16.88 15.81 -25.48
CA ILE D 159 15.78 16.22 -26.36
C ILE D 159 14.45 15.81 -25.73
N LEU D 160 14.33 14.51 -25.37
CA LEU D 160 13.10 13.97 -24.80
C LEU D 160 12.79 14.72 -23.50
N SER D 161 13.80 14.92 -22.65
CA SER D 161 13.60 15.59 -21.36
C SER D 161 13.05 17.02 -21.47
N LEU D 162 13.57 17.80 -22.42
CA LEU D 162 13.09 19.15 -22.67
C LEU D 162 11.66 19.12 -23.18
N VAL D 163 11.39 18.30 -24.20
CA VAL D 163 10.09 18.37 -24.84
C VAL D 163 8.98 17.91 -23.88
N ARG D 164 9.27 16.90 -23.03
CA ARG D 164 8.29 16.26 -22.18
C ARG D 164 8.19 16.94 -20.81
N ASN D 165 9.09 17.86 -20.51
CA ASN D 165 9.10 18.61 -19.26
C ASN D 165 9.44 17.69 -18.08
N TYR D 166 10.42 16.81 -18.28
CA TYR D 166 10.79 15.80 -17.28
C TYR D 166 11.31 16.39 -15.96
N ILE D 167 12.29 17.25 -16.03
CA ILE D 167 13.00 17.70 -14.84
C ILE D 167 12.09 18.45 -13.87
N PRO D 168 11.28 19.43 -14.29
CA PRO D 168 10.33 20.05 -13.36
C PRO D 168 9.36 19.07 -12.75
N ALA D 169 8.89 18.06 -13.51
CA ALA D 169 7.93 17.07 -13.02
C ALA D 169 8.59 16.22 -11.94
N HIS D 170 9.86 15.88 -12.15
CA HIS D 170 10.57 15.10 -11.14
C HIS D 170 10.74 15.91 -9.83
N GLU D 171 10.94 17.21 -9.95
CA GLU D 171 11.04 18.08 -8.78
C GLU D 171 9.73 18.05 -8.00
N TRP D 172 8.58 18.10 -8.69
CA TRP D 172 7.28 17.98 -8.05
C TRP D 172 7.16 16.64 -7.31
N ALA D 173 7.58 15.54 -7.95
CA ALA D 173 7.51 14.24 -7.33
C ALA D 173 8.38 14.20 -6.07
N GLU D 174 9.63 14.62 -6.20
CA GLU D 174 10.58 14.49 -5.11
C GLU D 174 10.15 15.34 -3.90
N LYS D 175 9.47 16.49 -4.13
CA LYS D 175 9.18 17.38 -3.01
C LYS D 175 7.79 17.10 -2.40
N GLY D 176 7.08 16.04 -2.80
CA GLY D 176 5.82 15.65 -2.17
C GLY D 176 4.56 16.07 -2.92
N GLY D 177 4.68 16.68 -4.10
CA GLY D 177 3.53 17.18 -4.82
C GLY D 177 2.90 16.13 -5.76
N TRP D 178 1.94 16.57 -6.57
CA TRP D 178 1.34 15.74 -7.62
C TRP D 178 1.23 16.61 -8.87
N ASN D 179 0.27 17.54 -8.85
CA ASN D 179 0.44 18.76 -9.65
C ASN D 179 0.53 18.40 -11.13
N ILE D 180 -0.41 17.58 -11.60
CA ILE D 180 -0.33 17.09 -12.95
C ILE D 180 -0.38 18.27 -13.93
N ALA D 181 -1.33 19.18 -13.71
CA ALA D 181 -1.48 20.28 -14.64
C ALA D 181 -0.22 21.15 -14.72
N ASP D 182 0.49 21.31 -13.60
CA ASP D 182 1.78 22.02 -13.62
C ASP D 182 2.81 21.23 -14.43
N CYS D 183 2.84 19.90 -14.25
CA CYS D 183 3.79 19.06 -14.95
C CYS D 183 3.56 19.16 -16.47
N VAL D 184 2.26 19.18 -16.85
CA VAL D 184 1.93 18.97 -18.26
C VAL D 184 1.43 20.24 -18.97
N GLU D 185 1.38 21.41 -18.31
CA GLU D 185 0.96 22.61 -19.03
C GLU D 185 2.02 23.04 -20.07
N ARG D 186 3.22 22.43 -20.05
CA ARG D 186 4.20 22.56 -21.12
C ARG D 186 4.90 21.23 -21.47
N SER D 187 4.16 20.12 -21.36
CA SER D 187 4.63 18.78 -21.74
C SER D 187 4.04 18.36 -23.09
N TYR D 188 4.92 18.01 -24.05
CA TYR D 188 4.58 17.55 -25.39
C TYR D 188 5.24 16.21 -25.71
N ASP D 189 4.62 15.48 -26.67
CA ASP D 189 5.24 14.37 -27.37
C ASP D 189 6.16 14.92 -28.45
N VAL D 190 7.26 14.22 -28.69
CA VAL D 190 8.14 14.55 -29.81
C VAL D 190 7.55 14.01 -31.14
N GLU D 191 6.71 12.99 -31.07
CA GLU D 191 6.14 12.35 -32.26
C GLU D 191 5.63 13.44 -33.22
N GLY D 192 6.14 13.42 -34.47
CA GLY D 192 5.58 14.30 -35.49
C GLY D 192 6.20 15.69 -35.51
N MET D 193 7.11 15.96 -34.55
CA MET D 193 7.88 17.19 -34.57
C MET D 193 8.98 17.08 -35.63
N HIS D 194 9.47 18.26 -36.02
CA HIS D 194 10.63 18.41 -36.88
C HIS D 194 11.88 18.58 -36.03
N VAL D 195 12.83 17.70 -36.28
CA VAL D 195 14.09 17.70 -35.55
C VAL D 195 15.23 17.80 -36.55
N GLY D 196 16.12 18.76 -36.31
CA GLY D 196 17.28 19.03 -37.17
C GLY D 196 18.62 19.01 -36.44
N THR D 197 19.65 18.49 -37.13
CA THR D 197 21.04 18.53 -36.65
C THR D 197 21.88 19.50 -37.49
N VAL D 198 22.67 20.29 -36.77
CA VAL D 198 23.76 21.04 -37.37
C VAL D 198 24.98 20.12 -37.42
N ALA D 199 25.30 19.63 -38.63
CA ALA D 199 26.34 18.65 -38.93
C ALA D 199 25.84 17.22 -38.69
N ALA D 200 26.34 16.31 -39.54
CA ALA D 200 25.99 14.91 -39.50
C ALA D 200 27.26 14.06 -39.61
N GLY D 201 28.22 14.35 -38.72
CA GLY D 201 29.38 13.51 -38.47
C GLY D 201 29.00 12.33 -37.59
N ARG D 202 29.97 11.71 -36.92
CA ARG D 202 29.67 10.50 -36.18
C ARG D 202 28.51 10.72 -35.19
N ILE D 203 28.55 11.84 -34.44
CA ILE D 203 27.58 12.10 -33.39
C ILE D 203 26.22 12.50 -33.98
N GLY D 204 26.22 13.45 -34.92
CA GLY D 204 24.96 13.87 -35.53
C GLY D 204 24.24 12.71 -36.22
N LEU D 205 24.99 11.84 -36.88
CA LEU D 205 24.38 10.70 -37.57
C LEU D 205 23.82 9.72 -36.53
N ALA D 206 24.54 9.47 -35.45
CA ALA D 206 24.05 8.57 -34.40
C ALA D 206 22.76 9.11 -33.77
N ILE D 207 22.65 10.43 -33.56
CA ILE D 207 21.42 11.04 -33.10
C ILE D 207 20.26 10.86 -34.08
N LEU D 208 20.49 11.18 -35.36
CA LEU D 208 19.46 10.97 -36.40
C LEU D 208 18.96 9.54 -36.38
N LYS D 209 19.86 8.57 -36.28
CA LYS D 209 19.44 7.18 -36.28
C LYS D 209 18.59 6.86 -35.05
N ARG D 210 18.95 7.39 -33.87
CA ARG D 210 18.18 7.12 -32.66
C ARG D 210 16.85 7.89 -32.67
N MET D 211 16.76 9.00 -33.39
CA MET D 211 15.50 9.74 -33.41
C MET D 211 14.50 9.19 -34.42
N LYS D 212 15.01 8.41 -35.37
CA LYS D 212 14.19 7.98 -36.50
C LYS D 212 12.90 7.27 -36.05
N PRO D 213 12.93 6.25 -35.18
CA PRO D 213 11.71 5.53 -34.81
C PRO D 213 10.73 6.29 -33.90
N PHE D 214 11.09 7.53 -33.49
CA PHE D 214 10.18 8.41 -32.78
C PHE D 214 9.19 9.06 -33.75
N ASP D 215 9.35 8.77 -35.05
CA ASP D 215 8.43 9.27 -36.06
C ASP D 215 8.43 10.80 -36.08
N VAL D 216 9.62 11.36 -35.90
CA VAL D 216 9.90 12.76 -36.16
C VAL D 216 10.27 12.94 -37.64
N HIS D 217 10.19 14.20 -38.09
CA HIS D 217 10.65 14.60 -39.40
C HIS D 217 12.08 15.13 -39.31
N LEU D 218 13.02 14.42 -39.95
CA LEU D 218 14.45 14.66 -39.78
C LEU D 218 15.03 15.58 -40.85
N HIS D 219 15.83 16.53 -40.35
CA HIS D 219 16.54 17.53 -41.15
C HIS D 219 18.02 17.53 -40.79
N TYR D 220 18.84 18.00 -41.76
CA TYR D 220 20.22 18.34 -41.43
C TYR D 220 20.73 19.47 -42.32
N TYR D 221 21.64 20.26 -41.71
CA TYR D 221 22.50 21.20 -42.38
C TYR D 221 23.94 20.72 -42.25
N ALA D 222 24.73 20.89 -43.34
CA ALA D 222 26.14 20.55 -43.31
C ALA D 222 26.80 21.18 -44.52
N ARG D 223 28.12 21.32 -44.45
CA ARG D 223 28.90 21.80 -45.56
C ARG D 223 28.83 20.80 -46.72
N HIS D 224 28.95 19.51 -46.41
CA HIS D 224 28.88 18.43 -47.40
C HIS D 224 27.71 17.49 -47.09
N ARG D 225 27.00 17.04 -48.15
CA ARG D 225 25.86 16.15 -47.98
C ARG D 225 26.30 14.72 -47.71
N LEU D 226 25.46 13.99 -46.97
CA LEU D 226 25.56 12.54 -46.86
C LEU D 226 25.17 11.97 -48.23
N SER D 227 25.39 10.68 -48.46
CA SER D 227 24.98 10.06 -49.72
C SER D 227 23.47 10.04 -49.86
N LYS D 228 23.01 10.00 -51.10
CA LYS D 228 21.60 9.94 -51.44
C LYS D 228 20.93 8.73 -50.77
N GLU D 229 21.69 7.63 -50.57
CA GLU D 229 21.16 6.40 -50.00
C GLU D 229 20.94 6.58 -48.51
N GLU D 230 21.94 7.17 -47.87
CA GLU D 230 21.88 7.55 -46.46
C GLU D 230 20.71 8.50 -46.22
N GLU D 231 20.54 9.52 -47.08
CA GLU D 231 19.43 10.47 -46.97
C GLU D 231 18.09 9.75 -47.05
N GLU D 232 17.97 8.79 -48.02
CA GLU D 232 16.70 8.12 -48.24
C GLU D 232 16.45 7.12 -47.13
N GLU D 233 17.48 6.39 -46.70
CA GLU D 233 17.39 5.50 -45.56
C GLU D 233 16.77 6.22 -44.35
N LEU D 234 17.23 7.42 -44.01
CA LEU D 234 16.79 8.08 -42.78
C LEU D 234 15.62 9.04 -42.96
N GLY D 235 15.20 9.29 -44.21
CA GLY D 235 14.14 10.26 -44.43
C GLY D 235 14.61 11.70 -44.24
N LEU D 236 15.87 12.01 -44.65
CA LEU D 236 16.46 13.31 -44.30
C LEU D 236 16.06 14.37 -45.33
N THR D 237 15.73 15.56 -44.85
CA THR D 237 15.68 16.77 -45.67
C THR D 237 17.00 17.50 -45.44
N PHE D 238 17.73 17.78 -46.53
CA PHE D 238 18.98 18.55 -46.46
C PHE D 238 18.71 20.03 -46.65
N HIS D 239 19.40 20.86 -45.87
CA HIS D 239 19.36 22.30 -46.03
C HIS D 239 20.77 22.81 -46.27
N GLU D 240 20.97 23.47 -47.41
CA GLU D 240 22.27 24.05 -47.70
C GLU D 240 22.55 25.24 -46.78
N ASN D 241 21.52 25.98 -46.39
CA ASN D 241 21.66 27.11 -45.49
C ASN D 241 21.04 26.77 -44.13
N VAL D 242 21.76 26.98 -43.02
CA VAL D 242 21.27 26.61 -41.70
C VAL D 242 19.98 27.36 -41.37
N GLU D 243 19.87 28.61 -41.84
CA GLU D 243 18.71 29.41 -41.51
C GLU D 243 17.46 28.69 -41.98
N ASP D 244 17.51 28.01 -43.13
CA ASP D 244 16.31 27.39 -43.65
C ASP D 244 15.94 26.18 -42.80
N MET D 245 16.95 25.51 -42.23
CA MET D 245 16.65 24.41 -41.31
C MET D 245 15.99 24.94 -40.04
N VAL D 246 16.60 25.97 -39.41
CA VAL D 246 16.16 26.36 -38.10
C VAL D 246 14.75 26.94 -38.16
N LYS D 247 14.35 27.54 -39.30
CA LYS D 247 13.01 28.07 -39.42
C LYS D 247 11.91 27.02 -39.31
N VAL D 248 12.18 25.75 -39.67
CA VAL D 248 11.12 24.76 -39.72
C VAL D 248 11.24 23.74 -38.57
N CYS D 249 12.33 23.78 -37.79
CA CYS D 249 12.55 22.75 -36.77
C CYS D 249 11.92 23.11 -35.42
N ASP D 250 11.31 22.10 -34.77
CA ASP D 250 10.82 22.23 -33.42
C ASP D 250 12.00 22.06 -32.47
N VAL D 251 12.96 21.23 -32.88
CA VAL D 251 14.12 20.88 -32.07
C VAL D 251 15.36 20.99 -32.95
N VAL D 252 16.38 21.69 -32.47
CA VAL D 252 17.68 21.73 -33.13
C VAL D 252 18.72 21.15 -32.19
N THR D 253 19.42 20.12 -32.67
CA THR D 253 20.55 19.54 -31.97
C THR D 253 21.84 19.94 -32.71
N ILE D 254 22.81 20.47 -31.96
CA ILE D 254 24.04 21.01 -32.52
C ILE D 254 25.15 19.97 -32.36
N ASN D 255 25.78 19.58 -33.47
CA ASN D 255 26.76 18.49 -33.46
C ASN D 255 27.94 18.86 -34.37
N ALA D 256 28.28 20.15 -34.38
CA ALA D 256 29.26 20.75 -35.28
C ALA D 256 30.52 21.21 -34.53
N PRO D 257 31.68 21.36 -35.22
CA PRO D 257 32.85 22.00 -34.63
C PRO D 257 32.66 23.52 -34.51
N LEU D 258 33.49 24.12 -33.67
CA LEU D 258 33.52 25.56 -33.45
C LEU D 258 34.60 26.14 -34.37
N HIS D 259 34.21 27.09 -35.23
CA HIS D 259 35.12 27.76 -36.16
C HIS D 259 34.38 29.02 -36.56
N PRO D 260 34.97 29.92 -37.36
CA PRO D 260 34.34 31.22 -37.61
C PRO D 260 32.92 31.22 -38.17
N GLU D 261 32.49 30.20 -38.92
CA GLU D 261 31.12 30.22 -39.41
C GLU D 261 30.16 29.53 -38.44
N THR D 262 30.64 28.86 -37.37
CA THR D 262 29.71 28.34 -36.37
C THR D 262 29.74 29.16 -35.08
N HIS D 263 30.73 30.05 -34.91
CA HIS D 263 30.88 30.81 -33.67
C HIS D 263 29.73 31.81 -33.57
N HIS D 264 28.95 31.72 -32.49
CA HIS D 264 27.74 32.52 -32.32
C HIS D 264 26.81 32.40 -33.51
N MET D 265 26.71 31.18 -34.08
CA MET D 265 25.69 30.93 -35.08
C MET D 265 24.28 31.13 -34.49
N PHE D 266 24.06 30.66 -33.24
CA PHE D 266 22.82 30.85 -32.51
C PHE D 266 22.92 32.11 -31.67
N ASP D 267 22.77 33.27 -32.36
CA ASP D 267 22.82 34.58 -31.74
C ASP D 267 21.41 35.16 -31.75
N GLU D 268 21.26 36.40 -31.29
CA GLU D 268 19.96 37.06 -31.20
C GLU D 268 19.16 36.86 -32.49
N ALA D 269 19.80 37.19 -33.62
CA ALA D 269 19.13 37.27 -34.90
C ALA D 269 18.68 35.90 -35.37
N MET D 270 19.55 34.89 -35.21
CA MET D 270 19.24 33.55 -35.66
C MET D 270 18.10 32.95 -34.82
N ILE D 271 18.16 33.19 -33.49
CA ILE D 271 17.14 32.66 -32.59
C ILE D 271 15.78 33.30 -32.89
N LYS D 272 15.77 34.56 -33.37
CA LYS D 272 14.51 35.20 -33.74
C LYS D 272 13.87 34.52 -34.95
N LYS D 273 14.68 33.84 -35.77
CA LYS D 273 14.18 33.12 -36.94
C LYS D 273 13.61 31.75 -36.54
N MET D 274 13.89 31.29 -35.32
CA MET D 274 13.40 30.00 -34.88
C MET D 274 11.93 30.09 -34.50
N LYS D 275 11.27 28.92 -34.55
CA LYS D 275 9.88 28.76 -34.18
C LYS D 275 9.68 29.13 -32.71
N ARG D 276 8.53 29.74 -32.42
CA ARG D 276 8.24 30.02 -31.04
C ARG D 276 8.06 28.69 -30.31
N GLY D 277 8.76 28.56 -29.18
CA GLY D 277 8.77 27.30 -28.44
C GLY D 277 9.76 26.26 -28.97
N ALA D 278 10.78 26.66 -29.76
CA ALA D 278 11.78 25.71 -30.22
C ALA D 278 12.63 25.30 -29.03
N TYR D 279 13.25 24.13 -29.18
CA TYR D 279 14.19 23.58 -28.21
C TYR D 279 15.58 23.48 -28.87
N ILE D 280 16.62 23.74 -28.12
CA ILE D 280 17.99 23.54 -28.57
C ILE D 280 18.70 22.59 -27.62
N VAL D 281 19.36 21.58 -28.19
CA VAL D 281 20.25 20.70 -27.45
C VAL D 281 21.65 20.87 -28.03
N ASN D 282 22.67 21.02 -27.15
CA ASN D 282 24.02 21.30 -27.59
C ASN D 282 25.01 20.54 -26.72
N THR D 283 25.41 19.38 -27.23
CA THR D 283 26.52 18.60 -26.67
C THR D 283 27.82 18.80 -27.47
N ALA D 284 27.88 19.83 -28.32
CA ALA D 284 29.02 20.08 -29.22
C ALA D 284 30.02 21.04 -28.58
N ARG D 285 29.76 22.35 -28.72
CA ARG D 285 30.60 23.41 -28.21
C ARG D 285 29.70 24.58 -27.83
N ALA D 286 29.95 25.17 -26.65
CA ALA D 286 29.03 26.15 -26.08
C ALA D 286 28.91 27.39 -26.96
N GLU D 287 30.06 27.86 -27.46
CA GLU D 287 30.17 29.13 -28.16
C GLU D 287 29.54 29.14 -29.55
N ILE D 288 29.00 28.01 -30.02
CA ILE D 288 28.18 28.03 -31.23
C ILE D 288 26.89 28.81 -30.93
N CYS D 289 26.53 28.85 -29.64
CA CYS D 289 25.45 29.69 -29.16
C CYS D 289 26.02 30.91 -28.44
N ASP D 290 25.39 32.07 -28.67
CA ASP D 290 25.60 33.25 -27.85
C ASP D 290 24.93 33.02 -26.49
N ARG D 291 25.74 32.98 -25.42
CA ARG D 291 25.29 32.60 -24.09
C ARG D 291 24.07 33.42 -23.66
N ASP D 292 24.19 34.75 -23.72
CA ASP D 292 23.14 35.61 -23.20
C ASP D 292 21.94 35.60 -24.15
N ALA D 293 22.15 35.36 -25.44
CA ALA D 293 21.03 35.36 -26.36
C ALA D 293 20.17 34.13 -26.04
N ILE D 294 20.83 33.02 -25.68
CA ILE D 294 20.09 31.86 -25.24
C ILE D 294 19.28 32.21 -23.99
N VAL D 295 19.91 32.83 -22.99
CA VAL D 295 19.18 33.13 -21.76
C VAL D 295 17.96 34.01 -22.05
N ARG D 296 18.19 35.06 -22.83
CA ARG D 296 17.15 36.07 -23.07
C ARG D 296 15.97 35.42 -23.79
N ALA D 297 16.24 34.51 -24.73
CA ALA D 297 15.19 33.86 -25.48
C ALA D 297 14.42 32.86 -24.62
N VAL D 298 15.11 32.16 -23.71
CA VAL D 298 14.45 31.28 -22.75
C VAL D 298 13.58 32.13 -21.81
N GLU D 299 14.11 33.23 -21.24
CA GLU D 299 13.32 34.11 -20.39
C GLU D 299 12.11 34.71 -21.11
N SER D 300 12.22 35.01 -22.40
CA SER D 300 11.11 35.63 -23.11
C SER D 300 10.08 34.59 -23.55
N GLY D 301 10.43 33.30 -23.54
CA GLY D 301 9.53 32.25 -24.02
C GLY D 301 9.68 31.94 -25.50
N HIS D 302 10.63 32.60 -26.18
CA HIS D 302 10.78 32.25 -27.59
C HIS D 302 11.40 30.86 -27.75
N LEU D 303 12.35 30.49 -26.88
CA LEU D 303 12.79 29.11 -26.78
C LEU D 303 12.13 28.50 -25.55
N ALA D 304 11.67 27.24 -25.70
CA ALA D 304 10.96 26.52 -24.66
C ALA D 304 11.95 25.72 -23.81
N GLY D 305 13.21 25.61 -24.23
CA GLY D 305 14.21 24.98 -23.38
C GLY D 305 15.56 24.88 -24.08
N TYR D 306 16.63 24.82 -23.27
CA TYR D 306 17.98 24.58 -23.76
C TYR D 306 18.66 23.53 -22.86
N ALA D 307 19.34 22.54 -23.46
CA ALA D 307 20.11 21.61 -22.63
C ALA D 307 21.39 21.24 -23.34
N GLY D 308 22.45 20.99 -22.55
CA GLY D 308 23.68 20.42 -23.09
C GLY D 308 24.60 20.17 -21.92
N ASP D 309 25.79 19.64 -22.18
CA ASP D 309 26.77 19.45 -21.13
C ASP D 309 28.05 20.23 -21.46
N VAL D 310 28.00 21.19 -22.41
CA VAL D 310 29.17 21.98 -22.79
C VAL D 310 28.90 23.46 -22.50
N TRP D 311 29.95 24.14 -22.01
CA TRP D 311 29.81 25.44 -21.37
C TRP D 311 30.94 26.35 -21.84
N ASN D 312 30.73 27.67 -21.72
CA ASN D 312 31.80 28.65 -21.87
C ASN D 312 31.76 29.60 -20.67
N PRO D 313 32.85 29.78 -19.88
CA PRO D 313 34.04 28.94 -19.97
C PRO D 313 33.82 27.56 -19.39
N GLN D 314 34.87 26.74 -19.44
CA GLN D 314 34.76 25.39 -18.95
C GLN D 314 36.01 25.15 -18.10
N PRO D 315 35.92 24.76 -16.79
CA PRO D 315 34.67 24.53 -16.07
C PRO D 315 33.80 25.77 -15.99
N ALA D 316 32.47 25.57 -15.91
CA ALA D 316 31.54 26.67 -15.81
C ALA D 316 31.68 27.31 -14.43
N PRO D 317 31.76 28.65 -14.31
CA PRO D 317 31.69 29.29 -12.98
C PRO D 317 30.38 28.92 -12.26
N ALA D 318 30.40 28.96 -10.90
CA ALA D 318 29.20 28.68 -10.10
C ALA D 318 28.03 29.57 -10.54
N ASP D 319 28.35 30.79 -11.01
CA ASP D 319 27.32 31.74 -11.38
C ASP D 319 26.97 31.69 -12.88
N HIS D 320 27.42 30.68 -13.62
CA HIS D 320 27.05 30.61 -15.02
C HIS D 320 25.52 30.64 -15.21
N PRO D 321 24.97 31.54 -16.03
CA PRO D 321 23.52 31.72 -16.08
C PRO D 321 22.72 30.57 -16.73
N TRP D 322 23.39 29.69 -17.47
CA TRP D 322 22.73 28.53 -18.04
C TRP D 322 22.35 27.53 -16.95
N ARG D 323 22.96 27.65 -15.75
CA ARG D 323 22.71 26.71 -14.67
C ARG D 323 21.29 26.84 -14.11
N THR D 324 20.71 28.04 -14.16
CA THR D 324 19.47 28.30 -13.44
C THR D 324 18.44 28.95 -14.35
N MET D 325 18.73 29.11 -15.65
CA MET D 325 17.74 29.70 -16.55
C MET D 325 16.50 28.78 -16.66
N PRO D 326 15.29 29.33 -16.89
CA PRO D 326 14.07 28.52 -16.92
C PRO D 326 14.10 27.33 -17.90
N TRP D 327 13.64 26.17 -17.42
CA TRP D 327 13.42 24.97 -18.24
C TRP D 327 14.72 24.38 -18.81
N ASN D 328 15.88 24.66 -18.20
CA ASN D 328 17.12 24.10 -18.73
C ASN D 328 17.29 22.64 -18.32
N GLY D 329 18.01 21.89 -19.16
CA GLY D 329 18.31 20.48 -18.92
C GLY D 329 19.81 20.21 -18.82
N MET D 330 20.55 21.19 -18.25
CA MET D 330 22.01 21.15 -18.32
C MET D 330 22.56 20.02 -17.44
N THR D 331 23.74 19.52 -17.79
CA THR D 331 24.63 18.80 -16.90
C THR D 331 26.01 19.39 -17.00
N PRO D 332 26.91 19.13 -16.03
CA PRO D 332 28.32 19.42 -16.26
C PRO D 332 28.83 18.53 -17.39
N HIS D 333 30.04 18.83 -17.85
CA HIS D 333 30.60 18.16 -19.01
C HIS D 333 30.86 16.69 -18.63
N MET D 334 30.13 15.76 -19.24
CA MET D 334 30.15 14.41 -18.74
C MET D 334 29.86 13.37 -19.81
N SER D 335 29.22 13.72 -20.94
CA SER D 335 28.64 12.67 -21.78
C SER D 335 29.68 11.64 -22.20
N GLY D 336 30.85 12.14 -22.64
CA GLY D 336 31.89 11.29 -23.20
C GLY D 336 32.68 10.57 -22.11
N THR D 337 32.46 10.91 -20.83
CA THR D 337 33.17 10.24 -19.73
C THR D 337 32.17 9.45 -18.86
N SER D 338 31.09 8.93 -19.47
CA SER D 338 30.37 7.81 -18.88
C SER D 338 31.40 6.73 -18.59
N LEU D 339 31.09 5.80 -17.69
CA LEU D 339 32.05 4.74 -17.37
C LEU D 339 32.31 3.85 -18.60
N SER D 340 31.29 3.77 -19.44
CA SER D 340 31.36 3.00 -20.66
C SER D 340 32.30 3.68 -21.68
N GLY D 341 32.12 5.02 -21.88
CA GLY D 341 33.05 5.80 -22.69
C GLY D 341 34.48 5.68 -22.16
N GLN D 342 34.65 5.79 -20.83
CA GLN D 342 35.96 5.70 -20.20
C GLN D 342 36.66 4.38 -20.53
N ALA D 343 35.90 3.28 -20.50
CA ALA D 343 36.49 1.94 -20.73
C ALA D 343 37.15 1.94 -22.12
N ARG D 344 36.49 2.56 -23.11
CA ARG D 344 37.02 2.54 -24.46
C ARG D 344 38.21 3.48 -24.61
N TYR D 345 38.09 4.75 -24.16
CA TYR D 345 39.21 5.63 -24.40
C TYR D 345 40.42 5.26 -23.53
N THR D 346 40.19 4.60 -22.41
CA THR D 346 41.27 4.17 -21.53
C THR D 346 41.97 2.92 -22.10
N ALA D 347 41.17 1.99 -22.68
CA ALA D 347 41.70 0.91 -23.49
C ALA D 347 42.55 1.44 -24.64
N GLY D 348 42.06 2.50 -25.32
CA GLY D 348 42.78 3.14 -26.40
C GLY D 348 44.09 3.80 -25.99
N THR D 349 44.06 4.46 -24.83
CA THR D 349 45.25 5.03 -24.24
C THR D 349 46.30 3.94 -24.04
N ARG D 350 45.89 2.78 -23.53
CA ARG D 350 46.88 1.71 -23.33
C ARG D 350 47.39 1.18 -24.67
N GLU D 351 46.48 1.05 -25.64
CA GLU D 351 46.84 0.54 -26.95
C GLU D 351 47.95 1.42 -27.54
N ILE D 352 47.71 2.74 -27.52
CA ILE D 352 48.63 3.69 -28.12
C ILE D 352 49.97 3.65 -27.40
N LEU D 353 49.93 3.58 -26.08
CA LEU D 353 51.16 3.54 -25.30
C LEU D 353 51.94 2.27 -25.59
N GLU D 354 51.26 1.15 -25.70
CA GLU D 354 51.98 -0.08 -26.01
C GLU D 354 52.71 0.07 -27.34
N CYS D 355 51.99 0.55 -28.38
CA CYS D 355 52.59 0.81 -29.68
C CYS D 355 53.82 1.70 -29.53
N TRP D 356 53.69 2.80 -28.76
CA TRP D 356 54.76 3.77 -28.59
C TRP D 356 56.01 3.10 -28.03
N PHE D 357 55.85 2.39 -26.91
CA PHE D 357 56.99 1.84 -26.19
C PHE D 357 57.59 0.66 -26.94
N GLU D 358 56.78 -0.04 -27.75
CA GLU D 358 57.27 -1.20 -28.46
C GLU D 358 57.83 -0.80 -29.83
N GLY D 359 57.75 0.50 -30.15
CA GLY D 359 58.19 0.94 -31.47
C GLY D 359 57.35 0.36 -32.62
N ARG D 360 56.04 0.18 -32.39
CA ARG D 360 55.10 -0.23 -33.43
C ARG D 360 54.27 1.00 -33.83
N PRO D 361 53.78 1.04 -35.06
CA PRO D 361 52.99 2.20 -35.51
C PRO D 361 51.69 2.29 -34.70
N ILE D 362 51.32 3.53 -34.35
CA ILE D 362 50.01 3.84 -33.79
C ILE D 362 49.00 3.83 -34.94
N ARG D 363 47.78 3.33 -34.71
CA ARG D 363 46.79 3.28 -35.78
C ARG D 363 46.70 4.67 -36.41
N GLU D 364 46.65 4.75 -37.74
CA GLU D 364 46.58 6.04 -38.39
C GLU D 364 45.34 6.80 -37.96
N ASP D 365 44.22 6.09 -37.69
CA ASP D 365 42.99 6.70 -37.21
C ASP D 365 43.20 7.52 -35.93
N TYR D 366 44.18 7.13 -35.09
CA TYR D 366 44.45 7.83 -33.84
C TYR D 366 45.38 9.04 -33.98
N VAL D 367 46.19 9.11 -35.04
CA VAL D 367 47.22 10.13 -35.11
C VAL D 367 46.66 11.43 -35.68
N ILE D 368 46.88 12.50 -34.92
CA ILE D 368 46.50 13.84 -35.37
C ILE D 368 47.66 14.45 -36.16
N VAL D 369 48.81 14.66 -35.50
CA VAL D 369 50.07 14.97 -36.19
C VAL D 369 51.17 14.03 -35.72
N ASP D 370 52.05 13.64 -36.65
CA ASP D 370 53.23 12.83 -36.33
C ASP D 370 54.48 13.69 -36.52
N GLY D 371 54.84 14.42 -35.46
CA GLY D 371 56.00 15.32 -35.51
C GLY D 371 57.32 14.58 -35.71
N GLY D 372 57.38 13.33 -35.24
CA GLY D 372 58.58 12.52 -35.35
C GLY D 372 58.87 12.13 -36.80
N LYS D 373 57.81 11.75 -37.54
CA LYS D 373 57.91 11.41 -38.95
C LYS D 373 58.32 12.64 -39.75
N LEU D 374 57.64 13.78 -39.50
CA LEU D 374 57.94 15.01 -40.22
C LEU D 374 59.37 15.53 -39.95
N ALA D 375 59.88 15.42 -38.72
CA ALA D 375 61.24 15.85 -38.39
C ALA D 375 62.25 14.69 -38.51
PA NAD E . 4.85 -18.25 17.56
O1A NAD E . 6.24 -18.22 17.02
O2A NAD E . 4.62 -18.98 18.83
O5B NAD E . 3.86 -18.85 16.49
C5B NAD E . 3.97 -18.55 15.12
C4B NAD E . 3.58 -19.80 14.38
O4B NAD E . 3.48 -19.45 12.99
C3B NAD E . 4.57 -20.98 14.45
O3B NAD E . 3.95 -22.22 14.80
C2B NAD E . 5.15 -21.04 13.04
O2B NAD E . 5.54 -22.33 12.63
C1B NAD E . 3.93 -20.54 12.26
N9A NAD E . 4.22 -20.18 10.89
C8A NAD E . 5.35 -19.61 10.36
N7A NAD E . 5.30 -19.50 9.06
C5A NAD E . 4.08 -20.06 8.70
C6A NAD E . 3.45 -20.24 7.46
N6A NAD E . 4.01 -19.93 6.30
N1A NAD E . 2.19 -20.74 7.46
C2A NAD E . 1.68 -21.12 8.64
N3A NAD E . 2.18 -21.03 9.87
C4A NAD E . 3.40 -20.47 9.82
O3 NAD E . 4.33 -16.70 17.60
PN NAD E . 3.02 -16.04 18.25
O1N NAD E . 3.32 -15.54 19.63
O2N NAD E . 1.89 -17.02 18.06
O5D NAD E . 2.85 -14.78 17.27
C5D NAD E . 2.52 -14.94 15.88
C4D NAD E . 2.62 -13.59 15.21
O4D NAD E . 1.55 -12.75 15.70
C3D NAD E . 3.92 -12.80 15.46
O3D NAD E . 4.97 -13.21 14.61
C2D NAD E . 3.47 -11.36 15.22
O2D NAD E . 3.64 -11.00 13.87
C1D NAD E . 1.98 -11.40 15.61
N1N NAD E . 1.74 -10.72 16.91
C2N NAD E . 0.85 -9.69 16.97
C3N NAD E . 0.65 -9.02 18.16
C7N NAD E . -0.34 -7.90 18.22
O7N NAD E . -1.30 -7.83 17.38
N7N NAD E . -0.17 -7.02 19.18
C4N NAD E . 1.37 -9.38 19.29
C5N NAD E . 2.25 -10.45 19.22
C6N NAD E . 2.41 -11.13 18.04
H51A NAD E . 4.90 -18.30 14.88
H52A NAD E . 3.36 -17.81 14.88
H4B NAD E . 2.69 -20.08 14.70
H3B NAD E . 5.29 -20.77 15.11
HO3A NAD E . 4.54 -22.83 14.83
H2B NAD E . 5.90 -20.40 12.95
HO2A NAD E . 5.85 -22.29 11.83
H1B NAD E . 3.25 -21.26 12.28
H8A NAD E . 6.09 -19.37 10.89
H61A NAD E . 3.54 -19.50 5.68
H62A NAD E . 4.85 -20.15 6.14
H2A NAD E . 0.81 -21.52 8.59
H51N NAD E . 1.60 -15.28 15.79
H52N NAD E . 3.14 -15.57 15.45
H4D NAD E . 2.51 -13.72 14.24
H3D NAD E . 4.19 -12.91 16.41
HO3N NAD E . 5.18 -12.59 14.08
H2D NAD E . 3.96 -10.73 15.81
HO2N NAD E . 2.87 -10.88 13.51
H1D NAD E . 1.45 -10.94 14.91
H2N NAD E . 0.39 -9.42 16.20
H71N NAD E . -0.72 -6.34 19.27
H72N NAD E . 0.52 -7.12 19.73
H4N NAD E . 1.20 -8.96 20.12
H5N NAD E . 2.73 -10.73 19.99
H6N NAD E . 3.05 -11.82 17.98
N1 AZI F . 3.92 -7.32 19.80
N2 AZI F . 3.43 -7.17 18.76
N3 AZI F . 2.96 -7.00 17.73
C1 EDO G . -24.46 3.07 12.86
O1 EDO G . -25.10 1.82 13.00
C2 EDO G . -25.33 4.03 12.16
O2 EDO G . -26.28 4.56 13.04
H11 EDO G . -23.63 2.96 12.37
H12 EDO G . -24.25 3.43 13.75
HO1 EDO G . -24.62 1.29 13.38
H21 EDO G . -25.78 3.58 11.41
H22 EDO G . -24.78 4.76 11.79
HO2 EDO G . -26.89 3.98 13.18
NA NA H . 1.25 -9.03 -3.27
C1 EDO I . 6.21 -0.49 5.36
O1 EDO I . 6.77 -1.61 5.98
C2 EDO I . 6.81 0.69 5.99
O2 EDO I . 6.86 1.77 5.12
H11 EDO I . 5.24 -0.47 5.50
H12 EDO I . 6.40 -0.49 4.40
HO1 EDO I . 6.44 -2.28 5.75
H21 EDO I . 7.73 0.47 6.28
H22 EDO I . 6.29 0.94 6.78
HO2 EDO I . 6.09 2.12 5.07
C1 GOL J . -8.49 1.85 -4.08
O1 GOL J . -9.77 2.43 -3.86
C2 GOL J . -7.47 2.93 -4.35
O2 GOL J . -7.09 3.54 -3.12
C3 GOL J . -6.26 2.40 -5.09
O3 GOL J . -5.65 1.31 -4.40
H11 GOL J . -8.53 1.23 -4.85
H12 GOL J . -8.22 1.34 -3.28
HO1 GOL J . -10.31 1.80 -3.72
H2 GOL J . -7.89 3.61 -4.92
HO2 GOL J . -6.25 3.51 -3.04
H31 GOL J . -5.60 3.13 -5.19
H32 GOL J . -6.53 2.11 -5.99
HO3 GOL J . -5.32 1.60 -3.68
PA NAD K . -2.41 -2.67 -25.19
O1A NAD K . -3.70 -3.32 -24.81
O2A NAD K . -2.15 -2.27 -26.60
O5B NAD K . -1.23 -3.64 -24.76
C5B NAD K . -1.30 -4.35 -23.53
C4B NAD K . -0.57 -5.63 -23.75
O4B NAD K . -0.42 -6.29 -22.47
C3B NAD K . -1.30 -6.62 -24.70
O3B NAD K . -0.43 -7.13 -25.71
C2B NAD K . -1.74 -7.67 -23.69
O2B NAD K . -1.97 -8.95 -24.27
C1B NAD K . -0.56 -7.66 -22.73
N9A NAD K . -0.77 -8.39 -21.49
C8A NAD K . -1.92 -8.54 -20.76
N7A NAD K . -1.77 -9.30 -19.70
C5A NAD K . -0.43 -9.64 -19.70
C6A NAD K . 0.35 -10.48 -18.88
N6A NAD K . -0.15 -11.15 -17.86
N1A NAD K . 1.66 -10.62 -19.16
C2A NAD K . 2.14 -9.99 -20.24
N3A NAD K . 1.50 -9.23 -21.12
C4A NAD K . 0.20 -9.10 -20.80
O3 NAD K . -2.17 -1.41 -24.19
PN NAD K . -1.11 -0.21 -24.15
O1N NAD K . -1.62 1.00 -24.81
O2N NAD K . 0.23 -0.78 -24.55
O5D NAD K . -1.09 0.11 -22.58
C5D NAD K . -0.68 -0.89 -21.62
C4D NAD K . -0.99 -0.40 -20.25
O4D NAD K . -0.12 0.72 -19.95
C3D NAD K . -2.42 0.12 -20.00
O3D NAD K . -3.32 -0.92 -19.62
C2D NAD K . -2.20 1.10 -18.84
O2D NAD K . -2.36 0.46 -17.59
C1D NAD K . -0.75 1.60 -19.03
N1N NAD K . -0.70 3.01 -19.53
C2N NAD K . -0.09 4.00 -18.81
C3N NAD K . -0.12 5.32 -19.26
C7N NAD K . 0.60 6.36 -18.46
O7N NAD K . 1.59 6.05 -17.74
N7N NAD K . 0.19 7.61 -18.63
C4N NAD K . -0.84 5.66 -20.40
C5N NAD K . -1.46 4.67 -21.12
C6N NAD K . -1.37 3.34 -20.71
H51A NAD K . -2.25 -4.53 -23.28
H52A NAD K . -0.88 -3.83 -22.80
H4B NAD K . 0.32 -5.42 -24.12
H3B NAD K . -2.08 -6.18 -25.11
HO3A NAD K . -0.88 -7.67 -26.22
H2B NAD K . -2.57 -7.38 -23.22
HO2A NAD K . -2.21 -9.47 -23.66
H1B NAD K . 0.24 -8.00 -23.19
H8A NAD K . -2.75 -8.17 -21.02
H61A NAD K . 0.09 -11.99 -17.72
H62A NAD K . -0.71 -10.75 -17.32
H2A NAD K . 3.06 -10.14 -20.42
H51N NAD K . 0.29 -1.06 -21.70
H52N NAD K . -1.16 -1.75 -21.80
H4D NAD K . -0.80 -1.12 -19.62
H3D NAD K . -2.76 0.59 -20.80
HO3N NAD K . -3.55 -0.79 -18.81
H2D NAD K . -2.83 1.86 -18.91
HO2N NAD K . -1.63 0.45 -17.17
H1D NAD K . -0.27 1.56 -18.16
H2N NAD K . 0.36 3.79 -18.02
H71N NAD K . 0.61 8.28 -18.25
H72N NAD K . -0.52 7.77 -19.15
H4N NAD K . -0.83 6.54 -20.72
H5N NAD K . -1.90 4.86 -21.92
H6N NAD K . -1.84 2.67 -21.16
N1 AZI L . -2.71 6.05 -17.76
N2 AZI L . -3.25 6.56 -18.65
N3 AZI L . -3.85 7.04 -19.52
C1 GOL M . 0.28 -9.18 -30.29
O1 GOL M . -0.21 -7.85 -30.31
C2 GOL M . 0.68 -9.58 -28.89
O2 GOL M . -0.12 -10.65 -28.46
C3 GOL M . 2.14 -9.95 -28.78
O3 GOL M . 2.56 -10.11 -27.42
H11 GOL M . 1.06 -9.26 -30.89
H12 GOL M . -0.44 -9.79 -30.61
HO1 GOL M . -0.38 -7.60 -31.07
H2 GOL M . 0.52 -8.81 -28.29
HO2 GOL M . 0.36 -11.29 -28.24
H31 GOL M . 2.69 -9.25 -29.21
H32 GOL M . 2.30 -10.80 -29.27
HO3 GOL M . 2.12 -10.75 -27.10
C1 GOL N . -41.28 -17.40 31.75
O1 GOL N . -39.97 -17.07 31.29
C2 GOL N . -41.78 -16.37 32.74
O2 GOL N . -41.74 -15.06 32.17
C3 GOL N . -43.19 -16.61 33.27
O3 GOL N . -43.41 -15.78 34.40
H11 GOL N . -41.26 -18.28 32.17
H12 GOL N . -41.89 -17.43 30.98
HO1 GOL N . -39.70 -17.66 30.72
H2 GOL N . -41.17 -16.38 33.52
HO2 GOL N . -42.49 -14.72 32.28
H31 GOL N . -43.27 -17.56 33.52
H32 GOL N . -43.84 -16.41 32.56
HO3 GOL N . -43.48 -14.97 34.13
C1 EDO O . -29.70 6.85 43.57
O1 EDO O . -28.60 6.18 42.96
C2 EDO O . -30.26 7.96 42.74
O2 EDO O . -29.38 9.05 42.49
H11 EDO O . -29.40 7.22 44.43
H12 EDO O . -30.41 6.20 43.76
HO1 EDO O . -28.32 5.55 43.46
H21 EDO O . -31.07 8.31 43.20
H22 EDO O . -30.55 7.59 41.88
HO2 EDO O . -29.10 9.36 43.23
C1 GOL P . 42.35 18.67 -33.70
O1 GOL P . 42.66 20.00 -33.30
C2 GOL P . 41.83 17.80 -32.56
O2 GOL P . 40.88 18.49 -31.77
C3 GOL P . 41.24 16.47 -33.01
O3 GOL P . 40.06 16.15 -32.27
H11 GOL P . 43.17 18.24 -34.07
H12 GOL P . 41.68 18.68 -34.43
HO1 GOL P . 42.96 20.43 -33.99
H2 GOL P . 42.60 17.59 -31.99
HO2 GOL P . 40.18 17.97 -31.69
H31 GOL P . 41.90 15.76 -32.88
H32 GOL P . 41.02 16.53 -33.97
HO3 GOL P . 39.42 16.62 -32.57
C ACT Q . 50.78 29.14 -24.21
O ACT Q . 49.64 29.62 -23.93
OXT ACT Q . 51.54 29.62 -25.11
CH3 ACT Q . 51.28 27.93 -23.39
H1 ACT Q . 52.23 28.03 -23.20
H2 ACT Q . 51.14 27.11 -23.88
H3 ACT Q . 50.80 27.89 -22.55
#